data_7BQB
#
_entry.id   7BQB
#
_entity_poly.entity_id   1
_entity_poly.type   'polypeptide(L)'
_entity_poly.pdbx_seq_one_letter_code
;GKLYEVDSPDSVEKIARELGLSEEQLRRIQKEFERAERKGKLVIVYLTSDGKVEIREVTSEEELEKILKKLGVDEEIIRR
IKRLRKEGQIKLVIIEGSLEHHHHHH
;
_entity_poly.pdbx_strand_id   A
#
# COMPACT_ATOMS: atom_id res chain seq x y z
N GLY A 1 7.99 0.96 8.21
CA GLY A 1 7.45 0.08 7.14
C GLY A 1 7.71 0.67 5.75
N LYS A 2 7.87 -0.19 4.74
CA LYS A 2 8.16 0.19 3.34
C LYS A 2 6.89 0.19 2.48
N LEU A 3 6.88 0.98 1.39
CA LEU A 3 5.78 1.11 0.44
C LEU A 3 6.23 0.74 -0.99
N TYR A 4 5.39 -0.02 -1.69
CA TYR A 4 5.55 -0.48 -3.07
C TYR A 4 4.60 0.27 -4.00
N GLU A 5 5.18 0.89 -5.02
CA GLU A 5 4.50 1.73 -6.01
C GLU A 5 3.92 0.85 -7.14
N VAL A 6 2.59 0.73 -7.18
CA VAL A 6 1.87 -0.18 -8.10
C VAL A 6 1.03 0.55 -9.16
N ASP A 7 1.34 0.27 -10.43
CA ASP A 7 0.70 0.83 -11.63
C ASP A 7 0.00 -0.20 -12.53
N SER A 8 0.31 -1.50 -12.37
CA SER A 8 -0.17 -2.62 -13.20
C SER A 8 -0.69 -3.79 -12.34
N PRO A 9 -1.69 -4.56 -12.83
CA PRO A 9 -2.25 -5.69 -12.08
C PRO A 9 -1.28 -6.86 -11.91
N ASP A 10 -0.32 -7.02 -12.83
CA ASP A 10 0.66 -8.11 -12.76
C ASP A 10 1.66 -7.87 -11.61
N SER A 11 2.00 -6.61 -11.33
CA SER A 11 2.89 -6.21 -10.23
C SER A 11 2.30 -6.57 -8.85
N VAL A 12 0.96 -6.57 -8.72
CA VAL A 12 0.27 -7.08 -7.52
C VAL A 12 0.63 -8.55 -7.26
N GLU A 13 0.69 -9.38 -8.30
CA GLU A 13 1.07 -10.79 -8.17
C GLU A 13 2.56 -10.95 -7.81
N LYS A 14 3.45 -10.14 -8.40
CA LYS A 14 4.88 -10.15 -8.07
C LYS A 14 5.15 -9.76 -6.61
N ILE A 15 4.43 -8.76 -6.10
CA ILE A 15 4.51 -8.33 -4.69
C ILE A 15 3.83 -9.36 -3.77
N ALA A 16 2.71 -9.96 -4.18
CA ALA A 16 2.07 -11.05 -3.43
C ALA A 16 2.99 -12.27 -3.27
N ARG A 17 3.74 -12.63 -4.32
CA ARG A 17 4.78 -13.68 -4.28
C ARG A 17 5.97 -13.31 -3.38
N GLU A 18 6.32 -12.02 -3.29
CA GLU A 18 7.38 -11.53 -2.40
C GLU A 18 6.95 -11.52 -0.91
N LEU A 19 5.71 -11.11 -0.63
CA LEU A 19 5.15 -11.04 0.73
C LEU A 19 4.56 -12.37 1.25
N GLY A 20 4.48 -13.41 0.40
CA GLY A 20 3.99 -14.74 0.77
C GLY A 20 2.45 -14.83 0.92
N LEU A 21 1.70 -14.11 0.08
CA LEU A 21 0.24 -14.05 0.09
C LEU A 21 -0.44 -15.36 -0.33
N SER A 22 -1.65 -15.59 0.18
CA SER A 22 -2.56 -16.65 -0.26
C SER A 22 -3.35 -16.23 -1.51
N GLU A 23 -3.93 -17.19 -2.23
CA GLU A 23 -4.65 -16.93 -3.51
C GLU A 23 -5.84 -15.97 -3.34
N GLU A 24 -6.57 -16.07 -2.22
CA GLU A 24 -7.68 -15.17 -1.89
C GLU A 24 -7.19 -13.74 -1.57
N GLN A 25 -6.02 -13.59 -0.94
CA GLN A 25 -5.41 -12.30 -0.65
C GLN A 25 -4.90 -11.61 -1.92
N LEU A 26 -4.32 -12.39 -2.85
CA LEU A 26 -3.96 -11.92 -4.19
C LEU A 26 -5.21 -11.45 -4.94
N ARG A 27 -6.24 -12.30 -5.06
CA ARG A 27 -7.49 -12.00 -5.79
C ARG A 27 -8.20 -10.76 -5.23
N ARG A 28 -8.16 -10.55 -3.91
CA ARG A 28 -8.66 -9.35 -3.22
C ARG A 28 -7.98 -8.10 -3.77
N ILE A 29 -6.65 -8.03 -3.77
CA ILE A 29 -5.93 -6.80 -4.14
C ILE A 29 -6.12 -6.50 -5.64
N GLN A 30 -6.16 -7.54 -6.48
CA GLN A 30 -6.48 -7.38 -7.90
C GLN A 30 -7.91 -6.86 -8.15
N LYS A 31 -8.89 -7.27 -7.33
CA LYS A 31 -10.26 -6.71 -7.35
C LYS A 31 -10.30 -5.25 -6.88
N GLU A 32 -9.59 -4.90 -5.81
CA GLU A 32 -9.48 -3.51 -5.36
C GLU A 32 -8.74 -2.63 -6.39
N PHE A 33 -7.73 -3.16 -7.07
CA PHE A 33 -6.97 -2.47 -8.12
C PHE A 33 -7.86 -2.14 -9.33
N GLU A 34 -8.68 -3.08 -9.83
CA GLU A 34 -9.58 -2.75 -10.95
C GLU A 34 -10.72 -1.82 -10.53
N ARG A 35 -11.25 -1.96 -9.30
CA ARG A 35 -12.27 -1.03 -8.76
C ARG A 35 -11.72 0.38 -8.53
N ALA A 36 -10.46 0.52 -8.13
CA ALA A 36 -9.75 1.79 -8.06
C ALA A 36 -9.63 2.46 -9.44
N GLU A 37 -9.25 1.69 -10.47
CA GLU A 37 -9.18 2.16 -11.86
C GLU A 37 -10.56 2.56 -12.43
N ARG A 38 -11.59 1.72 -12.22
CA ARG A 38 -12.98 1.95 -12.68
C ARG A 38 -13.61 3.21 -12.07
N LYS A 39 -13.40 3.44 -10.77
CA LYS A 39 -13.96 4.57 -10.02
C LYS A 39 -13.08 5.84 -10.03
N GLY A 40 -11.84 5.75 -10.53
CA GLY A 40 -10.91 6.88 -10.62
C GLY A 40 -10.34 7.35 -9.27
N LYS A 41 -10.16 6.42 -8.33
CA LYS A 41 -9.68 6.66 -6.95
C LYS A 41 -8.35 5.94 -6.66
N LEU A 42 -7.60 6.42 -5.66
CA LEU A 42 -6.38 5.76 -5.16
C LEU A 42 -6.72 4.87 -3.97
N VAL A 43 -6.13 3.67 -3.92
CA VAL A 43 -6.30 2.69 -2.83
C VAL A 43 -4.95 2.32 -2.21
N ILE A 44 -4.96 2.20 -0.89
CA ILE A 44 -3.84 1.90 0.00
C ILE A 44 -4.07 0.51 0.60
N VAL A 45 -3.06 -0.34 0.51
CA VAL A 45 -3.08 -1.72 1.00
C VAL A 45 -1.94 -1.96 1.97
N TYR A 46 -2.21 -2.71 3.04
CA TYR A 46 -1.26 -2.99 4.11
C TYR A 46 -1.13 -4.49 4.38
N LEU A 47 0.09 -4.96 4.62
CA LEU A 47 0.42 -6.30 5.10
C LEU A 47 0.93 -6.21 6.54
N THR A 48 0.26 -6.88 7.47
CA THR A 48 0.65 -6.93 8.89
C THR A 48 1.78 -7.93 9.16
N SER A 49 2.39 -7.86 10.35
CA SER A 49 3.36 -8.85 10.83
C SER A 49 2.76 -10.27 10.97
N ASP A 50 1.43 -10.38 11.12
CA ASP A 50 0.68 -11.64 11.14
C ASP A 50 0.34 -12.18 9.72
N GLY A 51 0.65 -11.42 8.67
CA GLY A 51 0.35 -11.76 7.27
C GLY A 51 -1.10 -11.48 6.82
N LYS A 52 -1.85 -10.70 7.60
CA LYS A 52 -3.19 -10.21 7.26
C LYS A 52 -3.08 -9.05 6.25
N VAL A 53 -4.04 -8.94 5.34
CA VAL A 53 -4.17 -7.82 4.40
C VAL A 53 -5.33 -6.89 4.80
N GLU A 54 -5.11 -5.57 4.71
CA GLU A 54 -6.11 -4.52 5.00
C GLU A 54 -6.13 -3.46 3.88
N ILE A 55 -7.31 -2.89 3.60
CA ILE A 55 -7.58 -1.99 2.46
C ILE A 55 -8.15 -0.63 2.95
N ARG A 56 -7.70 0.49 2.39
CA ARG A 56 -8.26 1.83 2.56
C ARG A 56 -8.32 2.63 1.25
N GLU A 57 -9.42 3.34 1.01
CA GLU A 57 -9.63 4.26 -0.12
C GLU A 57 -9.40 5.74 0.26
N VAL A 58 -9.02 6.60 -0.70
CA VAL A 58 -8.90 8.06 -0.51
C VAL A 58 -9.65 8.90 -1.54
N THR A 59 -10.13 10.07 -1.10
CA THR A 59 -10.70 11.14 -1.92
C THR A 59 -9.65 12.17 -2.37
N SER A 60 -8.68 12.47 -1.49
CA SER A 60 -7.64 13.51 -1.67
C SER A 60 -6.30 13.09 -1.06
N GLU A 61 -5.20 13.70 -1.53
CA GLU A 61 -3.83 13.37 -1.05
C GLU A 61 -3.53 13.82 0.40
N GLU A 62 -4.32 14.73 0.96
CA GLU A 62 -4.28 15.06 2.40
C GLU A 62 -4.84 13.95 3.29
N GLU A 63 -5.84 13.20 2.80
CA GLU A 63 -6.30 11.97 3.47
C GLU A 63 -5.23 10.87 3.32
N LEU A 64 -4.66 10.73 2.12
CA LEU A 64 -3.55 9.81 1.82
C LEU A 64 -2.36 10.05 2.78
N GLU A 65 -1.97 11.31 2.98
CA GLU A 65 -0.94 11.72 3.96
C GLU A 65 -1.28 11.30 5.40
N LYS A 66 -2.55 11.45 5.82
CA LYS A 66 -3.01 11.11 7.18
C LYS A 66 -3.02 9.60 7.41
N ILE A 67 -3.36 8.82 6.38
CA ILE A 67 -3.32 7.36 6.40
C ILE A 67 -1.87 6.86 6.42
N LEU A 68 -0.96 7.42 5.60
CA LEU A 68 0.45 7.04 5.64
C LEU A 68 1.11 7.37 7.00
N LYS A 69 0.74 8.49 7.62
CA LYS A 69 1.11 8.82 9.00
C LYS A 69 0.57 7.80 10.02
N LYS A 70 -0.67 7.33 9.86
CA LYS A 70 -1.28 6.27 10.71
C LYS A 70 -0.58 4.92 10.55
N LEU A 71 -0.20 4.56 9.33
CA LEU A 71 0.42 3.26 8.98
C LEU A 71 1.93 3.18 9.31
N GLY A 72 2.54 4.29 9.74
CA GLY A 72 3.91 4.31 10.25
C GLY A 72 5.01 4.18 9.19
N VAL A 73 4.75 4.66 7.96
CA VAL A 73 5.79 4.78 6.91
C VAL A 73 6.71 5.98 7.18
N ASP A 74 7.92 5.96 6.64
CA ASP A 74 8.89 7.06 6.78
C ASP A 74 8.46 8.32 6.02
N GLU A 75 8.78 9.51 6.54
CA GLU A 75 8.32 10.79 5.97
C GLU A 75 8.81 11.04 4.53
N GLU A 76 9.97 10.50 4.17
CA GLU A 76 10.49 10.46 2.80
C GLU A 76 9.48 9.82 1.84
N ILE A 77 8.89 8.69 2.25
CA ILE A 77 7.93 7.92 1.46
C ILE A 77 6.66 8.75 1.25
N ILE A 78 6.17 9.43 2.29
CA ILE A 78 4.94 10.23 2.19
C ILE A 78 5.09 11.35 1.15
N ARG A 79 6.15 12.15 1.23
CA ARG A 79 6.42 13.21 0.24
C ARG A 79 6.82 12.68 -1.14
N ARG A 80 7.51 11.55 -1.21
CA ARG A 80 8.03 11.01 -2.48
C ARG A 80 6.92 10.36 -3.30
N ILE A 81 6.14 9.51 -2.65
CA ILE A 81 4.95 8.88 -3.24
C ILE A 81 3.88 9.93 -3.62
N LYS A 82 3.74 11.03 -2.88
CA LYS A 82 2.92 12.19 -3.31
C LYS A 82 3.32 12.74 -4.68
N ARG A 83 4.60 12.75 -5.05
CA ARG A 83 5.07 13.22 -6.39
C ARG A 83 4.65 12.23 -7.49
N LEU A 84 4.65 10.93 -7.21
CA LEU A 84 4.12 9.90 -8.12
C LEU A 84 2.60 10.02 -8.32
N ARG A 85 1.88 10.43 -7.25
CA ARG A 85 0.44 10.74 -7.27
C ARG A 85 0.15 12.01 -8.08
N LYS A 86 0.98 13.06 -7.99
CA LYS A 86 0.87 14.29 -8.81
C LYS A 86 1.05 14.03 -10.31
N GLU A 87 1.98 13.14 -10.65
CA GLU A 87 2.18 12.66 -12.04
C GLU A 87 1.14 11.60 -12.47
N GLY A 88 0.29 11.14 -11.55
CA GLY A 88 -0.80 10.18 -11.81
C GLY A 88 -0.34 8.78 -12.23
N GLN A 89 0.88 8.38 -11.85
CA GLN A 89 1.52 7.16 -12.37
C GLN A 89 1.03 5.89 -11.65
N ILE A 90 0.65 6.02 -10.38
CA ILE A 90 0.35 4.92 -9.46
C ILE A 90 -1.16 4.85 -9.21
N LYS A 91 -1.71 3.64 -9.34
CA LYS A 91 -3.16 3.35 -9.16
C LYS A 91 -3.45 2.75 -7.77
N LEU A 92 -2.40 2.25 -7.12
CA LEU A 92 -2.47 1.45 -5.90
C LEU A 92 -1.12 1.54 -5.16
N VAL A 93 -1.15 1.58 -3.82
CA VAL A 93 0.08 1.44 -3.01
C VAL A 93 -0.05 0.28 -2.05
N ILE A 94 1.01 -0.51 -1.91
CA ILE A 94 1.10 -1.66 -0.99
C ILE A 94 2.14 -1.36 0.08
N ILE A 95 1.88 -1.66 1.35
CA ILE A 95 2.75 -1.29 2.48
C ILE A 95 3.03 -2.52 3.35
N GLU A 96 4.26 -2.66 3.83
CA GLU A 96 4.70 -3.77 4.67
C GLU A 96 5.01 -3.31 6.10
N GLY A 97 4.25 -3.82 7.07
CA GLY A 97 4.41 -3.56 8.52
C GLY A 97 5.34 -4.54 9.25
N SER A 98 5.85 -5.56 8.57
CA SER A 98 6.69 -6.63 9.15
C SER A 98 8.20 -6.32 9.13
N LEU A 99 8.57 -5.10 8.70
CA LEU A 99 9.95 -4.67 8.41
C LEU A 99 10.55 -3.82 9.55
N GLU A 100 10.42 -4.32 10.78
CA GLU A 100 10.93 -3.69 12.00
C GLU A 100 12.45 -3.92 12.18
N HIS A 101 13.19 -2.85 12.49
CA HIS A 101 14.65 -2.85 12.71
C HIS A 101 15.05 -1.93 13.88
N HIS A 102 16.22 -2.17 14.48
CA HIS A 102 16.79 -1.38 15.58
C HIS A 102 17.86 -0.38 15.11
N HIS A 103 17.88 0.80 15.76
CA HIS A 103 18.92 1.83 15.63
C HIS A 103 18.97 2.66 16.93
N HIS A 104 20.17 2.81 17.51
CA HIS A 104 20.39 3.44 18.83
C HIS A 104 21.67 4.29 18.86
N HIS A 105 21.70 5.27 19.75
CA HIS A 105 22.84 6.18 20.03
C HIS A 105 23.10 6.33 21.54
N HIS A 106 24.27 6.86 21.90
CA HIS A 106 24.71 7.12 23.28
C HIS A 106 23.85 8.16 24.04
N GLY A 1 8.08 -1.28 7.74
CA GLY A 1 9.02 -1.55 6.63
C GLY A 1 8.87 -0.52 5.53
N LYS A 2 8.97 -0.94 4.25
CA LYS A 2 8.95 -0.06 3.07
C LYS A 2 7.59 -0.09 2.35
N LEU A 3 7.31 0.98 1.59
CA LEU A 3 6.14 1.14 0.72
C LEU A 3 6.51 0.96 -0.76
N TYR A 4 5.72 0.17 -1.48
CA TYR A 4 5.93 -0.22 -2.88
C TYR A 4 4.92 0.41 -3.84
N GLU A 5 5.43 0.86 -4.98
CA GLU A 5 4.71 1.63 -5.99
C GLU A 5 4.18 0.69 -7.10
N VAL A 6 2.86 0.52 -7.15
CA VAL A 6 2.17 -0.46 -8.03
C VAL A 6 1.30 0.20 -9.12
N ASP A 7 1.54 -0.17 -10.39
CA ASP A 7 0.85 0.38 -11.57
C ASP A 7 0.11 -0.66 -12.45
N SER A 8 0.31 -1.96 -12.18
CA SER A 8 -0.21 -3.07 -13.00
C SER A 8 -0.78 -4.19 -12.13
N PRO A 9 -1.85 -4.89 -12.57
CA PRO A 9 -2.39 -6.05 -11.83
C PRO A 9 -1.41 -7.23 -11.78
N ASP A 10 -0.55 -7.32 -12.79
CA ASP A 10 0.52 -8.31 -12.84
C ASP A 10 1.61 -8.02 -11.79
N SER A 11 1.86 -6.73 -11.49
CA SER A 11 2.76 -6.32 -10.40
C SER A 11 2.13 -6.59 -9.02
N VAL A 12 0.81 -6.49 -8.87
CA VAL A 12 0.11 -6.95 -7.66
C VAL A 12 0.36 -8.45 -7.42
N GLU A 13 0.24 -9.27 -8.47
CA GLU A 13 0.54 -10.71 -8.37
C GLU A 13 2.01 -10.98 -8.05
N LYS A 14 2.95 -10.25 -8.66
CA LYS A 14 4.39 -10.42 -8.43
C LYS A 14 4.81 -10.03 -7.00
N ILE A 15 4.23 -8.96 -6.46
CA ILE A 15 4.45 -8.55 -5.07
C ILE A 15 3.76 -9.55 -4.10
N ALA A 16 2.56 -10.04 -4.43
CA ALA A 16 1.88 -11.08 -3.66
C ALA A 16 2.68 -12.40 -3.60
N ARG A 17 3.32 -12.79 -4.71
CA ARG A 17 4.27 -13.93 -4.78
C ARG A 17 5.53 -13.69 -3.94
N GLU A 18 6.05 -12.46 -3.90
CA GLU A 18 7.25 -12.12 -3.12
C GLU A 18 6.96 -12.06 -1.60
N LEU A 19 5.77 -11.59 -1.23
CA LEU A 19 5.28 -11.52 0.16
C LEU A 19 4.64 -12.84 0.66
N GLY A 20 4.45 -13.84 -0.23
CA GLY A 20 3.92 -15.16 0.11
C GLY A 20 2.42 -15.19 0.43
N LEU A 21 1.63 -14.31 -0.20
CA LEU A 21 0.18 -14.20 0.02
C LEU A 21 -0.60 -15.39 -0.57
N SER A 22 -1.76 -15.70 0.01
CA SER A 22 -2.70 -16.74 -0.47
C SER A 22 -3.51 -16.25 -1.68
N GLU A 23 -4.14 -17.19 -2.41
CA GLU A 23 -4.94 -16.88 -3.62
C GLU A 23 -6.08 -15.90 -3.35
N GLU A 24 -6.81 -16.08 -2.23
CA GLU A 24 -7.90 -15.18 -1.82
C GLU A 24 -7.39 -13.80 -1.37
N GLN A 25 -6.20 -13.74 -0.75
CA GLN A 25 -5.58 -12.49 -0.34
C GLN A 25 -5.12 -11.67 -1.55
N LEU A 26 -4.54 -12.32 -2.58
CA LEU A 26 -4.27 -11.69 -3.87
C LEU A 26 -5.58 -11.24 -4.56
N ARG A 27 -6.57 -12.14 -4.69
CA ARG A 27 -7.84 -11.89 -5.38
C ARG A 27 -8.60 -10.68 -4.81
N ARG A 28 -8.50 -10.44 -3.49
CA ARG A 28 -8.98 -9.21 -2.85
C ARG A 28 -8.30 -7.97 -3.42
N ILE A 29 -6.96 -7.93 -3.43
CA ILE A 29 -6.21 -6.72 -3.82
C ILE A 29 -6.45 -6.39 -5.30
N GLN A 30 -6.52 -7.41 -6.16
CA GLN A 30 -6.78 -7.22 -7.60
C GLN A 30 -8.16 -6.59 -7.90
N LYS A 31 -9.19 -6.82 -7.07
CA LYS A 31 -10.48 -6.11 -7.14
C LYS A 31 -10.32 -4.62 -6.79
N GLU A 32 -9.60 -4.32 -5.73
CA GLU A 32 -9.41 -2.93 -5.27
C GLU A 32 -8.48 -2.14 -6.20
N PHE A 33 -7.52 -2.82 -6.84
CA PHE A 33 -6.69 -2.29 -7.92
C PHE A 33 -7.56 -1.77 -9.08
N GLU A 34 -8.50 -2.57 -9.58
CA GLU A 34 -9.36 -2.14 -10.70
C GLU A 34 -10.37 -1.07 -10.28
N ARG A 35 -10.92 -1.15 -9.06
CA ARG A 35 -11.80 -0.10 -8.50
C ARG A 35 -11.08 1.24 -8.36
N ALA A 36 -9.82 1.24 -7.93
CA ALA A 36 -8.97 2.43 -7.86
C ALA A 36 -8.80 3.09 -9.25
N GLU A 37 -8.50 2.28 -10.27
CA GLU A 37 -8.34 2.73 -11.66
C GLU A 37 -9.67 3.26 -12.26
N ARG A 38 -10.79 2.56 -12.03
CA ARG A 38 -12.14 2.97 -12.47
C ARG A 38 -12.59 4.31 -11.87
N LYS A 39 -12.30 4.55 -10.59
CA LYS A 39 -12.70 5.76 -9.86
C LYS A 39 -11.67 6.91 -9.91
N GLY A 40 -10.46 6.65 -10.43
CA GLY A 40 -9.35 7.62 -10.49
C GLY A 40 -8.66 7.90 -9.15
N LYS A 41 -8.91 7.08 -8.12
CA LYS A 41 -8.34 7.18 -6.77
C LYS A 41 -7.11 6.29 -6.58
N LEU A 42 -6.46 6.44 -5.42
CA LEU A 42 -5.41 5.56 -4.92
C LEU A 42 -5.96 4.71 -3.75
N VAL A 43 -5.47 3.48 -3.61
CA VAL A 43 -5.68 2.65 -2.41
C VAL A 43 -4.36 2.30 -1.75
N ILE A 44 -4.35 2.31 -0.41
CA ILE A 44 -3.22 1.91 0.41
C ILE A 44 -3.49 0.49 0.93
N VAL A 45 -2.56 -0.42 0.68
CA VAL A 45 -2.58 -1.82 1.10
C VAL A 45 -1.47 -2.04 2.12
N TYR A 46 -1.77 -2.81 3.16
CA TYR A 46 -0.85 -3.07 4.25
C TYR A 46 -0.81 -4.56 4.61
N LEU A 47 0.39 -5.14 4.68
CA LEU A 47 0.64 -6.50 5.16
C LEU A 47 1.11 -6.46 6.62
N THR A 48 0.36 -7.07 7.53
CA THR A 48 0.68 -7.11 8.97
C THR A 48 1.76 -8.14 9.31
N SER A 49 2.33 -8.05 10.51
CA SER A 49 3.24 -9.07 11.07
C SER A 49 2.55 -10.42 11.36
N ASP A 50 1.21 -10.46 11.37
CA ASP A 50 0.40 -11.68 11.45
C ASP A 50 0.17 -12.35 10.06
N GLY A 51 0.60 -11.71 8.97
CA GLY A 51 0.50 -12.22 7.61
C GLY A 51 -0.83 -11.93 6.89
N LYS A 52 -1.64 -11.01 7.43
CA LYS A 52 -2.95 -10.57 6.88
C LYS A 52 -2.78 -9.27 6.09
N VAL A 53 -3.55 -9.11 5.01
CA VAL A 53 -3.63 -7.86 4.24
C VAL A 53 -4.93 -7.09 4.48
N GLU A 54 -4.82 -5.77 4.56
CA GLU A 54 -5.93 -4.81 4.70
C GLU A 54 -5.81 -3.63 3.72
N ILE A 55 -6.95 -3.05 3.32
CA ILE A 55 -7.07 -2.04 2.25
C ILE A 55 -7.79 -0.78 2.76
N ARG A 56 -7.35 0.40 2.33
CA ARG A 56 -8.01 1.70 2.54
C ARG A 56 -8.03 2.55 1.27
N GLU A 57 -9.16 3.21 0.99
CA GLU A 57 -9.38 4.11 -0.14
C GLU A 57 -9.15 5.59 0.23
N VAL A 58 -8.70 6.42 -0.73
CA VAL A 58 -8.61 7.89 -0.58
C VAL A 58 -9.68 8.64 -1.37
N THR A 59 -10.08 9.82 -0.88
CA THR A 59 -10.90 10.79 -1.63
C THR A 59 -10.04 11.86 -2.33
N SER A 60 -8.90 12.21 -1.72
CA SER A 60 -7.92 13.21 -2.16
C SER A 60 -6.57 12.96 -1.46
N GLU A 61 -5.54 13.77 -1.74
CA GLU A 61 -4.24 13.72 -1.05
C GLU A 61 -4.35 13.99 0.47
N GLU A 62 -5.42 14.66 0.91
CA GLU A 62 -5.74 14.89 2.33
C GLU A 62 -5.94 13.57 3.09
N GLU A 63 -6.69 12.63 2.50
CA GLU A 63 -6.82 11.26 3.01
C GLU A 63 -5.51 10.49 2.85
N LEU A 64 -4.85 10.57 1.69
CA LEU A 64 -3.59 9.86 1.39
C LEU A 64 -2.52 10.14 2.47
N GLU A 65 -2.29 11.42 2.77
CA GLU A 65 -1.36 11.86 3.82
C GLU A 65 -1.76 11.35 5.20
N LYS A 66 -3.06 11.36 5.52
CA LYS A 66 -3.61 10.96 6.82
C LYS A 66 -3.46 9.45 7.04
N ILE A 67 -3.66 8.65 6.00
CA ILE A 67 -3.50 7.19 6.04
C ILE A 67 -2.03 6.82 6.22
N LEU A 68 -1.13 7.43 5.45
CA LEU A 68 0.31 7.15 5.57
C LEU A 68 0.87 7.61 6.93
N LYS A 69 0.36 8.72 7.50
CA LYS A 69 0.66 9.14 8.88
C LYS A 69 0.09 8.18 9.94
N LYS A 70 -1.12 7.63 9.73
CA LYS A 70 -1.73 6.63 10.62
C LYS A 70 -0.95 5.31 10.65
N LEU A 71 -0.39 4.91 9.51
CA LEU A 71 0.43 3.69 9.34
C LEU A 71 1.92 3.91 9.72
N GLY A 72 2.32 5.16 10.00
CA GLY A 72 3.63 5.50 10.57
C GLY A 72 4.82 5.44 9.60
N VAL A 73 4.60 5.61 8.29
CA VAL A 73 5.68 5.64 7.29
C VAL A 73 6.51 6.93 7.37
N ASP A 74 7.75 6.92 6.85
CA ASP A 74 8.63 8.09 6.87
C ASP A 74 8.13 9.25 5.97
N GLU A 75 8.40 10.50 6.35
CA GLU A 75 7.94 11.69 5.61
C GLU A 75 8.44 11.76 4.15
N GLU A 76 9.62 11.20 3.83
CA GLU A 76 10.07 11.05 2.44
C GLU A 76 9.11 10.18 1.64
N ILE A 77 8.64 9.08 2.23
CA ILE A 77 7.70 8.17 1.60
C ILE A 77 6.39 8.90 1.34
N ILE A 78 5.89 9.71 2.29
CA ILE A 78 4.64 10.47 2.11
C ILE A 78 4.75 11.47 0.96
N ARG A 79 5.79 12.34 0.94
CA ARG A 79 5.98 13.33 -0.14
C ARG A 79 6.29 12.69 -1.50
N ARG A 80 7.03 11.57 -1.53
CA ARG A 80 7.40 10.88 -2.77
C ARG A 80 6.19 10.17 -3.38
N ILE A 81 5.48 9.39 -2.57
CA ILE A 81 4.23 8.72 -2.99
C ILE A 81 3.14 9.74 -3.39
N LYS A 82 3.04 10.91 -2.72
CA LYS A 82 2.19 12.02 -3.20
C LYS A 82 2.55 12.45 -4.62
N ARG A 83 3.83 12.62 -4.95
CA ARG A 83 4.31 13.00 -6.30
C ARG A 83 3.93 11.93 -7.34
N LEU A 84 4.10 10.65 -7.01
CA LEU A 84 3.70 9.50 -7.83
C LEU A 84 2.18 9.46 -8.11
N ARG A 85 1.35 9.84 -7.12
CA ARG A 85 -0.11 9.98 -7.27
C ARG A 85 -0.47 11.23 -8.08
N LYS A 86 0.19 12.36 -7.85
CA LYS A 86 0.00 13.64 -8.58
C LYS A 86 0.28 13.51 -10.09
N GLU A 87 1.31 12.73 -10.45
CA GLU A 87 1.63 12.37 -11.83
C GLU A 87 0.73 11.27 -12.41
N GLY A 88 -0.13 10.63 -11.59
CA GLY A 88 -1.03 9.55 -11.98
C GLY A 88 -0.34 8.23 -12.33
N GLN A 89 0.93 8.05 -11.94
CA GLN A 89 1.77 6.93 -12.38
C GLN A 89 1.40 5.61 -11.70
N ILE A 90 0.84 5.70 -10.49
CA ILE A 90 0.58 4.61 -9.56
C ILE A 90 -0.92 4.58 -9.24
N LYS A 91 -1.52 3.39 -9.32
CA LYS A 91 -2.96 3.17 -9.07
C LYS A 91 -3.22 2.51 -7.71
N LEU A 92 -2.18 1.94 -7.11
CA LEU A 92 -2.24 1.18 -5.86
C LEU A 92 -0.86 1.16 -5.17
N VAL A 93 -0.81 1.18 -3.84
CA VAL A 93 0.45 1.14 -3.09
C VAL A 93 0.43 0.10 -1.96
N ILE A 94 1.53 -0.62 -1.76
CA ILE A 94 1.62 -1.78 -0.86
C ILE A 94 2.71 -1.59 0.21
N ILE A 95 2.37 -1.68 1.50
CA ILE A 95 3.30 -1.54 2.64
C ILE A 95 3.58 -2.90 3.28
N GLU A 96 4.85 -3.15 3.60
CA GLU A 96 5.30 -4.29 4.41
C GLU A 96 5.46 -3.86 5.88
N GLY A 97 4.59 -4.36 6.76
CA GLY A 97 4.53 -4.07 8.20
C GLY A 97 5.01 -5.21 9.11
N SER A 98 5.73 -6.19 8.56
CA SER A 98 6.19 -7.41 9.25
C SER A 98 7.65 -7.36 9.73
N LEU A 99 8.29 -6.19 9.66
CA LEU A 99 9.73 -5.96 9.91
C LEU A 99 9.98 -5.08 11.15
N GLU A 100 9.15 -5.23 12.18
CA GLU A 100 9.22 -4.45 13.43
C GLU A 100 10.37 -4.89 14.37
N HIS A 101 10.79 -3.99 15.27
CA HIS A 101 11.91 -4.18 16.20
C HIS A 101 11.60 -3.62 17.61
N HIS A 102 12.35 -4.05 18.63
CA HIS A 102 12.18 -3.65 20.03
C HIS A 102 13.53 -3.31 20.71
N HIS A 103 13.48 -2.46 21.75
CA HIS A 103 14.64 -1.92 22.46
C HIS A 103 14.42 -1.90 23.98
N HIS A 104 15.52 -1.83 24.75
CA HIS A 104 15.52 -1.75 26.22
C HIS A 104 16.57 -0.74 26.73
N HIS A 105 16.23 -0.01 27.80
CA HIS A 105 17.05 1.05 28.40
C HIS A 105 17.00 1.02 29.94
N HIS A 106 18.06 1.53 30.57
CA HIS A 106 18.18 1.67 32.04
C HIS A 106 17.30 2.79 32.62
N GLY A 1 7.45 0.93 8.68
CA GLY A 1 6.94 0.07 7.57
C GLY A 1 7.38 0.60 6.21
N LYS A 2 7.38 -0.27 5.18
CA LYS A 2 7.77 0.05 3.79
C LYS A 2 6.58 0.00 2.84
N LEU A 3 6.64 0.80 1.77
CA LEU A 3 5.59 0.97 0.76
C LEU A 3 6.08 0.58 -0.64
N TYR A 4 5.18 -0.04 -1.40
CA TYR A 4 5.34 -0.42 -2.80
C TYR A 4 4.32 0.33 -3.65
N GLU A 5 4.85 1.09 -4.60
CA GLU A 5 4.09 1.95 -5.51
C GLU A 5 3.60 1.12 -6.71
N VAL A 6 2.29 0.94 -6.81
CA VAL A 6 1.64 0.00 -7.75
C VAL A 6 0.84 0.72 -8.87
N ASP A 7 1.13 0.34 -10.11
CA ASP A 7 0.58 0.94 -11.33
C ASP A 7 -0.03 -0.05 -12.34
N SER A 8 0.20 -1.35 -12.15
CA SER A 8 -0.36 -2.45 -12.97
C SER A 8 -0.81 -3.65 -12.12
N PRO A 9 -1.82 -4.43 -12.54
CA PRO A 9 -2.16 -5.70 -11.90
C PRO A 9 -1.01 -6.72 -11.98
N ASP A 10 -0.23 -6.65 -13.07
CA ASP A 10 1.00 -7.42 -13.27
C ASP A 10 2.08 -7.13 -12.19
N SER A 11 2.07 -5.94 -11.59
CA SER A 11 2.94 -5.56 -10.46
C SER A 11 2.41 -6.08 -9.12
N VAL A 12 1.08 -6.17 -8.94
CA VAL A 12 0.45 -6.76 -7.74
C VAL A 12 0.92 -8.20 -7.54
N GLU A 13 0.95 -9.01 -8.61
CA GLU A 13 1.40 -10.40 -8.55
C GLU A 13 2.89 -10.53 -8.15
N LYS A 14 3.75 -9.63 -8.63
CA LYS A 14 5.19 -9.63 -8.30
C LYS A 14 5.42 -9.24 -6.84
N ILE A 15 4.74 -8.20 -6.36
CA ILE A 15 4.81 -7.78 -4.95
C ILE A 15 4.26 -8.88 -4.04
N ALA A 16 3.14 -9.51 -4.40
CA ALA A 16 2.57 -10.63 -3.64
C ALA A 16 3.53 -11.83 -3.53
N ARG A 17 4.29 -12.13 -4.59
CA ARG A 17 5.35 -13.16 -4.58
C ARG A 17 6.56 -12.77 -3.72
N GLU A 18 6.89 -11.47 -3.59
CA GLU A 18 7.92 -10.99 -2.66
C GLU A 18 7.45 -10.99 -1.19
N LEU A 19 6.16 -10.73 -0.96
CA LEU A 19 5.52 -10.73 0.37
C LEU A 19 5.07 -12.13 0.84
N GLY A 20 5.16 -13.16 -0.01
CA GLY A 20 4.78 -14.55 0.30
C GLY A 20 3.26 -14.75 0.48
N LEU A 21 2.44 -13.99 -0.26
CA LEU A 21 0.99 -13.93 -0.11
C LEU A 21 0.26 -15.22 -0.54
N SER A 22 -0.91 -15.48 0.06
CA SER A 22 -1.82 -16.57 -0.35
C SER A 22 -2.74 -16.13 -1.50
N GLU A 23 -3.27 -17.07 -2.29
CA GLU A 23 -4.09 -16.72 -3.48
C GLU A 23 -5.33 -15.90 -3.13
N GLU A 24 -6.04 -16.23 -2.04
CA GLU A 24 -7.25 -15.49 -1.62
C GLU A 24 -6.95 -14.07 -1.14
N GLN A 25 -5.77 -13.86 -0.55
CA GLN A 25 -5.27 -12.55 -0.12
C GLN A 25 -4.83 -11.71 -1.33
N LEU A 26 -4.22 -12.34 -2.35
CA LEU A 26 -3.85 -11.70 -3.62
C LEU A 26 -5.11 -11.32 -4.41
N ARG A 27 -6.08 -12.23 -4.54
CA ARG A 27 -7.35 -12.06 -5.25
C ARG A 27 -8.11 -10.81 -4.79
N ARG A 28 -8.10 -10.52 -3.49
CA ARG A 28 -8.62 -9.26 -2.92
C ARG A 28 -7.89 -8.03 -3.49
N ILE A 29 -6.57 -8.01 -3.51
CA ILE A 29 -5.80 -6.87 -4.04
C ILE A 29 -6.04 -6.69 -5.55
N GLN A 30 -6.12 -7.78 -6.32
CA GLN A 30 -6.50 -7.70 -7.75
C GLN A 30 -7.88 -7.05 -7.94
N LYS A 31 -8.87 -7.43 -7.11
CA LYS A 31 -10.22 -6.84 -7.10
C LYS A 31 -10.17 -5.35 -6.74
N GLU A 32 -9.50 -4.97 -5.65
CA GLU A 32 -9.41 -3.57 -5.24
C GLU A 32 -8.68 -2.70 -6.27
N PHE A 33 -7.66 -3.24 -6.96
CA PHE A 33 -7.00 -2.55 -8.07
C PHE A 33 -7.98 -2.21 -9.20
N GLU A 34 -8.76 -3.18 -9.68
CA GLU A 34 -9.70 -2.96 -10.80
C GLU A 34 -10.93 -2.11 -10.41
N ARG A 35 -11.39 -2.20 -9.16
CA ARG A 35 -12.45 -1.33 -8.61
C ARG A 35 -11.97 0.12 -8.46
N ALA A 36 -10.74 0.32 -7.99
CA ALA A 36 -10.13 1.64 -7.89
C ALA A 36 -9.90 2.30 -9.26
N GLU A 37 -9.40 1.53 -10.23
CA GLU A 37 -9.15 2.00 -11.60
C GLU A 37 -10.44 2.44 -12.31
N ARG A 38 -11.54 1.68 -12.17
CA ARG A 38 -12.84 2.04 -12.78
C ARG A 38 -13.49 3.26 -12.13
N LYS A 39 -13.41 3.39 -10.79
CA LYS A 39 -14.03 4.48 -10.03
C LYS A 39 -13.17 5.75 -9.93
N GLY A 40 -11.95 5.74 -10.46
CA GLY A 40 -11.06 6.91 -10.51
C GLY A 40 -10.51 7.34 -9.15
N LYS A 41 -10.32 6.37 -8.23
CA LYS A 41 -9.85 6.57 -6.84
C LYS A 41 -8.50 5.88 -6.59
N LEU A 42 -7.86 6.22 -5.46
CA LEU A 42 -6.64 5.57 -4.97
C LEU A 42 -6.99 4.74 -3.72
N VAL A 43 -6.52 3.50 -3.64
CA VAL A 43 -6.59 2.67 -2.43
C VAL A 43 -5.22 2.31 -1.88
N ILE A 44 -5.17 2.28 -0.55
CA ILE A 44 -4.00 1.99 0.27
C ILE A 44 -4.21 0.62 0.90
N VAL A 45 -3.31 -0.32 0.60
CA VAL A 45 -3.35 -1.70 1.08
C VAL A 45 -2.24 -1.94 2.08
N TYR A 46 -2.55 -2.67 3.14
CA TYR A 46 -1.64 -3.01 4.21
C TYR A 46 -1.57 -4.53 4.42
N LEU A 47 -0.37 -5.05 4.69
CA LEU A 47 -0.11 -6.43 5.08
C LEU A 47 0.47 -6.49 6.50
N THR A 48 -0.22 -7.18 7.40
CA THR A 48 0.20 -7.36 8.81
C THR A 48 1.22 -8.49 8.97
N SER A 49 1.88 -8.55 10.13
CA SER A 49 2.76 -9.67 10.53
C SER A 49 2.00 -11.00 10.71
N ASP A 50 0.68 -10.97 10.86
CA ASP A 50 -0.21 -12.15 10.88
C ASP A 50 -0.66 -12.59 9.46
N GLY A 51 -0.27 -11.87 8.41
CA GLY A 51 -0.62 -12.18 7.01
C GLY A 51 -2.00 -11.68 6.57
N LYS A 52 -2.65 -10.80 7.34
CA LYS A 52 -3.95 -10.19 7.02
C LYS A 52 -3.76 -9.01 6.06
N VAL A 53 -4.57 -8.95 5.00
CA VAL A 53 -4.68 -7.79 4.12
C VAL A 53 -5.79 -6.84 4.59
N GLU A 54 -5.55 -5.54 4.56
CA GLU A 54 -6.51 -4.48 4.92
C GLU A 54 -6.47 -3.33 3.90
N ILE A 55 -7.63 -2.71 3.61
CA ILE A 55 -7.82 -1.72 2.53
C ILE A 55 -8.38 -0.40 3.09
N ARG A 56 -7.90 0.74 2.59
CA ARG A 56 -8.43 2.10 2.82
C ARG A 56 -8.55 2.88 1.51
N GLU A 57 -9.62 3.65 1.35
CA GLU A 57 -9.90 4.49 0.17
C GLU A 57 -9.58 5.98 0.46
N VAL A 58 -9.14 6.72 -0.57
CA VAL A 58 -8.97 8.20 -0.51
C VAL A 58 -9.59 8.92 -1.70
N THR A 59 -10.06 10.14 -1.46
CA THR A 59 -10.50 11.12 -2.48
C THR A 59 -9.39 12.10 -2.89
N SER A 60 -8.50 12.48 -1.96
CA SER A 60 -7.51 13.56 -2.11
C SER A 60 -6.19 13.28 -1.38
N GLU A 61 -5.14 14.04 -1.70
CA GLU A 61 -3.79 13.87 -1.12
C GLU A 61 -3.67 14.24 0.38
N GLU A 62 -4.65 14.95 0.93
CA GLU A 62 -4.73 15.28 2.37
C GLU A 62 -5.06 14.04 3.21
N GLU A 63 -6.05 13.26 2.76
CA GLU A 63 -6.35 11.93 3.31
C GLU A 63 -5.14 11.00 3.18
N LEU A 64 -4.55 10.94 1.98
CA LEU A 64 -3.39 10.10 1.65
C LEU A 64 -2.25 10.32 2.69
N GLU A 65 -1.90 11.58 2.93
CA GLU A 65 -0.86 11.97 3.89
C GLU A 65 -1.20 11.53 5.32
N LYS A 66 -2.46 11.70 5.76
CA LYS A 66 -2.90 11.38 7.12
C LYS A 66 -2.85 9.87 7.37
N ILE A 67 -3.24 9.08 6.38
CA ILE A 67 -3.23 7.61 6.43
C ILE A 67 -1.79 7.10 6.45
N LEU A 68 -0.89 7.61 5.60
CA LEU A 68 0.51 7.18 5.62
C LEU A 68 1.23 7.54 6.93
N LYS A 69 0.92 8.71 7.53
CA LYS A 69 1.40 9.08 8.87
C LYS A 69 0.87 8.13 9.96
N LYS A 70 -0.39 7.69 9.86
CA LYS A 70 -1.02 6.70 10.77
C LYS A 70 -0.41 5.30 10.64
N LEU A 71 -0.13 4.85 9.41
CA LEU A 71 0.37 3.50 9.11
C LEU A 71 1.88 3.32 9.40
N GLY A 72 2.59 4.38 9.77
CA GLY A 72 3.99 4.32 10.22
C GLY A 72 4.99 4.09 9.09
N VAL A 73 4.73 4.58 7.88
CA VAL A 73 5.73 4.61 6.81
C VAL A 73 6.75 5.73 7.05
N ASP A 74 7.97 5.59 6.50
CA ASP A 74 8.99 6.64 6.64
C ASP A 74 8.57 7.93 5.90
N GLU A 75 8.89 9.09 6.48
CA GLU A 75 8.44 10.39 5.95
C GLU A 75 8.99 10.71 4.54
N GLU A 76 10.16 10.16 4.18
CA GLU A 76 10.67 10.24 2.80
C GLU A 76 9.74 9.54 1.81
N ILE A 77 9.15 8.39 2.17
CA ILE A 77 8.22 7.66 1.31
C ILE A 77 6.98 8.51 1.02
N ILE A 78 6.45 9.23 2.01
CA ILE A 78 5.25 10.05 1.86
C ILE A 78 5.48 11.15 0.83
N ARG A 79 6.52 11.98 1.03
CA ARG A 79 6.86 13.10 0.11
C ARG A 79 7.33 12.61 -1.27
N ARG A 80 8.07 11.49 -1.33
CA ARG A 80 8.67 11.01 -2.58
C ARG A 80 7.62 10.35 -3.47
N ILE A 81 6.83 9.44 -2.91
CA ILE A 81 5.80 8.73 -3.68
C ILE A 81 4.62 9.65 -4.01
N LYS A 82 4.33 10.71 -3.22
CA LYS A 82 3.36 11.76 -3.62
C LYS A 82 3.65 12.35 -5.00
N ARG A 83 4.92 12.52 -5.41
CA ARG A 83 5.28 12.98 -6.76
C ARG A 83 4.75 12.02 -7.85
N LEU A 84 4.87 10.72 -7.62
CA LEU A 84 4.42 9.66 -8.54
C LEU A 84 2.90 9.53 -8.59
N ARG A 85 2.21 9.90 -7.49
CA ARG A 85 0.74 10.01 -7.41
C ARG A 85 0.23 11.26 -8.14
N LYS A 86 0.92 12.40 -8.00
CA LYS A 86 0.60 13.67 -8.70
C LYS A 86 0.88 13.61 -10.20
N GLU A 87 1.87 12.83 -10.63
CA GLU A 87 2.10 12.49 -12.05
C GLU A 87 1.14 11.40 -12.58
N GLY A 88 0.30 10.82 -11.71
CA GLY A 88 -0.82 9.94 -12.08
C GLY A 88 -0.42 8.49 -12.42
N GLN A 89 0.80 8.05 -12.06
CA GLN A 89 1.26 6.70 -12.39
C GLN A 89 0.63 5.64 -11.47
N ILE A 90 0.51 5.96 -10.17
CA ILE A 90 0.14 5.02 -9.13
C ILE A 90 -1.38 5.07 -8.93
N LYS A 91 -2.01 3.90 -9.04
CA LYS A 91 -3.46 3.70 -8.89
C LYS A 91 -3.80 2.88 -7.64
N LEU A 92 -2.76 2.36 -6.97
CA LEU A 92 -2.85 1.54 -5.76
C LEU A 92 -1.49 1.55 -5.04
N VAL A 93 -1.47 1.47 -3.71
CA VAL A 93 -0.22 1.27 -2.93
C VAL A 93 -0.35 0.10 -1.97
N ILE A 94 0.76 -0.58 -1.71
CA ILE A 94 0.85 -1.75 -0.82
C ILE A 94 1.90 -1.49 0.26
N ILE A 95 1.59 -1.78 1.53
CA ILE A 95 2.44 -1.43 2.68
C ILE A 95 2.67 -2.68 3.55
N GLU A 96 3.91 -2.88 4.00
CA GLU A 96 4.29 -3.99 4.89
C GLU A 96 4.59 -3.47 6.30
N GLY A 97 4.00 -4.13 7.32
CA GLY A 97 4.26 -3.90 8.74
C GLY A 97 5.55 -4.56 9.24
N SER A 98 5.41 -5.61 10.05
CA SER A 98 6.51 -6.45 10.61
C SER A 98 7.70 -5.67 11.19
N LEU A 99 7.41 -4.58 11.92
CA LEU A 99 8.37 -3.58 12.40
C LEU A 99 8.95 -3.82 13.81
N GLU A 100 8.59 -4.93 14.45
CA GLU A 100 8.90 -5.24 15.85
C GLU A 100 10.41 -5.42 16.11
N HIS A 101 10.91 -4.77 17.17
CA HIS A 101 12.30 -4.80 17.64
C HIS A 101 12.36 -4.88 19.18
N HIS A 102 13.51 -5.28 19.74
CA HIS A 102 13.77 -5.38 21.17
C HIS A 102 15.16 -4.84 21.54
N HIS A 103 15.25 -4.17 22.69
CA HIS A 103 16.49 -3.64 23.30
C HIS A 103 16.47 -3.82 24.82
N HIS A 104 17.65 -3.93 25.43
CA HIS A 104 17.83 -4.07 26.89
C HIS A 104 18.98 -3.17 27.38
N HIS A 105 18.62 -2.00 27.94
CA HIS A 105 19.52 -0.91 28.35
C HIS A 105 20.38 -0.31 27.21
N HIS A 106 21.02 0.84 27.50
CA HIS A 106 22.06 1.46 26.66
C HIS A 106 23.42 0.74 26.86
N GLY A 1 9.75 -0.43 8.27
CA GLY A 1 8.64 -0.67 7.29
C GLY A 1 8.94 -0.05 5.93
N LYS A 2 8.25 -0.50 4.88
CA LYS A 2 8.43 -0.04 3.49
C LYS A 2 7.12 -0.04 2.69
N LEU A 3 7.05 0.83 1.68
CA LEU A 3 5.94 0.96 0.73
C LEU A 3 6.36 0.55 -0.70
N TYR A 4 5.47 -0.12 -1.40
CA TYR A 4 5.56 -0.53 -2.80
C TYR A 4 4.53 0.22 -3.64
N GLU A 5 5.01 0.91 -4.67
CA GLU A 5 4.22 1.76 -5.56
C GLU A 5 3.77 0.96 -6.79
N VAL A 6 2.47 0.68 -6.87
CA VAL A 6 1.86 -0.27 -7.83
C VAL A 6 0.96 0.38 -8.90
N ASP A 7 1.24 0.09 -10.17
CA ASP A 7 0.54 0.64 -11.34
C ASP A 7 -0.06 -0.42 -12.29
N SER A 8 0.24 -1.72 -12.07
CA SER A 8 -0.16 -2.85 -12.92
C SER A 8 -0.70 -4.04 -12.10
N PRO A 9 -1.71 -4.78 -12.57
CA PRO A 9 -2.17 -6.03 -11.94
C PRO A 9 -1.10 -7.13 -11.94
N ASP A 10 -0.18 -7.09 -12.90
CA ASP A 10 0.94 -8.03 -12.91
C ASP A 10 1.96 -7.68 -11.80
N SER A 11 2.12 -6.39 -11.49
CA SER A 11 2.96 -5.95 -10.35
C SER A 11 2.32 -6.31 -9.00
N VAL A 12 0.98 -6.31 -8.90
CA VAL A 12 0.26 -6.85 -7.73
C VAL A 12 0.62 -8.32 -7.51
N GLU A 13 0.61 -9.14 -8.57
CA GLU A 13 1.00 -10.56 -8.49
C GLU A 13 2.47 -10.73 -8.08
N LYS A 14 3.38 -9.93 -8.65
CA LYS A 14 4.83 -10.00 -8.37
C LYS A 14 5.17 -9.61 -6.93
N ILE A 15 4.54 -8.55 -6.41
CA ILE A 15 4.70 -8.14 -5.01
C ILE A 15 4.09 -9.19 -4.08
N ALA A 16 2.89 -9.71 -4.38
CA ALA A 16 2.27 -10.77 -3.60
C ALA A 16 3.12 -12.04 -3.53
N ARG A 17 3.76 -12.43 -4.64
CA ARG A 17 4.73 -13.54 -4.71
C ARG A 17 6.01 -13.26 -3.91
N GLU A 18 6.46 -12.01 -3.83
CA GLU A 18 7.62 -11.62 -3.00
C GLU A 18 7.27 -11.60 -1.49
N LEU A 19 6.04 -11.23 -1.14
CA LEU A 19 5.50 -11.25 0.24
C LEU A 19 5.03 -12.65 0.69
N GLY A 20 4.99 -13.64 -0.21
CA GLY A 20 4.54 -15.01 0.08
C GLY A 20 3.04 -15.14 0.35
N LEU A 21 2.23 -14.27 -0.26
CA LEU A 21 0.78 -14.15 -0.03
C LEU A 21 -0.02 -15.35 -0.56
N SER A 22 -1.23 -15.56 -0.01
CA SER A 22 -2.15 -16.62 -0.45
C SER A 22 -2.91 -16.20 -1.72
N GLU A 23 -3.37 -17.15 -2.53
CA GLU A 23 -4.07 -16.87 -3.80
C GLU A 23 -5.39 -16.11 -3.58
N GLU A 24 -6.13 -16.43 -2.52
CA GLU A 24 -7.39 -15.75 -2.16
C GLU A 24 -7.15 -14.32 -1.66
N GLN A 25 -6.01 -14.06 -1.00
CA GLN A 25 -5.56 -12.73 -0.60
C GLN A 25 -5.10 -11.92 -1.82
N LEU A 26 -4.40 -12.57 -2.77
CA LEU A 26 -4.00 -11.97 -4.05
C LEU A 26 -5.24 -11.49 -4.84
N ARG A 27 -6.22 -12.39 -5.06
CA ARG A 27 -7.50 -12.09 -5.75
C ARG A 27 -8.26 -10.91 -5.13
N ARG A 28 -8.14 -10.70 -3.81
CA ARG A 28 -8.73 -9.53 -3.13
C ARG A 28 -8.01 -8.23 -3.51
N ILE A 29 -6.68 -8.21 -3.50
CA ILE A 29 -5.92 -7.00 -3.84
C ILE A 29 -6.13 -6.66 -5.32
N GLN A 30 -6.25 -7.67 -6.17
CA GLN A 30 -6.61 -7.52 -7.59
C GLN A 30 -8.02 -6.93 -7.79
N LYS A 31 -9.00 -7.32 -6.95
CA LYS A 31 -10.33 -6.69 -6.93
C LYS A 31 -10.27 -5.23 -6.48
N GLU A 32 -9.47 -4.92 -5.45
CA GLU A 32 -9.27 -3.54 -4.98
C GLU A 32 -8.51 -2.67 -6.01
N PHE A 33 -7.58 -3.27 -6.76
CA PHE A 33 -6.88 -2.62 -7.87
C PHE A 33 -7.86 -2.16 -8.96
N GLU A 34 -8.78 -3.03 -9.41
CA GLU A 34 -9.80 -2.63 -10.39
C GLU A 34 -10.88 -1.69 -9.81
N ARG A 35 -11.29 -1.86 -8.54
CA ARG A 35 -12.18 -0.93 -7.84
C ARG A 35 -11.60 0.49 -7.80
N ALA A 36 -10.28 0.61 -7.63
CA ALA A 36 -9.56 1.88 -7.69
C ALA A 36 -9.50 2.45 -9.12
N GLU A 37 -9.10 1.62 -10.10
CA GLU A 37 -8.94 2.03 -11.50
C GLU A 37 -10.27 2.46 -12.16
N ARG A 38 -11.37 1.72 -11.90
CA ARG A 38 -12.72 2.01 -12.44
C ARG A 38 -13.24 3.38 -12.05
N LYS A 39 -12.98 3.80 -10.80
CA LYS A 39 -13.48 5.05 -10.21
C LYS A 39 -12.48 6.22 -10.27
N GLY A 40 -11.26 5.98 -10.76
CA GLY A 40 -10.20 6.99 -10.86
C GLY A 40 -9.61 7.43 -9.50
N LYS A 41 -9.62 6.52 -8.51
CA LYS A 41 -9.14 6.73 -7.12
C LYS A 41 -7.88 5.88 -6.84
N LEU A 42 -7.28 6.09 -5.67
CA LEU A 42 -6.15 5.31 -5.16
C LEU A 42 -6.59 4.51 -3.92
N VAL A 43 -6.05 3.31 -3.73
CA VAL A 43 -6.19 2.53 -2.48
C VAL A 43 -4.84 2.21 -1.86
N ILE A 44 -4.84 2.15 -0.54
CA ILE A 44 -3.70 1.84 0.32
C ILE A 44 -3.95 0.47 0.95
N VAL A 45 -3.01 -0.46 0.74
CA VAL A 45 -3.08 -1.86 1.18
C VAL A 45 -1.94 -2.14 2.17
N TYR A 46 -2.23 -2.88 3.23
CA TYR A 46 -1.29 -3.16 4.31
C TYR A 46 -1.10 -4.66 4.56
N LEU A 47 0.11 -5.06 4.96
CA LEU A 47 0.51 -6.43 5.29
C LEU A 47 0.87 -6.54 6.78
N THR A 48 0.16 -7.45 7.47
CA THR A 48 0.47 -7.84 8.86
C THR A 48 1.33 -9.11 8.91
N SER A 49 1.96 -9.39 10.06
CA SER A 49 2.70 -10.64 10.30
C SER A 49 1.80 -11.88 10.30
N ASP A 50 0.48 -11.71 10.42
CA ASP A 50 -0.52 -12.78 10.31
C ASP A 50 -0.97 -13.05 8.84
N GLY A 51 -0.54 -12.21 7.88
CA GLY A 51 -0.97 -12.29 6.48
C GLY A 51 -2.37 -11.73 6.22
N LYS A 52 -2.92 -11.00 7.19
CA LYS A 52 -4.21 -10.27 7.11
C LYS A 52 -3.95 -8.91 6.46
N VAL A 53 -4.87 -8.47 5.61
CA VAL A 53 -4.74 -7.21 4.85
C VAL A 53 -5.80 -6.17 5.26
N GLU A 54 -5.39 -4.91 5.33
CA GLU A 54 -6.27 -3.74 5.49
C GLU A 54 -6.28 -2.94 4.18
N ILE A 55 -7.47 -2.46 3.76
CA ILE A 55 -7.65 -1.60 2.58
C ILE A 55 -8.26 -0.26 3.01
N ARG A 56 -7.78 0.85 2.45
CA ARG A 56 -8.35 2.20 2.59
C ARG A 56 -8.38 2.92 1.24
N GLU A 57 -9.45 3.64 0.95
CA GLU A 57 -9.63 4.44 -0.27
C GLU A 57 -9.24 5.92 -0.02
N VAL A 58 -8.59 6.55 -1.01
CA VAL A 58 -8.25 7.99 -1.00
C VAL A 58 -8.63 8.69 -2.30
N THR A 59 -9.19 9.90 -2.17
CA THR A 59 -9.61 10.77 -3.29
C THR A 59 -8.52 11.74 -3.74
N SER A 60 -7.66 12.19 -2.82
CA SER A 60 -6.66 13.26 -3.03
C SER A 60 -5.38 13.03 -2.20
N GLU A 61 -4.36 13.86 -2.40
CA GLU A 61 -3.07 13.79 -1.69
C GLU A 61 -3.20 14.07 -0.18
N GLU A 62 -4.21 14.82 0.26
CA GLU A 62 -4.47 15.09 1.68
C GLU A 62 -4.86 13.81 2.43
N GLU A 63 -5.81 13.04 1.90
CA GLU A 63 -6.15 11.73 2.46
C GLU A 63 -4.93 10.81 2.46
N LEU A 64 -4.26 10.65 1.31
CA LEU A 64 -3.07 9.80 1.14
C LEU A 64 -2.01 10.11 2.22
N GLU A 65 -1.70 11.38 2.43
CA GLU A 65 -0.73 11.85 3.42
C GLU A 65 -1.15 11.45 4.85
N LYS A 66 -2.42 11.68 5.22
CA LYS A 66 -2.92 11.40 6.56
C LYS A 66 -2.95 9.91 6.89
N ILE A 67 -3.24 9.06 5.91
CA ILE A 67 -3.21 7.60 6.09
C ILE A 67 -1.77 7.07 6.12
N LEU A 68 -0.85 7.62 5.32
CA LEU A 68 0.57 7.29 5.46
C LEU A 68 1.12 7.72 6.84
N LYS A 69 0.65 8.85 7.40
CA LYS A 69 0.92 9.26 8.79
C LYS A 69 0.30 8.31 9.82
N LYS A 70 -0.91 7.78 9.59
CA LYS A 70 -1.57 6.76 10.43
C LYS A 70 -0.75 5.45 10.49
N LEU A 71 -0.19 5.03 9.34
CA LEU A 71 0.55 3.78 9.19
C LEU A 71 2.04 3.89 9.56
N GLY A 72 2.54 5.11 9.82
CA GLY A 72 3.87 5.35 10.38
C GLY A 72 5.04 5.14 9.41
N VAL A 73 4.82 5.32 8.10
CA VAL A 73 5.89 5.23 7.09
C VAL A 73 6.88 6.40 7.21
N ASP A 74 8.08 6.25 6.64
CA ASP A 74 9.13 7.28 6.68
C ASP A 74 8.75 8.56 5.90
N GLU A 75 9.24 9.72 6.34
CA GLU A 75 8.96 11.03 5.71
C GLU A 75 9.34 11.08 4.22
N GLU A 76 10.37 10.35 3.78
CA GLU A 76 10.72 10.26 2.34
C GLU A 76 9.63 9.53 1.54
N ILE A 77 8.99 8.52 2.11
CA ILE A 77 7.87 7.81 1.49
C ILE A 77 6.69 8.77 1.33
N ILE A 78 6.37 9.56 2.36
CA ILE A 78 5.26 10.52 2.30
C ILE A 78 5.51 11.58 1.22
N ARG A 79 6.65 12.27 1.25
CA ARG A 79 6.98 13.31 0.25
C ARG A 79 7.10 12.74 -1.17
N ARG A 80 7.64 11.51 -1.34
CA ARG A 80 7.83 10.93 -2.67
C ARG A 80 6.50 10.51 -3.27
N ILE A 81 5.72 9.71 -2.54
CA ILE A 81 4.42 9.20 -3.03
C ILE A 81 3.40 10.32 -3.24
N LYS A 82 3.48 11.46 -2.54
CA LYS A 82 2.68 12.66 -2.87
C LYS A 82 2.91 13.16 -4.31
N ARG A 83 4.10 13.01 -4.91
CA ARG A 83 4.34 13.28 -6.34
C ARG A 83 3.72 12.21 -7.24
N LEU A 84 3.86 10.93 -6.88
CA LEU A 84 3.22 9.81 -7.60
C LEU A 84 1.69 9.94 -7.60
N ARG A 85 1.11 10.51 -6.55
CA ARG A 85 -0.33 10.84 -6.41
C ARG A 85 -0.72 12.09 -7.21
N LYS A 86 0.11 13.14 -7.22
CA LYS A 86 -0.08 14.37 -8.02
C LYS A 86 -0.03 14.10 -9.52
N GLU A 87 0.90 13.24 -9.97
CA GLU A 87 1.04 12.79 -11.36
C GLU A 87 0.05 11.66 -11.73
N GLY A 88 -0.57 11.02 -10.74
CA GLY A 88 -1.59 9.97 -10.93
C GLY A 88 -1.06 8.67 -11.55
N GLN A 89 0.22 8.34 -11.35
CA GLN A 89 0.86 7.18 -11.98
C GLN A 89 0.51 5.86 -11.28
N ILE A 90 0.27 5.91 -9.97
CA ILE A 90 0.04 4.77 -9.10
C ILE A 90 -1.46 4.63 -8.84
N LYS A 91 -1.96 3.40 -9.02
CA LYS A 91 -3.38 3.03 -8.85
C LYS A 91 -3.64 2.42 -7.48
N LEU A 92 -2.57 1.92 -6.85
CA LEU A 92 -2.60 1.13 -5.62
C LEU A 92 -1.23 1.16 -4.94
N VAL A 93 -1.17 1.30 -3.61
CA VAL A 93 0.08 1.14 -2.83
C VAL A 93 -0.04 -0.01 -1.85
N ILE A 94 1.07 -0.71 -1.61
CA ILE A 94 1.18 -1.85 -0.69
C ILE A 94 2.23 -1.52 0.38
N ILE A 95 1.96 -1.81 1.66
CA ILE A 95 2.81 -1.39 2.78
C ILE A 95 3.07 -2.58 3.71
N GLU A 96 4.32 -2.76 4.12
CA GLU A 96 4.74 -3.71 5.16
C GLU A 96 5.29 -2.92 6.37
N GLY A 97 4.73 -3.16 7.56
CA GLY A 97 5.18 -2.46 8.78
C GLY A 97 5.00 -3.22 10.10
N SER A 98 4.60 -4.49 10.06
CA SER A 98 4.29 -5.35 11.22
C SER A 98 5.54 -5.99 11.86
N LEU A 99 6.60 -5.19 12.03
CA LEU A 99 7.96 -5.65 12.41
C LEU A 99 8.53 -4.89 13.64
N GLU A 100 7.69 -4.15 14.36
CA GLU A 100 8.08 -3.37 15.55
C GLU A 100 8.42 -4.25 16.79
N HIS A 101 9.19 -3.69 17.72
CA HIS A 101 9.54 -4.29 19.03
C HIS A 101 9.51 -3.24 20.15
N HIS A 102 9.21 -3.69 21.38
CA HIS A 102 9.10 -2.82 22.56
C HIS A 102 10.47 -2.27 23.00
N HIS A 103 10.50 -0.98 23.37
CA HIS A 103 11.69 -0.24 23.78
C HIS A 103 11.34 0.94 24.70
N HIS A 104 12.27 1.34 25.58
CA HIS A 104 12.11 2.46 26.52
C HIS A 104 13.46 3.12 26.86
N HIS A 105 13.42 4.38 27.28
CA HIS A 105 14.61 5.14 27.75
C HIS A 105 15.04 4.73 29.17
N HIS A 106 16.30 4.97 29.51
CA HIS A 106 16.91 4.74 30.84
C HIS A 106 17.99 5.80 31.16
N GLY A 1 7.22 0.78 8.36
CA GLY A 1 6.80 -0.02 7.18
C GLY A 1 7.34 0.54 5.88
N LYS A 2 7.63 -0.34 4.91
CA LYS A 2 8.09 0.04 3.55
C LYS A 2 6.95 -0.09 2.53
N LEU A 3 6.99 0.73 1.49
CA LEU A 3 5.91 0.93 0.51
C LEU A 3 6.36 0.62 -0.93
N TYR A 4 5.47 -0.01 -1.69
CA TYR A 4 5.63 -0.41 -3.08
C TYR A 4 4.61 0.29 -3.98
N GLU A 5 5.12 0.82 -5.10
CA GLU A 5 4.40 1.71 -6.02
C GLU A 5 3.84 0.88 -7.19
N VAL A 6 2.52 0.74 -7.23
CA VAL A 6 1.80 -0.19 -8.14
C VAL A 6 0.92 0.48 -9.19
N ASP A 7 1.10 0.10 -10.47
CA ASP A 7 0.26 0.50 -11.61
C ASP A 7 -0.06 -0.68 -12.58
N SER A 8 0.41 -1.90 -12.29
CA SER A 8 0.24 -3.08 -13.15
C SER A 8 -0.27 -4.31 -12.37
N PRO A 9 -1.18 -5.13 -12.94
CA PRO A 9 -1.66 -6.34 -12.27
C PRO A 9 -0.56 -7.37 -12.06
N ASP A 10 0.42 -7.42 -12.97
CA ASP A 10 1.57 -8.31 -12.82
C ASP A 10 2.43 -7.90 -11.62
N SER A 11 2.52 -6.60 -11.31
CA SER A 11 3.20 -6.08 -10.12
C SER A 11 2.43 -6.40 -8.84
N VAL A 12 1.09 -6.39 -8.87
CA VAL A 12 0.26 -6.88 -7.74
C VAL A 12 0.59 -8.35 -7.45
N GLU A 13 0.65 -9.21 -8.48
CA GLU A 13 1.01 -10.61 -8.32
C GLU A 13 2.46 -10.80 -7.82
N LYS A 14 3.42 -10.03 -8.35
CA LYS A 14 4.84 -10.13 -7.96
C LYS A 14 5.08 -9.69 -6.52
N ILE A 15 4.44 -8.60 -6.09
CA ILE A 15 4.53 -8.15 -4.69
C ILE A 15 3.81 -9.14 -3.76
N ALA A 16 2.65 -9.67 -4.16
CA ALA A 16 1.95 -10.72 -3.41
C ALA A 16 2.81 -11.99 -3.25
N ARG A 17 3.56 -12.38 -4.29
CA ARG A 17 4.53 -13.49 -4.26
C ARG A 17 5.74 -13.21 -3.36
N GLU A 18 6.22 -11.96 -3.28
CA GLU A 18 7.30 -11.56 -2.36
C GLU A 18 6.82 -11.48 -0.90
N LEU A 19 5.56 -11.11 -0.67
CA LEU A 19 4.90 -11.08 0.65
C LEU A 19 4.35 -12.45 1.09
N GLY A 20 4.41 -13.47 0.23
CA GLY A 20 3.97 -14.84 0.53
C GLY A 20 2.44 -15.01 0.67
N LEU A 21 1.66 -14.18 -0.04
CA LEU A 21 0.19 -14.16 0.03
C LEU A 21 -0.46 -15.42 -0.59
N SER A 22 -1.59 -15.84 -0.02
CA SER A 22 -2.47 -16.89 -0.56
C SER A 22 -3.40 -16.36 -1.65
N GLU A 23 -4.07 -17.24 -2.40
CA GLU A 23 -5.03 -16.87 -3.45
C GLU A 23 -6.08 -15.86 -2.98
N GLU A 24 -6.71 -16.12 -1.83
CA GLU A 24 -7.77 -15.24 -1.28
C GLU A 24 -7.23 -13.83 -0.94
N GLN A 25 -6.00 -13.74 -0.46
CA GLN A 25 -5.34 -12.49 -0.08
C GLN A 25 -4.89 -11.69 -1.33
N LEU A 26 -4.32 -12.37 -2.33
CA LEU A 26 -3.98 -11.77 -3.63
C LEU A 26 -5.24 -11.28 -4.35
N ARG A 27 -6.25 -12.15 -4.51
CA ARG A 27 -7.45 -11.90 -5.30
C ARG A 27 -8.28 -10.72 -4.75
N ARG A 28 -8.25 -10.49 -3.43
CA ARG A 28 -8.80 -9.26 -2.82
C ARG A 28 -8.12 -8.01 -3.37
N ILE A 29 -6.79 -7.99 -3.45
CA ILE A 29 -6.03 -6.82 -3.92
C ILE A 29 -6.26 -6.62 -5.42
N GLN A 30 -6.35 -7.70 -6.20
CA GLN A 30 -6.69 -7.64 -7.63
C GLN A 30 -8.07 -7.01 -7.88
N LYS A 31 -9.07 -7.29 -7.04
CA LYS A 31 -10.39 -6.63 -7.09
C LYS A 31 -10.29 -5.14 -6.78
N GLU A 32 -9.56 -4.75 -5.74
CA GLU A 32 -9.36 -3.34 -5.40
C GLU A 32 -8.57 -2.59 -6.49
N PHE A 33 -7.59 -3.25 -7.12
CA PHE A 33 -6.78 -2.72 -8.22
C PHE A 33 -7.62 -2.41 -9.47
N GLU A 34 -8.50 -3.33 -9.90
CA GLU A 34 -9.35 -3.06 -11.06
C GLU A 34 -10.45 -2.02 -10.75
N ARG A 35 -11.02 -2.03 -9.54
CA ARG A 35 -12.02 -1.03 -9.11
C ARG A 35 -11.42 0.36 -8.89
N ALA A 36 -10.16 0.45 -8.47
CA ALA A 36 -9.40 1.70 -8.42
C ALA A 36 -9.28 2.35 -9.82
N GLU A 37 -8.99 1.56 -10.86
CA GLU A 37 -8.93 2.06 -12.24
C GLU A 37 -10.32 2.40 -12.81
N ARG A 38 -11.35 1.59 -12.51
CA ARG A 38 -12.74 1.83 -12.95
C ARG A 38 -13.37 3.09 -12.35
N LYS A 39 -13.16 3.33 -11.05
CA LYS A 39 -13.77 4.45 -10.30
C LYS A 39 -12.88 5.69 -10.16
N GLY A 40 -11.61 5.60 -10.53
CA GLY A 40 -10.64 6.71 -10.45
C GLY A 40 -10.15 7.03 -9.02
N LYS A 41 -10.31 6.10 -8.07
CA LYS A 41 -9.89 6.23 -6.67
C LYS A 41 -8.48 5.68 -6.44
N LEU A 42 -7.73 6.27 -5.51
CA LEU A 42 -6.42 5.76 -5.07
C LEU A 42 -6.63 4.85 -3.85
N VAL A 43 -5.98 3.69 -3.85
CA VAL A 43 -6.08 2.68 -2.77
C VAL A 43 -4.73 2.42 -2.12
N ILE A 44 -4.75 2.32 -0.79
CA ILE A 44 -3.62 1.98 0.07
C ILE A 44 -3.88 0.60 0.65
N VAL A 45 -2.93 -0.32 0.47
CA VAL A 45 -2.99 -1.71 0.90
C VAL A 45 -1.87 -2.00 1.89
N TYR A 46 -2.18 -2.77 2.92
CA TYR A 46 -1.27 -3.08 4.02
C TYR A 46 -1.22 -4.58 4.30
N LEU A 47 -0.03 -5.12 4.58
CA LEU A 47 0.21 -6.52 4.97
C LEU A 47 0.84 -6.57 6.36
N THR A 48 0.16 -7.22 7.31
CA THR A 48 0.55 -7.29 8.74
C THR A 48 1.52 -8.43 9.05
N SER A 49 2.13 -8.41 10.24
CA SER A 49 2.94 -9.52 10.78
C SER A 49 2.15 -10.85 10.93
N ASP A 50 0.81 -10.78 11.01
CA ASP A 50 -0.09 -11.94 11.06
C ASP A 50 -0.47 -12.49 9.66
N GLY A 51 -0.04 -11.82 8.58
CA GLY A 51 -0.37 -12.18 7.19
C GLY A 51 -1.75 -11.68 6.73
N LYS A 52 -2.38 -10.79 7.49
CA LYS A 52 -3.66 -10.15 7.17
C LYS A 52 -3.45 -9.04 6.14
N VAL A 53 -4.28 -9.00 5.10
CA VAL A 53 -4.35 -7.86 4.16
C VAL A 53 -5.45 -6.89 4.59
N GLU A 54 -5.15 -5.60 4.54
CA GLU A 54 -6.06 -4.50 4.90
C GLU A 54 -6.06 -3.41 3.82
N ILE A 55 -7.21 -2.77 3.59
CA ILE A 55 -7.48 -1.86 2.47
C ILE A 55 -8.04 -0.51 2.98
N ARG A 56 -7.57 0.62 2.41
CA ARG A 56 -8.14 1.96 2.59
C ARG A 56 -8.18 2.72 1.27
N GLU A 57 -9.33 3.31 0.95
CA GLU A 57 -9.55 4.19 -0.21
C GLU A 57 -9.43 5.67 0.19
N VAL A 58 -9.03 6.55 -0.74
CA VAL A 58 -8.97 8.01 -0.50
C VAL A 58 -9.78 8.84 -1.50
N THR A 59 -10.39 9.92 -1.00
CA THR A 59 -11.08 10.96 -1.78
C THR A 59 -10.17 12.14 -2.16
N SER A 60 -9.10 12.37 -1.39
CA SER A 60 -8.17 13.51 -1.52
C SER A 60 -6.75 13.16 -1.06
N GLU A 61 -5.76 13.95 -1.46
CA GLU A 61 -4.39 13.86 -0.97
C GLU A 61 -4.25 14.20 0.52
N GLU A 62 -5.21 14.96 1.07
CA GLU A 62 -5.33 15.24 2.50
C GLU A 62 -5.57 13.98 3.35
N GLU A 63 -6.30 13.00 2.80
CA GLU A 63 -6.43 11.66 3.39
C GLU A 63 -5.15 10.82 3.18
N LEU A 64 -4.61 10.79 1.96
CA LEU A 64 -3.41 10.00 1.60
C LEU A 64 -2.25 10.26 2.55
N GLU A 65 -1.93 11.55 2.81
CA GLU A 65 -0.87 11.93 3.74
C GLU A 65 -1.17 11.46 5.18
N LYS A 66 -2.44 11.57 5.61
CA LYS A 66 -2.88 11.22 6.97
C LYS A 66 -2.75 9.72 7.23
N ILE A 67 -3.11 8.91 6.23
CA ILE A 67 -3.04 7.45 6.29
C ILE A 67 -1.58 6.98 6.28
N LEU A 68 -0.73 7.53 5.41
CA LEU A 68 0.70 7.18 5.42
C LEU A 68 1.39 7.57 6.75
N LYS A 69 1.02 8.71 7.35
CA LYS A 69 1.47 9.10 8.70
C LYS A 69 0.96 8.12 9.79
N LYS A 70 -0.30 7.66 9.69
CA LYS A 70 -0.90 6.68 10.62
C LYS A 70 -0.27 5.29 10.52
N LEU A 71 0.12 4.86 9.32
CA LEU A 71 0.74 3.55 9.05
C LEU A 71 2.25 3.49 9.35
N GLY A 72 2.87 4.62 9.69
CA GLY A 72 4.26 4.68 10.18
C GLY A 72 5.32 4.47 9.08
N VAL A 73 5.05 4.87 7.83
CA VAL A 73 6.07 4.91 6.77
C VAL A 73 6.99 6.14 6.95
N ASP A 74 8.20 6.09 6.40
CA ASP A 74 9.18 7.17 6.52
C ASP A 74 8.78 8.45 5.76
N GLU A 75 9.20 9.62 6.24
CA GLU A 75 8.83 10.93 5.66
C GLU A 75 9.23 11.08 4.17
N GLU A 76 10.35 10.47 3.75
CA GLU A 76 10.74 10.42 2.34
C GLU A 76 9.70 9.68 1.49
N ILE A 77 9.15 8.58 2.00
CA ILE A 77 8.10 7.81 1.32
C ILE A 77 6.86 8.69 1.14
N ILE A 78 6.44 9.42 2.18
CA ILE A 78 5.25 10.28 2.11
C ILE A 78 5.43 11.40 1.06
N ARG A 79 6.53 12.17 1.13
CA ARG A 79 6.80 13.26 0.16
C ARG A 79 7.04 12.76 -1.26
N ARG A 80 7.69 11.59 -1.44
CA ARG A 80 8.01 11.04 -2.76
C ARG A 80 6.75 10.46 -3.42
N ILE A 81 5.98 9.67 -2.67
CA ILE A 81 4.70 9.12 -3.16
C ILE A 81 3.68 10.23 -3.46
N LYS A 82 3.63 11.33 -2.69
CA LYS A 82 2.80 12.51 -3.06
C LYS A 82 3.16 13.08 -4.43
N ARG A 83 4.44 13.08 -4.85
CA ARG A 83 4.87 13.52 -6.20
C ARG A 83 4.38 12.55 -7.27
N LEU A 84 4.54 11.23 -7.06
CA LEU A 84 4.07 10.22 -8.01
C LEU A 84 2.55 10.24 -8.18
N ARG A 85 1.83 10.50 -7.08
CA ARG A 85 0.35 10.55 -7.03
C ARG A 85 -0.21 11.85 -7.62
N LYS A 86 0.49 12.98 -7.44
CA LYS A 86 0.16 14.28 -8.07
C LYS A 86 0.30 14.22 -9.59
N GLU A 87 1.32 13.52 -10.09
CA GLU A 87 1.53 13.28 -11.52
C GLU A 87 0.74 12.07 -12.07
N GLY A 88 0.01 11.35 -11.22
CA GLY A 88 -0.91 10.27 -11.61
C GLY A 88 -0.21 9.00 -12.11
N GLN A 89 1.01 8.72 -11.64
CA GLN A 89 1.83 7.58 -12.08
C GLN A 89 1.38 6.25 -11.46
N ILE A 90 0.70 6.31 -10.30
CA ILE A 90 0.35 5.20 -9.42
C ILE A 90 -1.13 5.31 -9.03
N LYS A 91 -1.87 4.19 -9.14
CA LYS A 91 -3.28 4.06 -8.74
C LYS A 91 -3.50 3.21 -7.49
N LEU A 92 -2.44 2.53 -7.03
CA LEU A 92 -2.47 1.65 -5.85
C LEU A 92 -1.08 1.58 -5.19
N VAL A 93 -1.03 1.58 -3.86
CA VAL A 93 0.21 1.35 -3.09
C VAL A 93 0.06 0.18 -2.13
N ILE A 94 1.14 -0.59 -1.95
CA ILE A 94 1.19 -1.75 -1.06
C ILE A 94 2.25 -1.54 0.01
N ILE A 95 1.94 -1.82 1.28
CA ILE A 95 2.81 -1.52 2.43
C ILE A 95 3.04 -2.77 3.28
N GLU A 96 4.29 -2.99 3.69
CA GLU A 96 4.72 -4.14 4.49
C GLU A 96 5.02 -3.71 5.94
N GLY A 97 4.26 -4.29 6.89
CA GLY A 97 4.35 -4.02 8.34
C GLY A 97 4.91 -5.18 9.17
N SER A 98 5.49 -6.21 8.52
CA SER A 98 5.88 -7.49 9.13
C SER A 98 7.39 -7.63 9.45
N LEU A 99 8.16 -6.55 9.23
CA LEU A 99 9.62 -6.56 9.24
C LEU A 99 10.19 -6.00 10.56
N GLU A 100 10.00 -6.78 11.62
CA GLU A 100 10.62 -6.58 12.95
C GLU A 100 10.40 -5.18 13.56
N HIS A 101 9.15 -4.69 13.50
CA HIS A 101 8.72 -3.35 13.92
C HIS A 101 8.63 -3.18 15.45
N HIS A 102 9.69 -3.53 16.17
CA HIS A 102 9.87 -3.28 17.61
C HIS A 102 10.20 -1.81 17.91
N HIS A 103 9.81 -1.33 19.10
CA HIS A 103 10.19 -0.02 19.65
C HIS A 103 10.35 -0.07 21.18
N HIS A 104 11.37 0.62 21.70
CA HIS A 104 11.59 0.86 23.13
C HIS A 104 12.39 2.16 23.37
N HIS A 105 13.54 2.30 22.70
CA HIS A 105 14.44 3.46 22.74
C HIS A 105 14.92 3.85 24.16
N HIS A 106 15.57 5.02 24.30
CA HIS A 106 16.08 5.56 25.57
C HIS A 106 15.89 7.10 25.65
N GLY A 1 8.58 0.98 8.49
CA GLY A 1 7.68 0.38 7.49
C GLY A 1 7.97 0.91 6.10
N LYS A 2 7.90 0.05 5.07
CA LYS A 2 8.27 0.35 3.67
C LYS A 2 7.09 0.14 2.72
N LEU A 3 7.06 0.95 1.66
CA LEU A 3 6.00 1.03 0.65
C LEU A 3 6.52 0.64 -0.73
N TYR A 4 5.68 -0.08 -1.49
CA TYR A 4 5.90 -0.56 -2.85
C TYR A 4 4.94 0.13 -3.81
N GLU A 5 5.53 0.77 -4.82
CA GLU A 5 4.83 1.60 -5.82
C GLU A 5 4.30 0.72 -6.95
N VAL A 6 2.97 0.57 -7.02
CA VAL A 6 2.28 -0.35 -7.95
C VAL A 6 1.46 0.37 -9.03
N ASP A 7 1.86 0.18 -10.29
CA ASP A 7 1.20 0.74 -11.48
C ASP A 7 0.37 -0.27 -12.30
N SER A 8 0.62 -1.57 -12.14
CA SER A 8 -0.05 -2.66 -12.88
C SER A 8 -0.69 -3.71 -11.97
N PRO A 9 -1.74 -4.42 -12.43
CA PRO A 9 -2.33 -5.54 -11.69
C PRO A 9 -1.38 -6.73 -11.60
N ASP A 10 -0.47 -6.89 -12.55
CA ASP A 10 0.48 -8.00 -12.58
C ASP A 10 1.56 -7.86 -11.50
N SER A 11 1.99 -6.63 -11.19
CA SER A 11 2.93 -6.34 -10.11
C SER A 11 2.39 -6.72 -8.73
N VAL A 12 1.06 -6.69 -8.54
CA VAL A 12 0.40 -7.18 -7.33
C VAL A 12 0.74 -8.66 -7.09
N GLU A 13 0.71 -9.50 -8.13
CA GLU A 13 1.06 -10.93 -8.02
C GLU A 13 2.54 -11.13 -7.69
N LYS A 14 3.42 -10.35 -8.32
CA LYS A 14 4.88 -10.40 -8.09
C LYS A 14 5.21 -10.08 -6.64
N ILE A 15 4.60 -9.05 -6.08
CA ILE A 15 4.76 -8.66 -4.67
C ILE A 15 4.09 -9.70 -3.75
N ALA A 16 2.87 -10.14 -4.04
CA ALA A 16 2.16 -11.15 -3.26
C ALA A 16 2.95 -12.47 -3.12
N ARG A 17 3.65 -12.88 -4.18
CA ARG A 17 4.52 -14.07 -4.19
C ARG A 17 5.81 -13.87 -3.39
N GLU A 18 6.33 -12.65 -3.26
CA GLU A 18 7.44 -12.32 -2.34
C GLU A 18 6.98 -12.21 -0.87
N LEU A 19 5.76 -11.72 -0.62
CA LEU A 19 5.17 -11.59 0.72
C LEU A 19 4.53 -12.89 1.25
N GLY A 20 4.43 -13.94 0.42
CA GLY A 20 3.87 -15.25 0.77
C GLY A 20 2.34 -15.25 0.94
N LEU A 21 1.64 -14.35 0.23
CA LEU A 21 0.20 -14.14 0.33
C LEU A 21 -0.64 -15.31 -0.24
N SER A 22 -1.89 -15.44 0.21
CA SER A 22 -2.83 -16.46 -0.28
C SER A 22 -3.52 -16.04 -1.59
N GLU A 23 -4.01 -17.00 -2.38
CA GLU A 23 -4.62 -16.73 -3.70
C GLU A 23 -5.88 -15.85 -3.61
N GLU A 24 -6.72 -16.05 -2.59
CA GLU A 24 -7.91 -15.23 -2.34
C GLU A 24 -7.54 -13.79 -1.92
N GLN A 25 -6.44 -13.63 -1.17
CA GLN A 25 -5.92 -12.33 -0.74
C GLN A 25 -5.26 -11.57 -1.90
N LEU A 26 -4.58 -12.28 -2.81
CA LEU A 26 -4.10 -11.73 -4.08
C LEU A 26 -5.28 -11.25 -4.93
N ARG A 27 -6.28 -12.10 -5.17
CA ARG A 27 -7.47 -11.75 -5.98
C ARG A 27 -8.27 -10.58 -5.40
N ARG A 28 -8.32 -10.43 -4.06
CA ARG A 28 -8.85 -9.25 -3.38
C ARG A 28 -8.12 -7.98 -3.81
N ILE A 29 -6.79 -7.93 -3.77
CA ILE A 29 -6.03 -6.71 -4.10
C ILE A 29 -6.23 -6.36 -5.57
N GLN A 30 -6.27 -7.36 -6.45
CA GLN A 30 -6.54 -7.16 -7.88
C GLN A 30 -7.97 -6.63 -8.13
N LYS A 31 -8.97 -7.05 -7.35
CA LYS A 31 -10.34 -6.50 -7.37
C LYS A 31 -10.37 -5.04 -6.90
N GLU A 32 -9.63 -4.71 -5.83
CA GLU A 32 -9.52 -3.33 -5.35
C GLU A 32 -8.75 -2.42 -6.33
N PHE A 33 -7.75 -2.95 -7.04
CA PHE A 33 -7.01 -2.24 -8.09
C PHE A 33 -7.94 -1.82 -9.25
N GLU A 34 -8.76 -2.74 -9.76
CA GLU A 34 -9.70 -2.39 -10.85
C GLU A 34 -10.83 -1.48 -10.39
N ARG A 35 -11.31 -1.63 -9.14
CA ARG A 35 -12.27 -0.69 -8.53
C ARG A 35 -11.68 0.71 -8.34
N ALA A 36 -10.42 0.82 -7.92
CA ALA A 36 -9.70 2.09 -7.80
C ALA A 36 -9.56 2.78 -9.18
N GLU A 37 -9.21 2.02 -10.22
CA GLU A 37 -9.10 2.50 -11.60
C GLU A 37 -10.46 3.00 -12.15
N ARG A 38 -11.54 2.24 -11.94
CA ARG A 38 -12.89 2.62 -12.41
C ARG A 38 -13.46 3.83 -11.67
N LYS A 39 -13.21 3.95 -10.36
CA LYS A 39 -13.67 5.06 -9.52
C LYS A 39 -12.74 6.29 -9.57
N GLY A 40 -11.59 6.19 -10.24
CA GLY A 40 -10.62 7.28 -10.43
C GLY A 40 -9.84 7.67 -9.17
N LYS A 41 -9.60 6.72 -8.25
CA LYS A 41 -8.91 6.92 -6.97
C LYS A 41 -7.63 6.10 -6.82
N LEU A 42 -6.89 6.36 -5.73
CA LEU A 42 -5.75 5.58 -5.24
C LEU A 42 -6.21 4.67 -4.08
N VAL A 43 -5.73 3.43 -4.04
CA VAL A 43 -5.97 2.49 -2.93
C VAL A 43 -4.65 2.09 -2.26
N ILE A 44 -4.71 2.01 -0.93
CA ILE A 44 -3.61 1.73 -0.01
C ILE A 44 -3.83 0.34 0.59
N VAL A 45 -2.82 -0.52 0.50
CA VAL A 45 -2.85 -1.93 0.91
C VAL A 45 -1.74 -2.19 1.91
N TYR A 46 -2.02 -2.99 2.93
CA TYR A 46 -1.13 -3.21 4.07
C TYR A 46 -0.97 -4.70 4.42
N LEU A 47 0.26 -5.11 4.74
CA LEU A 47 0.63 -6.46 5.20
C LEU A 47 0.90 -6.48 6.70
N THR A 48 0.26 -7.40 7.43
CA THR A 48 0.44 -7.58 8.88
C THR A 48 1.45 -8.69 9.23
N SER A 49 1.88 -8.75 10.49
CA SER A 49 2.77 -9.80 11.03
C SER A 49 2.14 -11.20 10.98
N ASP A 50 0.81 -11.27 10.99
CA ASP A 50 0.04 -12.51 10.79
C ASP A 50 -0.11 -12.90 9.29
N GLY A 51 0.38 -12.06 8.37
CA GLY A 51 0.31 -12.28 6.92
C GLY A 51 -1.04 -11.92 6.30
N LYS A 52 -1.90 -11.21 7.03
CA LYS A 52 -3.21 -10.73 6.54
C LYS A 52 -3.04 -9.46 5.69
N VAL A 53 -4.01 -9.21 4.82
CA VAL A 53 -4.15 -7.96 4.06
C VAL A 53 -5.20 -7.03 4.67
N GLU A 54 -4.93 -5.73 4.66
CA GLU A 54 -5.86 -4.65 4.99
C GLU A 54 -5.91 -3.61 3.85
N ILE A 55 -7.07 -2.99 3.62
CA ILE A 55 -7.39 -2.11 2.47
C ILE A 55 -7.93 -0.76 2.95
N ARG A 56 -7.50 0.34 2.33
CA ARG A 56 -8.06 1.70 2.49
C ARG A 56 -8.15 2.44 1.15
N GLU A 57 -9.26 3.15 0.93
CA GLU A 57 -9.50 4.07 -0.19
C GLU A 57 -9.24 5.54 0.21
N VAL A 58 -8.79 6.39 -0.72
CA VAL A 58 -8.72 7.85 -0.51
C VAL A 58 -9.84 8.57 -1.27
N THR A 59 -10.46 9.58 -0.64
CA THR A 59 -11.45 10.49 -1.24
C THR A 59 -10.85 11.82 -1.70
N SER A 60 -9.75 12.25 -1.09
CA SER A 60 -9.06 13.53 -1.33
C SER A 60 -7.54 13.41 -1.12
N GLU A 61 -6.79 14.43 -1.53
CA GLU A 61 -5.33 14.52 -1.45
C GLU A 61 -4.81 14.40 0.00
N GLU A 62 -5.47 15.09 0.93
CA GLU A 62 -5.15 15.09 2.37
C GLU A 62 -5.16 13.69 2.98
N GLU A 63 -6.14 12.88 2.57
CA GLU A 63 -6.34 11.52 3.11
C GLU A 63 -5.10 10.64 2.91
N LEU A 64 -4.48 10.66 1.72
CA LEU A 64 -3.26 9.89 1.44
C LEU A 64 -2.15 10.18 2.46
N GLU A 65 -1.90 11.46 2.75
CA GLU A 65 -0.94 11.86 3.78
C GLU A 65 -1.36 11.38 5.18
N LYS A 66 -2.65 11.49 5.53
CA LYS A 66 -3.18 11.18 6.85
C LYS A 66 -3.11 9.69 7.16
N ILE A 67 -3.36 8.86 6.16
CA ILE A 67 -3.25 7.39 6.23
C ILE A 67 -1.78 6.98 6.31
N LEU A 68 -0.90 7.53 5.46
CA LEU A 68 0.53 7.19 5.49
C LEU A 68 1.19 7.61 6.81
N LYS A 69 0.81 8.75 7.41
CA LYS A 69 1.20 9.16 8.77
C LYS A 69 0.72 8.16 9.83
N LYS A 70 -0.51 7.66 9.73
CA LYS A 70 -1.10 6.68 10.65
C LYS A 70 -0.50 5.27 10.52
N LEU A 71 -0.06 4.89 9.32
CA LEU A 71 0.63 3.61 9.05
C LEU A 71 2.15 3.66 9.38
N GLY A 72 2.69 4.83 9.70
CA GLY A 72 4.04 5.00 10.23
C GLY A 72 5.17 4.88 9.20
N VAL A 73 4.92 5.20 7.92
CA VAL A 73 5.96 5.25 6.88
C VAL A 73 6.88 6.48 7.05
N ASP A 74 8.08 6.43 6.48
CA ASP A 74 9.05 7.54 6.55
C ASP A 74 8.61 8.79 5.77
N GLU A 75 9.04 9.98 6.19
CA GLU A 75 8.64 11.25 5.58
C GLU A 75 9.08 11.38 4.12
N GLU A 76 10.19 10.74 3.72
CA GLU A 76 10.63 10.59 2.32
C GLU A 76 9.53 9.93 1.47
N ILE A 77 8.93 8.84 1.99
CA ILE A 77 7.89 8.07 1.31
C ILE A 77 6.64 8.95 1.15
N ILE A 78 6.26 9.69 2.19
CA ILE A 78 5.10 10.59 2.15
C ILE A 78 5.27 11.67 1.07
N ARG A 79 6.39 12.39 1.05
CA ARG A 79 6.64 13.43 0.03
C ARG A 79 6.84 12.86 -1.37
N ARG A 80 7.47 11.70 -1.50
CA ARG A 80 7.84 11.10 -2.80
C ARG A 80 6.61 10.50 -3.47
N ILE A 81 5.88 9.66 -2.73
CA ILE A 81 4.66 8.98 -3.24
C ILE A 81 3.54 9.97 -3.56
N LYS A 82 3.38 11.09 -2.83
CA LYS A 82 2.46 12.17 -3.24
C LYS A 82 2.81 12.73 -4.62
N ARG A 83 4.09 12.79 -5.02
CA ARG A 83 4.51 13.24 -6.37
C ARG A 83 4.13 12.21 -7.44
N LEU A 84 4.33 10.92 -7.16
CA LEU A 84 3.92 9.82 -8.06
C LEU A 84 2.39 9.76 -8.26
N ARG A 85 1.62 10.12 -7.23
CA ARG A 85 0.16 10.31 -7.30
C ARG A 85 -0.19 11.55 -8.10
N LYS A 86 0.49 12.68 -7.89
CA LYS A 86 0.26 13.97 -8.59
C LYS A 86 0.41 13.83 -10.11
N GLU A 87 1.46 13.16 -10.57
CA GLU A 87 1.70 12.89 -11.99
C GLU A 87 0.87 11.72 -12.56
N GLY A 88 0.28 10.92 -11.67
CA GLY A 88 -0.66 9.84 -11.99
C GLY A 88 0.00 8.53 -12.44
N GLN A 89 1.21 8.23 -11.94
CA GLN A 89 1.98 7.04 -12.34
C GLN A 89 1.52 5.77 -11.60
N ILE A 90 0.95 5.93 -10.40
CA ILE A 90 0.63 4.86 -9.47
C ILE A 90 -0.88 4.82 -9.21
N LYS A 91 -1.46 3.62 -9.29
CA LYS A 91 -2.89 3.33 -9.06
C LYS A 91 -3.14 2.65 -7.71
N LEU A 92 -2.07 2.13 -7.11
CA LEU A 92 -2.10 1.29 -5.90
C LEU A 92 -0.77 1.40 -5.14
N VAL A 93 -0.81 1.39 -3.81
CA VAL A 93 0.40 1.25 -2.98
C VAL A 93 0.25 0.10 -2.01
N ILE A 94 1.32 -0.69 -1.86
CA ILE A 94 1.36 -1.86 -0.98
C ILE A 94 2.41 -1.62 0.11
N ILE A 95 2.09 -1.85 1.38
CA ILE A 95 2.92 -1.45 2.52
C ILE A 95 3.17 -2.63 3.45
N GLU A 96 4.38 -2.74 3.99
CA GLU A 96 4.77 -3.69 5.04
C GLU A 96 5.32 -2.90 6.25
N GLY A 97 4.68 -3.01 7.42
CA GLY A 97 5.04 -2.15 8.56
C GLY A 97 4.65 -2.64 9.96
N SER A 98 4.31 -3.92 10.11
CA SER A 98 3.71 -4.49 11.33
C SER A 98 4.67 -4.67 12.53
N LEU A 99 5.92 -4.22 12.41
CA LEU A 99 7.00 -4.36 13.39
C LEU A 99 6.94 -3.24 14.45
N GLU A 100 5.73 -2.87 14.89
CA GLU A 100 5.47 -1.75 15.78
C GLU A 100 6.03 -1.97 17.20
N HIS A 101 6.64 -0.93 17.77
CA HIS A 101 7.30 -0.91 19.08
C HIS A 101 7.28 0.50 19.69
N HIS A 102 7.35 0.58 21.03
CA HIS A 102 7.17 1.82 21.79
C HIS A 102 8.22 1.99 22.91
N HIS A 103 8.57 3.24 23.23
CA HIS A 103 9.47 3.65 24.31
C HIS A 103 8.85 4.80 25.14
N HIS A 104 9.31 4.98 26.38
CA HIS A 104 8.85 6.05 27.28
C HIS A 104 9.97 6.59 28.19
N HIS A 105 9.69 7.71 28.87
CA HIS A 105 10.55 8.36 29.85
C HIS A 105 10.09 8.09 31.30
N HIS A 106 10.78 8.67 32.29
CA HIS A 106 10.46 8.61 33.72
C HIS A 106 10.37 10.02 34.34
N GLY A 1 8.40 0.74 8.15
CA GLY A 1 7.71 -0.02 7.08
C GLY A 1 7.93 0.61 5.72
N LYS A 2 8.16 -0.20 4.68
CA LYS A 2 8.42 0.24 3.30
C LYS A 2 7.20 0.10 2.40
N LEU A 3 7.14 0.94 1.36
CA LEU A 3 5.99 1.10 0.46
C LEU A 3 6.40 0.83 -1.01
N TYR A 4 5.55 0.10 -1.72
CA TYR A 4 5.73 -0.34 -3.11
C TYR A 4 4.71 0.33 -4.04
N GLU A 5 5.24 0.92 -5.12
CA GLU A 5 4.51 1.74 -6.07
C GLU A 5 3.91 0.87 -7.20
N VAL A 6 2.57 0.74 -7.18
CA VAL A 6 1.81 -0.18 -8.06
C VAL A 6 0.84 0.52 -9.04
N ASP A 7 0.87 0.11 -10.31
CA ASP A 7 -0.04 0.58 -11.36
C ASP A 7 -0.56 -0.52 -12.32
N SER A 8 -0.13 -1.78 -12.16
CA SER A 8 -0.54 -2.92 -13.00
C SER A 8 -0.98 -4.14 -12.18
N PRO A 9 -1.87 -5.00 -12.72
CA PRO A 9 -2.23 -6.28 -12.08
C PRO A 9 -1.05 -7.25 -11.98
N ASP A 10 -0.05 -7.10 -12.85
CA ASP A 10 1.15 -7.92 -12.83
C ASP A 10 2.05 -7.56 -11.64
N SER A 11 2.17 -6.26 -11.30
CA SER A 11 2.91 -5.82 -10.11
C SER A 11 2.22 -6.28 -8.82
N VAL A 12 0.88 -6.34 -8.81
CA VAL A 12 0.10 -6.95 -7.72
C VAL A 12 0.47 -8.43 -7.55
N GLU A 13 0.47 -9.21 -8.64
CA GLU A 13 0.85 -10.62 -8.63
C GLU A 13 2.29 -10.86 -8.15
N LYS A 14 3.24 -10.03 -8.62
CA LYS A 14 4.67 -10.15 -8.27
C LYS A 14 4.95 -9.78 -6.82
N ILE A 15 4.36 -8.70 -6.31
CA ILE A 15 4.52 -8.29 -4.91
C ILE A 15 3.81 -9.27 -3.97
N ALA A 16 2.63 -9.78 -4.36
CA ALA A 16 1.88 -10.76 -3.57
C ALA A 16 2.68 -12.04 -3.28
N ARG A 17 3.43 -12.57 -4.26
CA ARG A 17 4.30 -13.74 -4.06
C ARG A 17 5.58 -13.43 -3.28
N GLU A 18 6.09 -12.19 -3.32
CA GLU A 18 7.19 -11.76 -2.44
C GLU A 18 6.74 -11.56 -0.98
N LEU A 19 5.49 -11.13 -0.77
CA LEU A 19 4.84 -11.02 0.54
C LEU A 19 4.26 -12.36 1.06
N GLY A 20 4.27 -13.41 0.24
CA GLY A 20 3.78 -14.75 0.60
C GLY A 20 2.25 -14.86 0.76
N LEU A 21 1.48 -14.03 0.05
CA LEU A 21 0.02 -13.97 0.15
C LEU A 21 -0.67 -15.23 -0.44
N SER A 22 -1.86 -15.54 0.07
CA SER A 22 -2.73 -16.62 -0.44
C SER A 22 -3.45 -16.21 -1.73
N GLU A 23 -3.96 -17.17 -2.49
CA GLU A 23 -4.65 -16.91 -3.78
C GLU A 23 -5.92 -16.04 -3.60
N GLU A 24 -6.65 -16.23 -2.51
CA GLU A 24 -7.83 -15.41 -2.17
C GLU A 24 -7.45 -13.98 -1.76
N GLN A 25 -6.33 -13.80 -1.04
CA GLN A 25 -5.78 -12.48 -0.73
C GLN A 25 -5.30 -11.77 -2.02
N LEU A 26 -4.67 -12.51 -2.93
CA LEU A 26 -4.27 -11.98 -4.25
C LEU A 26 -5.49 -11.50 -5.04
N ARG A 27 -6.50 -12.37 -5.24
CA ARG A 27 -7.73 -12.06 -5.99
C ARG A 27 -8.51 -10.89 -5.39
N ARG A 28 -8.47 -10.72 -4.08
CA ARG A 28 -9.08 -9.59 -3.35
C ARG A 28 -8.41 -8.26 -3.74
N ILE A 29 -7.08 -8.20 -3.70
CA ILE A 29 -6.32 -6.99 -4.04
C ILE A 29 -6.51 -6.66 -5.53
N GLN A 30 -6.52 -7.68 -6.39
CA GLN A 30 -6.76 -7.53 -7.83
C GLN A 30 -8.15 -6.94 -8.14
N LYS A 31 -9.20 -7.37 -7.42
CA LYS A 31 -10.56 -6.81 -7.56
C LYS A 31 -10.61 -5.36 -7.08
N GLU A 32 -10.14 -5.06 -5.86
CA GLU A 32 -10.18 -3.67 -5.37
C GLU A 32 -9.33 -2.72 -6.25
N PHE A 33 -8.20 -3.19 -6.78
CA PHE A 33 -7.35 -2.48 -7.74
C PHE A 33 -8.12 -2.11 -9.02
N GLU A 34 -8.81 -3.06 -9.66
CA GLU A 34 -9.53 -2.78 -10.90
C GLU A 34 -10.80 -1.94 -10.68
N ARG A 35 -11.49 -2.11 -9.54
CA ARG A 35 -12.60 -1.23 -9.11
C ARG A 35 -12.12 0.20 -8.82
N ALA A 36 -10.94 0.36 -8.23
CA ALA A 36 -10.30 1.65 -7.99
C ALA A 36 -9.90 2.35 -9.31
N GLU A 37 -9.37 1.58 -10.27
CA GLU A 37 -9.06 2.07 -11.62
C GLU A 37 -10.32 2.57 -12.36
N ARG A 38 -11.45 1.84 -12.28
CA ARG A 38 -12.74 2.25 -12.87
C ARG A 38 -13.28 3.58 -12.30
N LYS A 39 -13.14 3.77 -10.98
CA LYS A 39 -13.62 4.95 -10.25
C LYS A 39 -12.62 6.11 -10.20
N GLY A 40 -11.38 5.91 -10.66
CA GLY A 40 -10.32 6.93 -10.67
C GLY A 40 -9.77 7.29 -9.28
N LYS A 41 -9.83 6.36 -8.32
CA LYS A 41 -9.36 6.52 -6.93
C LYS A 41 -8.06 5.73 -6.68
N LEU A 42 -7.34 6.12 -5.63
CA LEU A 42 -6.20 5.36 -5.09
C LEU A 42 -6.62 4.55 -3.86
N VAL A 43 -6.00 3.40 -3.68
CA VAL A 43 -6.13 2.55 -2.48
C VAL A 43 -4.75 2.27 -1.85
N ILE A 44 -4.71 2.30 -0.52
CA ILE A 44 -3.59 1.87 0.31
C ILE A 44 -3.85 0.43 0.76
N VAL A 45 -2.85 -0.43 0.60
CA VAL A 45 -2.82 -1.83 1.05
C VAL A 45 -1.68 -2.01 2.04
N TYR A 46 -1.93 -2.80 3.08
CA TYR A 46 -0.98 -3.06 4.17
C TYR A 46 -0.86 -4.55 4.46
N LEU A 47 0.37 -5.03 4.72
CA LEU A 47 0.69 -6.40 5.10
C LEU A 47 1.43 -6.42 6.45
N THR A 48 0.86 -7.13 7.43
CA THR A 48 1.36 -7.19 8.82
C THR A 48 2.32 -8.37 9.08
N SER A 49 3.01 -8.35 10.22
CA SER A 49 3.83 -9.46 10.73
C SER A 49 3.04 -10.76 10.99
N ASP A 50 1.71 -10.68 11.09
CA ASP A 50 0.80 -11.83 11.23
C ASP A 50 0.29 -12.36 9.87
N GLY A 51 0.67 -11.73 8.76
CA GLY A 51 0.23 -12.07 7.40
C GLY A 51 -1.18 -11.57 7.04
N LYS A 52 -1.72 -10.62 7.82
CA LYS A 52 -3.02 -9.98 7.58
C LYS A 52 -2.88 -8.91 6.50
N VAL A 53 -3.76 -8.94 5.51
CA VAL A 53 -3.94 -7.87 4.51
C VAL A 53 -5.01 -6.91 4.99
N GLU A 54 -4.79 -5.60 4.88
CA GLU A 54 -5.77 -4.54 5.17
C GLU A 54 -5.83 -3.52 4.02
N ILE A 55 -7.03 -2.97 3.75
CA ILE A 55 -7.36 -2.14 2.58
C ILE A 55 -8.01 -0.81 3.01
N ARG A 56 -7.58 0.33 2.44
CA ARG A 56 -8.16 1.67 2.63
C ARG A 56 -8.26 2.50 1.33
N GLU A 57 -9.39 3.16 1.09
CA GLU A 57 -9.63 4.05 -0.05
C GLU A 57 -9.35 5.54 0.27
N VAL A 58 -9.03 6.35 -0.75
CA VAL A 58 -8.92 7.82 -0.64
C VAL A 58 -9.82 8.57 -1.63
N THR A 59 -10.31 9.74 -1.22
CA THR A 59 -11.01 10.70 -2.09
C THR A 59 -10.06 11.74 -2.71
N SER A 60 -8.95 12.07 -2.04
CA SER A 60 -7.89 12.99 -2.52
C SER A 60 -6.53 12.71 -1.87
N GLU A 61 -5.50 13.47 -2.25
CA GLU A 61 -4.12 13.36 -1.76
C GLU A 61 -3.97 13.73 -0.27
N GLU A 62 -4.86 14.55 0.28
CA GLU A 62 -4.87 14.94 1.68
C GLU A 62 -5.22 13.75 2.60
N GLU A 63 -6.16 12.90 2.16
CA GLU A 63 -6.49 11.64 2.84
C GLU A 63 -5.33 10.66 2.75
N LEU A 64 -4.70 10.50 1.57
CA LEU A 64 -3.50 9.65 1.40
C LEU A 64 -2.39 10.02 2.39
N GLU A 65 -2.09 11.32 2.53
CA GLU A 65 -1.11 11.79 3.51
C GLU A 65 -1.50 11.41 4.95
N LYS A 66 -2.79 11.53 5.32
CA LYS A 66 -3.28 11.23 6.65
C LYS A 66 -3.22 9.73 6.96
N ILE A 67 -3.46 8.88 5.96
CA ILE A 67 -3.37 7.42 6.09
C ILE A 67 -1.91 6.98 6.22
N LEU A 68 -1.00 7.53 5.40
CA LEU A 68 0.44 7.24 5.52
C LEU A 68 1.00 7.69 6.88
N LYS A 69 0.56 8.84 7.41
CA LYS A 69 0.88 9.30 8.78
C LYS A 69 0.31 8.38 9.87
N LYS A 70 -0.92 7.87 9.70
CA LYS A 70 -1.57 6.94 10.66
C LYS A 70 -0.91 5.56 10.67
N LEU A 71 -0.43 5.09 9.51
CA LEU A 71 0.31 3.83 9.35
C LEU A 71 1.79 3.95 9.76
N GLY A 72 2.28 5.17 10.05
CA GLY A 72 3.59 5.42 10.63
C GLY A 72 4.78 5.22 9.69
N VAL A 73 4.58 5.38 8.37
CA VAL A 73 5.69 5.29 7.38
C VAL A 73 6.65 6.47 7.53
N ASP A 74 7.89 6.31 7.07
CA ASP A 74 8.94 7.35 7.15
C ASP A 74 8.60 8.59 6.30
N GLU A 75 9.05 9.78 6.74
CA GLU A 75 8.75 11.06 6.08
C GLU A 75 9.24 11.11 4.62
N GLU A 76 10.34 10.44 4.28
CA GLU A 76 10.82 10.31 2.90
C GLU A 76 9.81 9.55 2.02
N ILE A 77 9.16 8.52 2.56
CA ILE A 77 8.12 7.77 1.85
C ILE A 77 6.94 8.70 1.54
N ILE A 78 6.49 9.51 2.51
CA ILE A 78 5.36 10.41 2.31
C ILE A 78 5.66 11.46 1.23
N ARG A 79 6.79 12.18 1.33
CA ARG A 79 7.18 13.22 0.35
C ARG A 79 7.51 12.65 -1.03
N ARG A 80 8.08 11.43 -1.11
CA ARG A 80 8.43 10.78 -2.40
C ARG A 80 7.16 10.29 -3.10
N ILE A 81 6.33 9.53 -2.39
CA ILE A 81 5.10 8.92 -2.95
C ILE A 81 4.03 9.96 -3.31
N LYS A 82 3.93 11.08 -2.58
CA LYS A 82 3.08 12.22 -3.02
C LYS A 82 3.44 12.79 -4.39
N ARG A 83 4.71 12.74 -4.82
CA ARG A 83 5.11 13.12 -6.19
C ARG A 83 4.51 12.17 -7.23
N LEU A 84 4.44 10.86 -6.93
CA LEU A 84 3.83 9.87 -7.82
C LEU A 84 2.31 10.06 -7.95
N ARG A 85 1.66 10.51 -6.87
CA ARG A 85 0.24 10.95 -6.86
C ARG A 85 0.05 12.24 -7.67
N LYS A 86 0.96 13.21 -7.57
CA LYS A 86 0.96 14.48 -8.33
C LYS A 86 1.14 14.24 -9.84
N GLU A 87 1.98 13.26 -10.22
CA GLU A 87 2.18 12.83 -11.61
C GLU A 87 1.05 11.93 -12.14
N GLY A 88 0.19 11.41 -11.25
CA GLY A 88 -0.88 10.47 -11.59
C GLY A 88 -0.36 9.10 -12.08
N GLN A 89 0.83 8.69 -11.62
CA GLN A 89 1.58 7.54 -12.15
C GLN A 89 1.17 6.20 -11.53
N ILE A 90 0.62 6.25 -10.31
CA ILE A 90 0.35 5.10 -9.43
C ILE A 90 -1.14 5.04 -9.10
N LYS A 91 -1.69 3.83 -9.10
CA LYS A 91 -3.10 3.52 -8.84
C LYS A 91 -3.32 2.91 -7.45
N LEU A 92 -2.23 2.37 -6.89
CA LEU A 92 -2.25 1.53 -5.69
C LEU A 92 -0.90 1.62 -4.97
N VAL A 93 -0.91 1.62 -3.64
CA VAL A 93 0.33 1.49 -2.84
C VAL A 93 0.23 0.33 -1.87
N ILE A 94 1.28 -0.49 -1.80
CA ILE A 94 1.34 -1.68 -0.95
C ILE A 94 2.43 -1.49 0.10
N ILE A 95 2.14 -1.68 1.39
CA ILE A 95 3.05 -1.39 2.50
C ILE A 95 3.33 -2.65 3.31
N GLU A 96 4.59 -2.85 3.69
CA GLU A 96 5.06 -3.98 4.51
C GLU A 96 5.53 -3.50 5.89
N GLY A 97 4.83 -3.93 6.95
CA GLY A 97 5.06 -3.50 8.33
C GLY A 97 6.03 -4.36 9.15
N SER A 98 6.44 -5.52 8.62
CA SER A 98 7.19 -6.57 9.34
C SER A 98 8.71 -6.42 9.35
N LEU A 99 9.24 -5.27 8.90
CA LEU A 99 10.67 -5.02 8.66
C LEU A 99 11.48 -4.65 9.92
N GLU A 100 11.16 -5.27 11.06
CA GLU A 100 11.77 -5.08 12.39
C GLU A 100 11.70 -3.65 12.96
N HIS A 101 12.16 -3.47 14.20
CA HIS A 101 12.12 -2.21 14.96
C HIS A 101 13.49 -1.90 15.61
N HIS A 102 13.85 -0.62 15.73
CA HIS A 102 15.11 -0.15 16.31
C HIS A 102 15.00 0.09 17.83
N HIS A 103 14.98 -1.01 18.61
CA HIS A 103 14.90 -0.98 20.07
C HIS A 103 16.28 -0.75 20.75
N HIS A 104 17.02 0.25 20.27
CA HIS A 104 18.36 0.63 20.74
C HIS A 104 18.48 2.15 20.97
N HIS A 105 19.22 2.55 22.00
CA HIS A 105 19.37 3.94 22.45
C HIS A 105 20.84 4.26 22.81
N HIS A 106 21.21 5.54 22.70
CA HIS A 106 22.58 6.06 22.90
C HIS A 106 22.60 7.36 23.72
N GLY A 1 7.49 1.43 8.52
CA GLY A 1 6.93 0.66 7.40
C GLY A 1 7.47 1.12 6.05
N LYS A 2 7.56 0.21 5.08
CA LYS A 2 8.05 0.45 3.69
C LYS A 2 6.95 0.28 2.67
N LEU A 3 7.01 1.03 1.57
CA LEU A 3 5.95 1.09 0.55
C LEU A 3 6.46 0.73 -0.86
N TYR A 4 5.62 0.02 -1.60
CA TYR A 4 5.84 -0.43 -2.98
C TYR A 4 4.85 0.23 -3.94
N GLU A 5 5.39 0.70 -5.07
CA GLU A 5 4.70 1.47 -6.09
C GLU A 5 4.09 0.52 -7.13
N VAL A 6 2.76 0.36 -7.10
CA VAL A 6 2.03 -0.60 -7.93
C VAL A 6 1.27 0.07 -9.07
N ASP A 7 1.68 -0.19 -10.31
CA ASP A 7 1.06 0.35 -11.53
C ASP A 7 0.34 -0.71 -12.40
N SER A 8 0.55 -2.01 -12.13
CA SER A 8 0.03 -3.15 -12.93
C SER A 8 -0.54 -4.30 -12.06
N PRO A 9 -1.49 -5.13 -12.57
CA PRO A 9 -1.93 -6.35 -11.89
C PRO A 9 -0.80 -7.38 -11.74
N ASP A 10 0.12 -7.38 -12.71
CA ASP A 10 1.37 -8.17 -12.67
C ASP A 10 2.24 -7.79 -11.46
N SER A 11 2.30 -6.51 -11.09
CA SER A 11 3.01 -6.05 -9.88
C SER A 11 2.28 -6.46 -8.60
N VAL A 12 0.94 -6.49 -8.58
CA VAL A 12 0.16 -7.05 -7.46
C VAL A 12 0.52 -8.52 -7.25
N GLU A 13 0.53 -9.33 -8.31
CA GLU A 13 0.88 -10.75 -8.23
C GLU A 13 2.35 -10.96 -7.80
N LYS A 14 3.29 -10.18 -8.34
CA LYS A 14 4.72 -10.29 -8.00
C LYS A 14 4.99 -9.96 -6.53
N ILE A 15 4.40 -8.88 -6.01
CA ILE A 15 4.54 -8.53 -4.59
C ILE A 15 3.82 -9.54 -3.70
N ALA A 16 2.64 -10.03 -4.11
CA ALA A 16 1.93 -11.11 -3.40
C ALA A 16 2.78 -12.39 -3.31
N ARG A 17 3.48 -12.78 -4.38
CA ARG A 17 4.44 -13.90 -4.39
C ARG A 17 5.66 -13.65 -3.48
N GLU A 18 6.16 -12.42 -3.40
CA GLU A 18 7.29 -12.05 -2.52
C GLU A 18 6.90 -12.00 -1.03
N LEU A 19 5.68 -11.58 -0.71
CA LEU A 19 5.14 -11.53 0.66
C LEU A 19 4.51 -12.87 1.13
N GLY A 20 4.37 -13.86 0.25
CA GLY A 20 3.81 -15.18 0.55
C GLY A 20 2.29 -15.17 0.77
N LEU A 21 1.58 -14.31 0.04
CA LEU A 21 0.14 -14.05 0.19
C LEU A 21 -0.76 -15.23 -0.23
N SER A 22 -1.98 -15.29 0.31
CA SER A 22 -3.00 -16.30 -0.06
C SER A 22 -3.74 -15.94 -1.36
N GLU A 23 -4.37 -16.93 -1.99
CA GLU A 23 -5.19 -16.76 -3.21
C GLU A 23 -6.32 -15.75 -3.02
N GLU A 24 -7.08 -15.86 -1.93
CA GLU A 24 -8.20 -14.96 -1.61
C GLU A 24 -7.72 -13.52 -1.35
N GLN A 25 -6.56 -13.36 -0.69
CA GLN A 25 -5.93 -12.08 -0.43
C GLN A 25 -5.44 -11.41 -1.73
N LEU A 26 -4.83 -12.17 -2.65
CA LEU A 26 -4.45 -11.68 -3.97
C LEU A 26 -5.69 -11.22 -4.76
N ARG A 27 -6.71 -12.07 -4.89
CA ARG A 27 -7.95 -11.76 -5.63
C ARG A 27 -8.65 -10.50 -5.08
N ARG A 28 -8.60 -10.31 -3.76
CA ARG A 28 -9.14 -9.11 -3.07
C ARG A 28 -8.41 -7.82 -3.45
N ILE A 29 -7.08 -7.85 -3.58
CA ILE A 29 -6.31 -6.67 -3.98
C ILE A 29 -6.47 -6.40 -5.48
N GLN A 30 -6.48 -7.46 -6.29
CA GLN A 30 -6.73 -7.33 -7.74
C GLN A 30 -8.12 -6.74 -8.04
N LYS A 31 -9.12 -6.98 -7.18
CA LYS A 31 -10.43 -6.29 -7.23
C LYS A 31 -10.26 -4.79 -7.01
N GLU A 32 -9.58 -4.35 -5.94
CA GLU A 32 -9.30 -2.92 -5.74
C GLU A 32 -8.51 -2.30 -6.90
N PHE A 33 -7.56 -3.05 -7.48
CA PHE A 33 -6.77 -2.59 -8.62
C PHE A 33 -7.65 -2.27 -9.84
N GLU A 34 -8.61 -3.14 -10.20
CA GLU A 34 -9.53 -2.86 -11.31
C GLU A 34 -10.57 -1.78 -10.97
N ARG A 35 -11.07 -1.72 -9.72
CA ARG A 35 -12.00 -0.67 -9.26
C ARG A 35 -11.33 0.70 -9.19
N ALA A 36 -10.03 0.77 -8.89
CA ALA A 36 -9.24 2.02 -8.84
C ALA A 36 -9.23 2.77 -10.19
N GLU A 37 -9.21 2.04 -11.31
CA GLU A 37 -9.29 2.61 -12.66
C GLU A 37 -10.69 3.20 -12.94
N ARG A 38 -11.77 2.53 -12.48
CA ARG A 38 -13.16 2.96 -12.71
C ARG A 38 -13.59 4.13 -11.81
N LYS A 39 -13.22 4.08 -10.53
CA LYS A 39 -13.55 5.09 -9.51
C LYS A 39 -12.64 6.33 -9.54
N GLY A 40 -11.47 6.24 -10.19
CA GLY A 40 -10.45 7.31 -10.22
C GLY A 40 -9.77 7.54 -8.86
N LYS A 41 -9.68 6.48 -8.03
CA LYS A 41 -9.17 6.50 -6.65
C LYS A 41 -7.80 5.85 -6.51
N LEU A 42 -7.03 6.30 -5.53
CA LEU A 42 -5.79 5.66 -5.06
C LEU A 42 -6.13 4.73 -3.88
N VAL A 43 -5.62 3.51 -3.90
CA VAL A 43 -5.80 2.51 -2.82
C VAL A 43 -4.48 2.20 -2.11
N ILE A 44 -4.59 2.03 -0.80
CA ILE A 44 -3.49 1.72 0.11
C ILE A 44 -3.74 0.35 0.72
N VAL A 45 -2.75 -0.53 0.60
CA VAL A 45 -2.77 -1.90 1.14
C VAL A 45 -1.63 -2.09 2.11
N TYR A 46 -1.88 -2.81 3.20
CA TYR A 46 -0.90 -3.11 4.25
C TYR A 46 -0.78 -4.61 4.47
N LEU A 47 0.44 -5.09 4.73
CA LEU A 47 0.73 -6.46 5.18
C LEU A 47 1.50 -6.42 6.51
N THR A 48 0.95 -7.09 7.53
CA THR A 48 1.56 -7.22 8.86
C THR A 48 2.56 -8.39 8.93
N SER A 49 3.37 -8.45 9.99
CA SER A 49 4.23 -9.61 10.30
C SER A 49 3.46 -10.91 10.61
N ASP A 50 2.17 -10.82 10.91
CA ASP A 50 1.25 -11.96 11.05
C ASP A 50 0.62 -12.40 9.71
N GLY A 51 0.89 -11.69 8.60
CA GLY A 51 0.35 -11.95 7.28
C GLY A 51 -1.10 -11.45 7.06
N LYS A 52 -1.61 -10.62 7.98
CA LYS A 52 -2.93 -9.97 7.87
C LYS A 52 -2.86 -8.85 6.83
N VAL A 53 -3.90 -8.75 5.99
CA VAL A 53 -4.06 -7.68 4.99
C VAL A 53 -5.07 -6.62 5.47
N GLU A 54 -4.78 -5.34 5.19
CA GLU A 54 -5.71 -4.21 5.37
C GLU A 54 -5.83 -3.42 4.05
N ILE A 55 -7.04 -2.91 3.75
CA ILE A 55 -7.38 -2.18 2.52
C ILE A 55 -8.00 -0.81 2.88
N ARG A 56 -7.59 0.27 2.21
CA ARG A 56 -8.22 1.59 2.28
C ARG A 56 -8.24 2.31 0.92
N GLU A 57 -9.36 2.96 0.59
CA GLU A 57 -9.52 3.90 -0.53
C GLU A 57 -9.34 5.34 -0.04
N VAL A 58 -8.74 6.22 -0.86
CA VAL A 58 -8.69 7.67 -0.58
C VAL A 58 -9.67 8.44 -1.46
N THR A 59 -10.34 9.45 -0.89
CA THR A 59 -11.18 10.43 -1.61
C THR A 59 -10.40 11.67 -2.05
N SER A 60 -9.28 11.97 -1.38
CA SER A 60 -8.41 13.13 -1.62
C SER A 60 -6.95 12.84 -1.26
N GLU A 61 -6.04 13.64 -1.81
CA GLU A 61 -4.62 13.68 -1.42
C GLU A 61 -4.41 14.09 0.05
N GLU A 62 -5.38 14.82 0.63
CA GLU A 62 -5.40 15.15 2.06
C GLU A 62 -5.55 13.90 2.94
N GLU A 63 -6.38 12.94 2.50
CA GLU A 63 -6.59 11.67 3.20
C GLU A 63 -5.39 10.73 3.05
N LEU A 64 -4.78 10.68 1.86
CA LEU A 64 -3.57 9.89 1.58
C LEU A 64 -2.45 10.17 2.62
N GLU A 65 -2.20 11.44 2.93
CA GLU A 65 -1.23 11.84 3.95
C GLU A 65 -1.60 11.31 5.35
N LYS A 66 -2.88 11.33 5.72
CA LYS A 66 -3.37 10.90 7.05
C LYS A 66 -3.25 9.40 7.22
N ILE A 67 -3.56 8.64 6.17
CA ILE A 67 -3.49 7.17 6.17
C ILE A 67 -2.02 6.72 6.20
N LEU A 68 -1.13 7.34 5.43
CA LEU A 68 0.30 7.03 5.50
C LEU A 68 0.92 7.40 6.86
N LYS A 69 0.49 8.51 7.49
CA LYS A 69 0.85 8.86 8.88
C LYS A 69 0.33 7.84 9.90
N LYS A 70 -0.90 7.30 9.73
CA LYS A 70 -1.49 6.23 10.56
C LYS A 70 -0.73 4.91 10.44
N LEU A 71 -0.29 4.56 9.23
CA LEU A 71 0.41 3.30 8.91
C LEU A 71 1.91 3.31 9.25
N GLY A 72 2.46 4.44 9.69
CA GLY A 72 3.83 4.54 10.20
C GLY A 72 4.92 4.37 9.13
N VAL A 73 4.65 4.78 7.88
CA VAL A 73 5.69 4.84 6.83
C VAL A 73 6.65 6.01 7.08
N ASP A 74 7.88 5.92 6.58
CA ASP A 74 8.86 7.02 6.64
C ASP A 74 8.37 8.26 5.89
N GLU A 75 8.69 9.46 6.36
CA GLU A 75 8.15 10.71 5.78
C GLU A 75 8.64 10.96 4.34
N GLU A 76 9.80 10.41 3.97
CA GLU A 76 10.27 10.36 2.58
C GLU A 76 9.27 9.62 1.67
N ILE A 77 8.68 8.52 2.15
CA ILE A 77 7.68 7.75 1.42
C ILE A 77 6.45 8.64 1.18
N ILE A 78 5.99 9.38 2.18
CA ILE A 78 4.81 10.26 2.08
C ILE A 78 5.03 11.36 1.03
N ARG A 79 6.14 12.11 1.12
CA ARG A 79 6.47 13.18 0.17
C ARG A 79 6.82 12.66 -1.24
N ARG A 80 7.49 11.49 -1.36
CA ARG A 80 7.81 10.87 -2.65
C ARG A 80 6.53 10.45 -3.35
N ILE A 81 5.69 9.68 -2.68
CA ILE A 81 4.43 9.17 -3.26
C ILE A 81 3.46 10.29 -3.64
N LYS A 82 3.38 11.40 -2.88
CA LYS A 82 2.64 12.60 -3.32
C LYS A 82 3.18 13.17 -4.64
N ARG A 83 4.50 13.14 -4.87
CA ARG A 83 5.13 13.63 -6.10
C ARG A 83 4.83 12.72 -7.30
N LEU A 84 4.71 11.41 -7.09
CA LEU A 84 4.25 10.45 -8.11
C LEU A 84 2.74 10.56 -8.40
N ARG A 85 1.94 10.83 -7.35
CA ARG A 85 0.49 11.02 -7.44
C ARG A 85 0.11 12.33 -8.15
N LYS A 86 0.97 13.37 -8.07
CA LYS A 86 0.87 14.59 -8.89
C LYS A 86 0.99 14.31 -10.40
N GLU A 87 1.79 13.33 -10.81
CA GLU A 87 1.89 12.85 -12.20
C GLU A 87 0.79 11.83 -12.57
N GLY A 88 0.08 11.30 -11.57
CA GLY A 88 -0.91 10.23 -11.74
C GLY A 88 -0.30 8.87 -12.11
N GLN A 89 0.94 8.58 -11.65
CA GLN A 89 1.71 7.42 -12.10
C GLN A 89 1.24 6.11 -11.44
N ILE A 90 0.59 6.22 -10.27
CA ILE A 90 0.22 5.12 -9.37
C ILE A 90 -1.24 5.28 -8.92
N LYS A 91 -2.01 4.18 -9.01
CA LYS A 91 -3.38 4.07 -8.46
C LYS A 91 -3.52 3.04 -7.34
N LEU A 92 -2.43 2.35 -6.97
CA LEU A 92 -2.39 1.40 -5.85
C LEU A 92 -1.00 1.34 -5.20
N VAL A 93 -0.95 1.24 -3.87
CA VAL A 93 0.30 1.08 -3.11
C VAL A 93 0.19 -0.05 -2.09
N ILE A 94 1.29 -0.78 -1.87
CA ILE A 94 1.38 -1.91 -0.93
C ILE A 94 2.44 -1.62 0.12
N ILE A 95 2.16 -1.88 1.40
CA ILE A 95 3.02 -1.48 2.52
C ILE A 95 3.38 -2.70 3.38
N GLU A 96 4.66 -2.83 3.71
CA GLU A 96 5.22 -3.83 4.62
C GLU A 96 5.38 -3.25 6.03
N GLY A 97 4.76 -3.89 7.02
CA GLY A 97 4.80 -3.51 8.44
C GLY A 97 5.77 -4.32 9.32
N SER A 98 6.46 -5.33 8.77
CA SER A 98 7.26 -6.32 9.50
C SER A 98 8.67 -5.85 9.94
N LEU A 99 8.85 -4.54 10.12
CA LEU A 99 10.11 -3.89 10.51
C LEU A 99 10.34 -3.99 12.04
N GLU A 100 10.45 -5.22 12.52
CA GLU A 100 10.64 -5.60 13.93
C GLU A 100 12.03 -6.20 14.20
N HIS A 101 12.48 -6.15 15.46
CA HIS A 101 13.72 -6.78 15.94
C HIS A 101 13.48 -7.44 17.31
N HIS A 102 14.02 -8.63 17.52
CA HIS A 102 13.88 -9.38 18.79
C HIS A 102 14.82 -8.83 19.87
N HIS A 103 14.46 -8.98 21.15
CA HIS A 103 15.36 -8.70 22.27
C HIS A 103 16.39 -9.83 22.45
N HIS A 104 17.65 -9.49 22.76
CA HIS A 104 18.74 -10.47 22.94
C HIS A 104 19.84 -9.94 23.88
N HIS A 105 20.71 -10.85 24.34
CA HIS A 105 21.84 -10.57 25.24
C HIS A 105 23.14 -11.25 24.76
N HIS A 106 24.28 -10.85 25.34
CA HIS A 106 25.64 -11.38 25.05
C HIS A 106 26.54 -11.43 26.31
N GLY A 1 9.05 0.03 8.50
CA GLY A 1 8.54 -0.66 7.30
C GLY A 1 8.86 0.11 6.02
N LYS A 2 8.34 -0.36 4.88
CA LYS A 2 8.54 0.27 3.55
C LYS A 2 7.30 0.12 2.65
N LEU A 3 7.12 1.07 1.75
CA LEU A 3 5.97 1.22 0.85
C LEU A 3 6.37 1.05 -0.62
N TYR A 4 5.56 0.32 -1.39
CA TYR A 4 5.75 0.01 -2.81
C TYR A 4 4.71 0.70 -3.68
N GLU A 5 5.19 1.38 -4.71
CA GLU A 5 4.38 2.03 -5.74
C GLU A 5 3.96 1.04 -6.83
N VAL A 6 2.66 0.74 -6.90
CA VAL A 6 2.08 -0.31 -7.77
C VAL A 6 1.20 0.24 -8.91
N ASP A 7 1.56 -0.10 -10.14
CA ASP A 7 1.00 0.49 -11.36
C ASP A 7 0.12 -0.45 -12.20
N SER A 8 0.41 -1.76 -12.16
CA SER A 8 -0.15 -2.80 -13.02
C SER A 8 -0.67 -4.00 -12.21
N PRO A 9 -1.66 -4.77 -12.69
CA PRO A 9 -2.17 -5.96 -11.99
C PRO A 9 -1.11 -7.06 -11.84
N ASP A 10 -0.18 -7.13 -12.81
CA ASP A 10 0.94 -8.05 -12.74
C ASP A 10 1.94 -7.65 -11.64
N SER A 11 2.11 -6.34 -11.38
CA SER A 11 2.92 -5.83 -10.26
C SER A 11 2.29 -6.17 -8.91
N VAL A 12 0.95 -6.16 -8.81
CA VAL A 12 0.24 -6.66 -7.61
C VAL A 12 0.58 -8.14 -7.37
N GLU A 13 0.51 -8.98 -8.41
CA GLU A 13 0.82 -10.41 -8.32
C GLU A 13 2.30 -10.68 -7.97
N LYS A 14 3.23 -9.92 -8.55
CA LYS A 14 4.68 -10.01 -8.28
C LYS A 14 4.99 -9.64 -6.83
N ILE A 15 4.39 -8.57 -6.32
CA ILE A 15 4.55 -8.15 -4.91
C ILE A 15 3.87 -9.15 -3.97
N ALA A 16 2.69 -9.67 -4.31
CA ALA A 16 2.01 -10.72 -3.55
C ALA A 16 2.86 -12.00 -3.42
N ARG A 17 3.59 -12.39 -4.47
CA ARG A 17 4.56 -13.51 -4.43
C ARG A 17 5.77 -13.22 -3.54
N GLU A 18 6.23 -11.96 -3.45
CA GLU A 18 7.30 -11.57 -2.51
C GLU A 18 6.83 -11.49 -1.06
N LEU A 19 5.56 -11.15 -0.83
CA LEU A 19 4.91 -11.10 0.48
C LEU A 19 4.41 -12.48 0.98
N GLY A 20 4.48 -13.53 0.14
CA GLY A 20 3.96 -14.87 0.44
C GLY A 20 2.43 -14.93 0.58
N LEU A 21 1.70 -14.05 -0.10
CA LEU A 21 0.26 -13.85 0.01
C LEU A 21 -0.55 -15.04 -0.56
N SER A 22 -1.77 -15.24 -0.06
CA SER A 22 -2.71 -16.26 -0.57
C SER A 22 -3.43 -15.79 -1.84
N GLU A 23 -3.99 -16.72 -2.62
CA GLU A 23 -4.71 -16.40 -3.87
C GLU A 23 -5.96 -15.53 -3.62
N GLU A 24 -6.72 -15.81 -2.57
CA GLU A 24 -7.90 -15.01 -2.17
C GLU A 24 -7.50 -13.59 -1.71
N GLN A 25 -6.35 -13.47 -1.04
CA GLN A 25 -5.78 -12.19 -0.60
C GLN A 25 -5.24 -11.37 -1.78
N LEU A 26 -4.66 -12.03 -2.80
CA LEU A 26 -4.32 -11.38 -4.06
C LEU A 26 -5.58 -10.89 -4.78
N ARG A 27 -6.59 -11.76 -4.98
CA ARG A 27 -7.86 -11.43 -5.65
C ARG A 27 -8.58 -10.24 -5.00
N ARG A 28 -8.53 -10.13 -3.67
CA ARG A 28 -9.03 -8.98 -2.89
C ARG A 28 -8.38 -7.67 -3.32
N ILE A 29 -7.06 -7.65 -3.55
CA ILE A 29 -6.35 -6.45 -4.01
C ILE A 29 -6.63 -6.21 -5.50
N GLN A 30 -6.62 -7.25 -6.33
CA GLN A 30 -6.88 -7.14 -7.77
C GLN A 30 -8.30 -6.61 -8.08
N LYS A 31 -9.30 -6.89 -7.23
CA LYS A 31 -10.61 -6.23 -7.31
C LYS A 31 -10.49 -4.73 -7.07
N GLU A 32 -9.86 -4.33 -5.96
CA GLU A 32 -9.72 -2.91 -5.62
C GLU A 32 -8.82 -2.13 -6.58
N PHE A 33 -7.85 -2.79 -7.22
CA PHE A 33 -7.05 -2.26 -8.32
C PHE A 33 -7.94 -1.90 -9.53
N GLU A 34 -8.87 -2.78 -9.94
CA GLU A 34 -9.78 -2.50 -11.06
C GLU A 34 -10.88 -1.48 -10.71
N ARG A 35 -11.35 -1.47 -9.46
CA ARG A 35 -12.26 -0.42 -8.95
C ARG A 35 -11.56 0.94 -8.86
N ALA A 36 -10.28 0.98 -8.50
CA ALA A 36 -9.44 2.18 -8.54
C ALA A 36 -9.30 2.74 -9.96
N GLU A 37 -9.07 1.88 -10.96
CA GLU A 37 -8.97 2.27 -12.38
C GLU A 37 -10.28 2.86 -12.93
N ARG A 38 -11.44 2.31 -12.54
CA ARG A 38 -12.77 2.79 -12.98
C ARG A 38 -13.24 4.06 -12.26
N LYS A 39 -13.08 4.13 -10.94
CA LYS A 39 -13.64 5.20 -10.09
C LYS A 39 -12.69 6.39 -9.86
N GLY A 40 -11.40 6.24 -10.17
CA GLY A 40 -10.38 7.27 -9.95
C GLY A 40 -9.93 7.41 -8.49
N LYS A 41 -10.27 6.44 -7.63
CA LYS A 41 -9.83 6.36 -6.22
C LYS A 41 -8.44 5.73 -6.11
N LEU A 42 -7.66 6.11 -5.10
CA LEU A 42 -6.36 5.51 -4.78
C LEU A 42 -6.54 4.53 -3.61
N VAL A 43 -5.90 3.36 -3.66
CA VAL A 43 -6.02 2.33 -2.62
C VAL A 43 -4.67 2.04 -1.97
N ILE A 44 -4.67 1.99 -0.64
CA ILE A 44 -3.54 1.68 0.23
C ILE A 44 -3.76 0.31 0.85
N VAL A 45 -2.72 -0.52 0.83
CA VAL A 45 -2.69 -1.89 1.33
C VAL A 45 -1.57 -2.05 2.36
N TYR A 46 -1.79 -2.86 3.38
CA TYR A 46 -0.83 -3.18 4.44
C TYR A 46 -0.73 -4.69 4.69
N LEU A 47 0.48 -5.20 4.98
CA LEU A 47 0.76 -6.63 5.24
C LEU A 47 1.45 -6.81 6.61
N THR A 48 0.88 -7.69 7.45
CA THR A 48 1.39 -8.05 8.80
C THR A 48 2.14 -9.39 8.83
N SER A 49 2.98 -9.61 9.85
CA SER A 49 3.68 -10.89 10.08
C SER A 49 2.73 -12.02 10.53
N ASP A 50 1.49 -11.69 10.94
CA ASP A 50 0.42 -12.66 11.18
C ASP A 50 -0.25 -13.13 9.86
N GLY A 51 0.15 -12.54 8.73
CA GLY A 51 -0.34 -12.87 7.39
C GLY A 51 -1.64 -12.17 7.01
N LYS A 52 -2.04 -11.13 7.74
CA LYS A 52 -3.25 -10.34 7.48
C LYS A 52 -2.97 -9.25 6.45
N VAL A 53 -3.85 -9.14 5.45
CA VAL A 53 -3.90 -8.02 4.51
C VAL A 53 -5.01 -7.04 4.91
N GLU A 54 -4.69 -5.76 4.96
CA GLU A 54 -5.62 -4.66 5.28
C GLU A 54 -5.70 -3.68 4.11
N ILE A 55 -6.90 -3.14 3.83
CA ILE A 55 -7.19 -2.26 2.67
C ILE A 55 -7.87 -0.96 3.14
N ARG A 56 -7.46 0.19 2.58
CA ARG A 56 -8.10 1.51 2.72
C ARG A 56 -8.15 2.25 1.37
N GLU A 57 -9.29 2.83 1.03
CA GLU A 57 -9.51 3.64 -0.18
C GLU A 57 -9.57 5.15 0.14
N VAL A 58 -9.05 6.00 -0.77
CA VAL A 58 -9.10 7.47 -0.66
C VAL A 58 -9.58 8.14 -1.95
N THR A 59 -10.31 9.25 -1.77
CA THR A 59 -10.74 10.17 -2.84
C THR A 59 -9.71 11.26 -3.17
N SER A 60 -8.81 11.56 -2.22
CA SER A 60 -7.81 12.63 -2.31
C SER A 60 -6.49 12.25 -1.63
N GLU A 61 -5.40 12.91 -2.06
CA GLU A 61 -4.09 12.88 -1.42
C GLU A 61 -4.08 13.45 0.02
N GLU A 62 -5.08 14.26 0.38
CA GLU A 62 -5.27 14.78 1.74
C GLU A 62 -5.54 13.65 2.75
N GLU A 63 -6.45 12.73 2.41
CA GLU A 63 -6.69 11.50 3.18
C GLU A 63 -5.51 10.53 3.07
N LEU A 64 -4.89 10.39 1.88
CA LEU A 64 -3.72 9.54 1.65
C LEU A 64 -2.59 9.88 2.63
N GLU A 65 -2.26 11.17 2.77
CA GLU A 65 -1.27 11.65 3.75
C GLU A 65 -1.66 11.29 5.19
N LYS A 66 -2.93 11.47 5.57
CA LYS A 66 -3.43 11.23 6.93
C LYS A 66 -3.29 9.75 7.32
N ILE A 67 -3.51 8.85 6.37
CA ILE A 67 -3.32 7.41 6.54
C ILE A 67 -1.83 7.07 6.66
N LEU A 68 -0.97 7.60 5.79
CA LEU A 68 0.48 7.37 5.89
C LEU A 68 1.08 7.91 7.21
N LYS A 69 0.60 9.07 7.68
CA LYS A 69 0.93 9.65 9.01
C LYS A 69 0.44 8.74 10.16
N LYS A 70 -0.75 8.14 10.06
CA LYS A 70 -1.31 7.18 11.04
C LYS A 70 -0.55 5.85 11.06
N LEU A 71 -0.10 5.38 9.89
CA LEU A 71 0.70 4.15 9.72
C LEU A 71 2.19 4.36 10.09
N GLY A 72 2.61 5.60 10.35
CA GLY A 72 3.92 5.94 10.92
C GLY A 72 5.10 5.81 9.94
N VAL A 73 4.87 5.92 8.63
CA VAL A 73 5.94 5.85 7.62
C VAL A 73 6.85 7.10 7.66
N ASP A 74 8.08 6.97 7.14
CA ASP A 74 9.05 8.09 7.08
C ASP A 74 8.58 9.23 6.16
N GLU A 75 8.99 10.46 6.44
CA GLU A 75 8.57 11.65 5.69
C GLU A 75 8.97 11.62 4.21
N GLU A 76 10.09 10.95 3.88
CA GLU A 76 10.47 10.68 2.48
C GLU A 76 9.41 9.83 1.75
N ILE A 77 8.84 8.83 2.42
CA ILE A 77 7.83 7.96 1.82
C ILE A 77 6.56 8.75 1.47
N ILE A 78 6.16 9.68 2.35
CA ILE A 78 4.97 10.52 2.16
C ILE A 78 5.16 11.46 0.96
N ARG A 79 6.26 12.21 0.90
CA ARG A 79 6.56 13.11 -0.24
C ARG A 79 6.86 12.36 -1.55
N ARG A 80 7.51 11.19 -1.47
CA ARG A 80 7.79 10.32 -2.62
C ARG A 80 6.50 9.84 -3.26
N ILE A 81 5.61 9.24 -2.47
CA ILE A 81 4.31 8.75 -2.98
C ILE A 81 3.40 9.90 -3.43
N LYS A 82 3.45 11.09 -2.81
CA LYS A 82 2.77 12.29 -3.37
C LYS A 82 3.27 12.65 -4.77
N ARG A 83 4.57 12.51 -5.05
CA ARG A 83 5.16 12.70 -6.39
C ARG A 83 4.66 11.63 -7.37
N LEU A 84 4.59 10.36 -6.95
CA LEU A 84 3.97 9.27 -7.74
C LEU A 84 2.49 9.56 -8.07
N ARG A 85 1.73 10.10 -7.11
CA ARG A 85 0.33 10.52 -7.28
C ARG A 85 0.23 11.67 -8.29
N LYS A 86 1.10 12.68 -8.20
CA LYS A 86 1.17 13.82 -9.13
C LYS A 86 1.52 13.43 -10.57
N GLU A 87 2.32 12.38 -10.76
CA GLU A 87 2.61 11.80 -12.08
C GLU A 87 1.45 10.95 -12.65
N GLY A 88 0.45 10.63 -11.82
CA GLY A 88 -0.75 9.87 -12.20
C GLY A 88 -0.51 8.41 -12.57
N GLN A 89 0.68 7.88 -12.28
CA GLN A 89 1.14 6.57 -12.76
C GLN A 89 0.66 5.40 -11.88
N ILE A 90 0.36 5.68 -10.60
CA ILE A 90 0.06 4.70 -9.56
C ILE A 90 -1.42 4.76 -9.21
N LYS A 91 -2.07 3.58 -9.27
CA LYS A 91 -3.47 3.36 -8.88
C LYS A 91 -3.59 2.70 -7.50
N LEU A 92 -2.47 2.16 -6.98
CA LEU A 92 -2.45 1.29 -5.80
C LEU A 92 -1.09 1.33 -5.10
N VAL A 93 -1.06 1.26 -3.76
CA VAL A 93 0.19 1.26 -2.97
C VAL A 93 0.15 0.18 -1.89
N ILE A 94 1.28 -0.52 -1.67
CA ILE A 94 1.36 -1.69 -0.78
C ILE A 94 2.47 -1.52 0.27
N ILE A 95 2.18 -1.71 1.57
CA ILE A 95 3.12 -1.52 2.68
C ILE A 95 3.47 -2.84 3.36
N GLU A 96 4.76 -3.05 3.62
CA GLU A 96 5.28 -4.12 4.50
C GLU A 96 5.75 -3.46 5.80
N GLY A 97 5.18 -3.87 6.95
CA GLY A 97 5.42 -3.18 8.22
C GLY A 97 5.14 -4.01 9.47
N SER A 98 5.98 -5.02 9.73
CA SER A 98 5.82 -5.94 10.87
C SER A 98 7.15 -6.53 11.39
N LEU A 99 8.27 -5.82 11.18
CA LEU A 99 9.64 -6.29 11.44
C LEU A 99 10.46 -5.25 12.26
N GLU A 100 9.83 -4.72 13.31
CA GLU A 100 10.41 -3.70 14.19
C GLU A 100 11.55 -4.23 15.10
N HIS A 101 12.36 -3.29 15.62
CA HIS A 101 13.36 -3.51 16.67
C HIS A 101 13.31 -2.37 17.69
N HIS A 102 13.50 -2.69 18.98
CA HIS A 102 13.55 -1.74 20.09
C HIS A 102 14.66 -2.09 21.10
N HIS A 103 15.28 -1.07 21.69
CA HIS A 103 16.42 -1.18 22.61
C HIS A 103 16.48 0.03 23.57
N HIS A 104 17.20 -0.13 24.69
CA HIS A 104 17.47 0.93 25.68
C HIS A 104 18.84 0.73 26.36
N HIS A 105 19.36 1.77 27.01
CA HIS A 105 20.66 1.78 27.69
C HIS A 105 20.68 2.73 28.91
N HIS A 106 21.65 2.53 29.81
CA HIS A 106 21.84 3.25 31.09
C HIS A 106 20.55 3.27 31.96
N GLY A 1 9.96 -2.57 7.71
CA GLY A 1 8.78 -2.31 6.86
C GLY A 1 9.09 -1.34 5.72
N LYS A 2 8.36 -1.45 4.60
CA LYS A 2 8.52 -0.62 3.39
C LYS A 2 7.22 -0.54 2.57
N LEU A 3 7.08 0.53 1.78
CA LEU A 3 6.01 0.72 0.79
C LEU A 3 6.48 0.29 -0.63
N TYR A 4 5.57 -0.32 -1.38
CA TYR A 4 5.71 -0.75 -2.77
C TYR A 4 4.79 0.08 -3.68
N GLU A 5 5.39 0.66 -4.70
CA GLU A 5 4.75 1.58 -5.64
C GLU A 5 4.12 0.80 -6.82
N VAL A 6 2.80 0.69 -6.83
CA VAL A 6 2.03 -0.11 -7.81
C VAL A 6 1.23 0.74 -8.82
N ASP A 7 1.59 0.58 -10.10
CA ASP A 7 0.95 1.22 -11.26
C ASP A 7 0.30 0.22 -12.24
N SER A 8 0.64 -1.07 -12.17
CA SER A 8 0.20 -2.13 -13.08
C SER A 8 -0.35 -3.38 -12.34
N PRO A 9 -1.29 -4.12 -12.93
CA PRO A 9 -1.85 -5.33 -12.31
C PRO A 9 -0.84 -6.47 -12.17
N ASP A 10 0.13 -6.56 -13.07
CA ASP A 10 1.15 -7.61 -13.00
C ASP A 10 2.08 -7.43 -11.79
N SER A 11 2.31 -6.17 -11.37
CA SER A 11 3.10 -5.83 -10.19
C SER A 11 2.43 -6.30 -8.89
N VAL A 12 1.10 -6.32 -8.83
CA VAL A 12 0.34 -6.91 -7.70
C VAL A 12 0.68 -8.40 -7.56
N GLU A 13 0.70 -9.14 -8.67
CA GLU A 13 0.99 -10.58 -8.68
C GLU A 13 2.45 -10.89 -8.31
N LYS A 14 3.39 -10.04 -8.75
CA LYS A 14 4.82 -10.11 -8.38
C LYS A 14 5.06 -9.81 -6.90
N ILE A 15 4.40 -8.77 -6.35
CA ILE A 15 4.49 -8.42 -4.93
C ILE A 15 3.80 -9.47 -4.05
N ALA A 16 2.69 -10.07 -4.51
CA ALA A 16 2.03 -11.17 -3.81
C ALA A 16 2.91 -12.41 -3.66
N ARG A 17 3.77 -12.70 -4.65
CA ARG A 17 4.80 -13.76 -4.56
C ARG A 17 5.94 -13.40 -3.61
N GLU A 18 6.33 -12.12 -3.52
CA GLU A 18 7.37 -11.65 -2.60
C GLU A 18 6.90 -11.63 -1.14
N LEU A 19 5.64 -11.24 -0.91
CA LEU A 19 4.99 -11.21 0.41
C LEU A 19 4.37 -12.55 0.84
N GLY A 20 4.33 -13.55 -0.04
CA GLY A 20 3.81 -14.90 0.25
C GLY A 20 2.29 -14.97 0.45
N LEU A 21 1.52 -14.14 -0.26
CA LEU A 21 0.06 -14.06 -0.12
C LEU A 21 -0.66 -15.32 -0.64
N SER A 22 -1.79 -15.64 -0.01
CA SER A 22 -2.74 -16.69 -0.47
C SER A 22 -3.50 -16.26 -1.74
N GLU A 23 -4.11 -17.21 -2.45
CA GLU A 23 -4.84 -16.97 -3.70
C GLU A 23 -5.97 -15.93 -3.54
N GLU A 24 -6.76 -16.02 -2.47
CA GLU A 24 -7.85 -15.07 -2.19
C GLU A 24 -7.33 -13.70 -1.71
N GLN A 25 -6.22 -13.67 -0.99
CA GLN A 25 -5.56 -12.43 -0.55
C GLN A 25 -5.00 -11.66 -1.76
N LEU A 26 -4.40 -12.36 -2.73
CA LEU A 26 -4.02 -11.79 -4.03
C LEU A 26 -5.28 -11.27 -4.76
N ARG A 27 -6.31 -12.11 -4.90
CA ARG A 27 -7.52 -11.80 -5.71
C ARG A 27 -8.25 -10.56 -5.23
N ARG A 28 -8.32 -10.31 -3.92
CA ARG A 28 -8.86 -9.07 -3.34
C ARG A 28 -8.09 -7.83 -3.80
N ILE A 29 -6.76 -7.91 -3.91
CA ILE A 29 -5.93 -6.77 -4.35
C ILE A 29 -6.06 -6.57 -5.87
N GLN A 30 -6.13 -7.65 -6.64
CA GLN A 30 -6.41 -7.56 -8.09
C GLN A 30 -7.80 -6.94 -8.38
N LYS A 31 -8.81 -7.30 -7.58
CA LYS A 31 -10.18 -6.75 -7.65
C LYS A 31 -10.22 -5.26 -7.30
N GLU A 32 -9.65 -4.86 -6.17
CA GLU A 32 -9.68 -3.46 -5.73
C GLU A 32 -8.80 -2.54 -6.58
N PHE A 33 -7.70 -3.07 -7.14
CA PHE A 33 -6.89 -2.38 -8.15
C PHE A 33 -7.71 -2.03 -9.40
N GLU A 34 -8.44 -3.01 -9.98
CA GLU A 34 -9.21 -2.76 -11.21
C GLU A 34 -10.45 -1.89 -10.95
N ARG A 35 -11.09 -2.01 -9.78
CA ARG A 35 -12.17 -1.11 -9.33
C ARG A 35 -11.67 0.32 -9.05
N ALA A 36 -10.45 0.48 -8.52
CA ALA A 36 -9.83 1.78 -8.32
C ALA A 36 -9.54 2.49 -9.66
N GLU A 37 -9.12 1.74 -10.70
CA GLU A 37 -8.95 2.27 -12.06
C GLU A 37 -10.28 2.70 -12.69
N ARG A 38 -11.38 1.96 -12.47
CA ARG A 38 -12.74 2.34 -12.92
C ARG A 38 -13.25 3.64 -12.27
N LYS A 39 -13.03 3.78 -10.96
CA LYS A 39 -13.52 4.92 -10.15
C LYS A 39 -12.59 6.15 -10.15
N GLY A 40 -11.33 6.00 -10.60
CA GLY A 40 -10.32 7.06 -10.59
C GLY A 40 -9.79 7.41 -9.19
N LYS A 41 -9.82 6.46 -8.26
CA LYS A 41 -9.37 6.59 -6.85
C LYS A 41 -8.01 5.93 -6.62
N LEU A 42 -7.43 6.20 -5.45
CA LEU A 42 -6.23 5.53 -4.92
C LEU A 42 -6.64 4.62 -3.74
N VAL A 43 -6.08 3.41 -3.70
CA VAL A 43 -6.27 2.44 -2.61
C VAL A 43 -4.94 2.08 -1.95
N ILE A 44 -5.00 1.96 -0.62
CA ILE A 44 -3.87 1.71 0.27
C ILE A 44 -4.04 0.33 0.89
N VAL A 45 -3.03 -0.51 0.75
CA VAL A 45 -2.99 -1.90 1.23
C VAL A 45 -1.85 -2.06 2.22
N TYR A 46 -2.11 -2.81 3.28
CA TYR A 46 -1.18 -3.06 4.37
C TYR A 46 -1.09 -4.55 4.70
N LEU A 47 0.11 -5.06 4.99
CA LEU A 47 0.38 -6.41 5.46
C LEU A 47 1.06 -6.38 6.84
N THR A 48 0.46 -7.03 7.84
CA THR A 48 0.95 -7.07 9.24
C THR A 48 1.90 -8.24 9.52
N SER A 49 2.57 -8.21 10.68
CA SER A 49 3.39 -9.34 11.19
C SER A 49 2.56 -10.62 11.42
N ASP A 50 1.26 -10.48 11.70
CA ASP A 50 0.31 -11.60 11.86
C ASP A 50 -0.23 -12.14 10.51
N GLY A 51 0.16 -11.52 9.39
CA GLY A 51 -0.26 -11.90 8.02
C GLY A 51 -1.63 -11.36 7.61
N LYS A 52 -2.20 -10.40 8.35
CA LYS A 52 -3.47 -9.73 8.03
C LYS A 52 -3.26 -8.74 6.89
N VAL A 53 -4.06 -8.86 5.83
CA VAL A 53 -4.15 -7.86 4.76
C VAL A 53 -5.27 -6.87 5.09
N GLU A 54 -4.98 -5.57 5.08
CA GLU A 54 -5.91 -4.51 5.47
C GLU A 54 -5.97 -3.39 4.42
N ILE A 55 -7.18 -2.87 4.14
CA ILE A 55 -7.46 -1.98 3.00
C ILE A 55 -8.06 -0.63 3.43
N ARG A 56 -7.65 0.47 2.78
CA ARG A 56 -8.24 1.80 2.89
C ARG A 56 -8.38 2.48 1.51
N GLU A 57 -9.44 3.26 1.32
CA GLU A 57 -9.71 4.09 0.13
C GLU A 57 -9.51 5.59 0.45
N VAL A 58 -9.14 6.41 -0.54
CA VAL A 58 -9.07 7.88 -0.39
C VAL A 58 -9.82 8.65 -1.47
N THR A 59 -10.43 9.77 -1.05
CA THR A 59 -11.07 10.77 -1.93
C THR A 59 -10.12 11.91 -2.33
N SER A 60 -9.10 12.19 -1.50
CA SER A 60 -8.16 13.31 -1.67
C SER A 60 -6.75 12.95 -1.17
N GLU A 61 -5.73 13.65 -1.69
CA GLU A 61 -4.33 13.48 -1.31
C GLU A 61 -4.07 13.80 0.17
N GLU A 62 -4.77 14.78 0.72
CA GLU A 62 -4.76 15.14 2.15
C GLU A 62 -5.14 13.97 3.07
N GLU A 63 -6.03 13.07 2.63
CA GLU A 63 -6.36 11.84 3.34
C GLU A 63 -5.20 10.83 3.25
N LEU A 64 -4.66 10.59 2.05
CA LEU A 64 -3.52 9.68 1.83
C LEU A 64 -2.32 10.06 2.71
N GLU A 65 -2.01 11.36 2.78
CA GLU A 65 -0.94 11.91 3.62
C GLU A 65 -1.16 11.59 5.12
N LYS A 66 -2.40 11.69 5.62
CA LYS A 66 -2.78 11.40 7.00
C LYS A 66 -2.75 9.90 7.31
N ILE A 67 -3.20 9.08 6.35
CA ILE A 67 -3.24 7.61 6.48
C ILE A 67 -1.82 7.04 6.48
N LEU A 68 -0.92 7.51 5.60
CA LEU A 68 0.48 7.06 5.59
C LEU A 68 1.20 7.41 6.90
N LYS A 69 0.91 8.58 7.50
CA LYS A 69 1.38 8.93 8.85
C LYS A 69 0.79 8.02 9.93
N LYS A 70 -0.49 7.64 9.85
CA LYS A 70 -1.14 6.69 10.78
C LYS A 70 -0.55 5.26 10.67
N LEU A 71 -0.16 4.85 9.47
CA LEU A 71 0.53 3.57 9.20
C LEU A 71 2.03 3.60 9.53
N GLY A 72 2.57 4.76 9.92
CA GLY A 72 3.92 4.91 10.46
C GLY A 72 5.06 4.80 9.44
N VAL A 73 4.80 5.03 8.14
CA VAL A 73 5.85 5.03 7.10
C VAL A 73 6.77 6.25 7.24
N ASP A 74 7.99 6.17 6.71
CA ASP A 74 8.94 7.30 6.72
C ASP A 74 8.45 8.49 5.89
N GLU A 75 8.72 9.72 6.34
CA GLU A 75 8.22 10.93 5.69
C GLU A 75 8.72 11.12 4.24
N GLU A 76 9.91 10.59 3.90
CA GLU A 76 10.39 10.57 2.51
C GLU A 76 9.47 9.75 1.60
N ILE A 77 8.94 8.62 2.09
CA ILE A 77 7.99 7.79 1.34
C ILE A 77 6.74 8.61 1.02
N ILE A 78 6.20 9.32 2.01
CA ILE A 78 4.99 10.14 1.86
C ILE A 78 5.19 11.23 0.80
N ARG A 79 6.23 12.07 0.96
CA ARG A 79 6.54 13.16 0.00
C ARG A 79 6.96 12.66 -1.38
N ARG A 80 7.64 11.51 -1.49
CA ARG A 80 8.04 10.91 -2.76
C ARG A 80 6.81 10.42 -3.53
N ILE A 81 6.00 9.57 -2.89
CA ILE A 81 4.76 9.03 -3.49
C ILE A 81 3.76 10.13 -3.87
N LYS A 82 3.68 11.25 -3.12
CA LYS A 82 2.88 12.43 -3.50
C LYS A 82 3.21 12.99 -4.89
N ARG A 83 4.46 12.88 -5.37
CA ARG A 83 4.81 13.22 -6.77
C ARG A 83 4.27 12.20 -7.77
N LEU A 84 4.44 10.91 -7.50
CA LEU A 84 3.92 9.83 -8.35
C LEU A 84 2.38 9.85 -8.43
N ARG A 85 1.72 10.31 -7.36
CA ARG A 85 0.28 10.58 -7.27
C ARG A 85 -0.10 11.79 -8.11
N LYS A 86 0.65 12.90 -8.05
CA LYS A 86 0.48 14.10 -8.89
C LYS A 86 0.57 13.79 -10.39
N GLU A 87 1.47 12.89 -10.76
CA GLU A 87 1.66 12.38 -12.13
C GLU A 87 0.60 11.33 -12.56
N GLY A 88 -0.24 10.86 -11.64
CA GLY A 88 -1.32 9.89 -11.90
C GLY A 88 -0.83 8.46 -12.18
N GLN A 89 0.43 8.15 -11.88
CA GLN A 89 1.05 6.88 -12.21
C GLN A 89 0.54 5.75 -11.31
N ILE A 90 0.53 6.04 -10.01
CA ILE A 90 0.24 5.10 -8.94
C ILE A 90 -1.25 5.13 -8.65
N LYS A 91 -1.87 3.95 -8.77
CA LYS A 91 -3.31 3.70 -8.57
C LYS A 91 -3.55 2.83 -7.34
N LEU A 92 -2.46 2.32 -6.76
CA LEU A 92 -2.45 1.43 -5.60
C LEU A 92 -1.09 1.53 -4.86
N VAL A 93 -1.10 1.49 -3.54
CA VAL A 93 0.13 1.32 -2.74
C VAL A 93 -0.02 0.11 -1.81
N ILE A 94 1.03 -0.69 -1.70
CA ILE A 94 1.08 -1.86 -0.81
C ILE A 94 2.19 -1.64 0.21
N ILE A 95 1.95 -1.90 1.50
CA ILE A 95 2.92 -1.66 2.57
C ILE A 95 3.09 -2.94 3.38
N GLU A 96 4.34 -3.29 3.68
CA GLU A 96 4.66 -4.34 4.65
C GLU A 96 5.14 -3.67 5.95
N GLY A 97 4.48 -3.99 7.07
CA GLY A 97 4.93 -3.58 8.40
C GLY A 97 6.01 -4.52 8.92
N SER A 98 5.58 -5.52 9.69
CA SER A 98 6.39 -6.64 10.21
C SER A 98 7.54 -6.23 11.16
N LEU A 99 7.41 -5.05 11.78
CA LEU A 99 8.24 -4.55 12.87
C LEU A 99 7.83 -5.18 14.22
N GLU A 100 7.85 -6.51 14.26
CA GLU A 100 7.29 -7.37 15.32
C GLU A 100 5.79 -7.06 15.58
N HIS A 101 5.26 -7.46 16.75
CA HIS A 101 3.85 -7.31 17.13
C HIS A 101 3.68 -6.67 18.52
N HIS A 102 2.63 -5.86 18.68
CA HIS A 102 2.32 -5.11 19.91
C HIS A 102 1.01 -5.60 20.55
N HIS A 103 1.01 -6.86 21.01
CA HIS A 103 -0.10 -7.45 21.77
C HIS A 103 -0.18 -6.91 23.22
N HIS A 104 0.93 -6.35 23.73
CA HIS A 104 1.00 -5.60 24.98
C HIS A 104 0.43 -4.18 24.84
N HIS A 105 -0.11 -3.61 25.93
CA HIS A 105 -0.63 -2.25 25.98
C HIS A 105 0.48 -1.19 26.14
N HIS A 106 0.26 0.01 25.60
CA HIS A 106 1.15 1.18 25.68
C HIS A 106 0.91 2.03 26.94
N GLY A 1 7.56 -1.30 8.06
CA GLY A 1 8.49 -1.67 6.96
C GLY A 1 8.41 -0.66 5.83
N LYS A 2 8.50 -1.13 4.57
CA LYS A 2 8.55 -0.28 3.37
C LYS A 2 7.21 -0.19 2.63
N LEU A 3 7.04 0.86 1.84
CA LEU A 3 5.95 1.07 0.89
C LEU A 3 6.37 0.70 -0.55
N TYR A 4 5.46 0.09 -1.31
CA TYR A 4 5.63 -0.33 -2.70
C TYR A 4 4.69 0.41 -3.64
N GLU A 5 5.27 0.89 -4.74
CA GLU A 5 4.60 1.64 -5.80
C GLU A 5 4.01 0.69 -6.85
N VAL A 6 2.67 0.59 -6.90
CA VAL A 6 1.95 -0.37 -7.76
C VAL A 6 1.14 0.29 -8.89
N ASP A 7 1.35 -0.19 -10.12
CA ASP A 7 0.85 0.42 -11.36
C ASP A 7 0.19 -0.55 -12.35
N SER A 8 0.29 -1.87 -12.12
CA SER A 8 -0.36 -2.93 -12.92
C SER A 8 -0.90 -4.06 -12.03
N PRO A 9 -1.94 -4.81 -12.44
CA PRO A 9 -2.38 -6.03 -11.75
C PRO A 9 -1.28 -7.11 -11.71
N ASP A 10 -0.41 -7.12 -12.73
CA ASP A 10 0.81 -7.93 -12.78
C ASP A 10 1.82 -7.52 -11.69
N SER A 11 1.96 -6.21 -11.41
CA SER A 11 2.79 -5.71 -10.30
C SER A 11 2.21 -6.10 -8.94
N VAL A 12 0.88 -6.15 -8.80
CA VAL A 12 0.21 -6.72 -7.60
C VAL A 12 0.60 -8.19 -7.43
N GLU A 13 0.54 -9.00 -8.50
CA GLU A 13 0.94 -10.42 -8.46
C GLU A 13 2.42 -10.58 -8.06
N LYS A 14 3.32 -9.77 -8.61
CA LYS A 14 4.77 -9.85 -8.34
C LYS A 14 5.11 -9.44 -6.91
N ILE A 15 4.44 -8.41 -6.38
CA ILE A 15 4.61 -7.99 -4.98
C ILE A 15 3.99 -9.03 -4.03
N ALA A 16 2.83 -9.60 -4.36
CA ALA A 16 2.23 -10.71 -3.61
C ALA A 16 3.15 -11.94 -3.55
N ARG A 17 3.80 -12.29 -4.66
CA ARG A 17 4.82 -13.35 -4.75
C ARG A 17 6.09 -13.03 -3.93
N GLU A 18 6.46 -11.76 -3.82
CA GLU A 18 7.59 -11.32 -2.96
C GLU A 18 7.23 -11.37 -1.46
N LEU A 19 5.99 -11.02 -1.11
CA LEU A 19 5.44 -11.08 0.26
C LEU A 19 5.03 -12.50 0.71
N GLY A 20 5.05 -13.49 -0.20
CA GLY A 20 4.66 -14.88 0.06
C GLY A 20 3.15 -15.04 0.29
N LEU A 21 2.32 -14.17 -0.31
CA LEU A 21 0.89 -14.04 -0.07
C LEU A 21 0.07 -15.21 -0.64
N SER A 22 -1.12 -15.45 -0.07
CA SER A 22 -2.05 -16.51 -0.49
C SER A 22 -2.89 -16.10 -1.72
N GLU A 23 -3.44 -17.08 -2.44
CA GLU A 23 -4.21 -16.84 -3.69
C GLU A 23 -5.46 -15.98 -3.46
N GLU A 24 -6.21 -16.23 -2.38
CA GLU A 24 -7.41 -15.45 -2.02
C GLU A 24 -7.08 -14.03 -1.55
N GLN A 25 -5.91 -13.84 -0.92
CA GLN A 25 -5.41 -12.52 -0.50
C GLN A 25 -4.98 -11.70 -1.73
N LEU A 26 -4.27 -12.31 -2.68
CA LEU A 26 -3.95 -11.69 -3.98
C LEU A 26 -5.23 -11.31 -4.74
N ARG A 27 -6.18 -12.25 -4.88
CA ARG A 27 -7.46 -12.07 -5.59
C ARG A 27 -8.23 -10.83 -5.12
N ARG A 28 -8.21 -10.55 -3.81
CA ARG A 28 -8.80 -9.34 -3.22
C ARG A 28 -8.08 -8.07 -3.70
N ILE A 29 -6.75 -8.02 -3.67
CA ILE A 29 -6.00 -6.82 -4.06
C ILE A 29 -6.15 -6.54 -5.55
N GLN A 30 -6.15 -7.58 -6.40
CA GLN A 30 -6.39 -7.43 -7.84
C GLN A 30 -7.81 -6.90 -8.16
N LYS A 31 -8.82 -7.23 -7.33
CA LYS A 31 -10.16 -6.61 -7.43
C LYS A 31 -10.11 -5.13 -7.02
N GLU A 32 -9.52 -4.80 -5.88
CA GLU A 32 -9.43 -3.42 -5.40
C GLU A 32 -8.58 -2.52 -6.31
N PHE A 33 -7.59 -3.09 -6.99
CA PHE A 33 -6.82 -2.44 -8.06
C PHE A 33 -7.71 -1.99 -9.22
N GLU A 34 -8.60 -2.85 -9.73
CA GLU A 34 -9.48 -2.46 -10.84
C GLU A 34 -10.58 -1.49 -10.39
N ARG A 35 -11.10 -1.63 -9.15
CA ARG A 35 -12.05 -0.69 -8.55
C ARG A 35 -11.46 0.72 -8.39
N ALA A 36 -10.16 0.84 -8.16
CA ALA A 36 -9.45 2.12 -8.15
C ALA A 36 -9.44 2.80 -9.54
N GLU A 37 -9.32 2.01 -10.61
CA GLU A 37 -9.43 2.49 -12.00
C GLU A 37 -10.88 2.88 -12.35
N ARG A 38 -11.87 2.08 -11.93
CA ARG A 38 -13.29 2.32 -12.30
C ARG A 38 -13.83 3.63 -11.71
N LYS A 39 -13.42 3.95 -10.48
CA LYS A 39 -13.93 5.10 -9.70
C LYS A 39 -13.00 6.32 -9.67
N GLY A 40 -11.85 6.27 -10.36
CA GLY A 40 -10.90 7.39 -10.45
C GLY A 40 -10.19 7.73 -9.14
N LYS A 41 -10.00 6.73 -8.26
CA LYS A 41 -9.45 6.85 -6.89
C LYS A 41 -8.08 6.16 -6.73
N LEU A 42 -7.45 6.33 -5.58
CA LEU A 42 -6.24 5.64 -5.14
C LEU A 42 -6.59 4.74 -3.94
N VAL A 43 -6.05 3.51 -3.91
CA VAL A 43 -6.23 2.54 -2.83
C VAL A 43 -4.91 2.24 -2.13
N ILE A 44 -4.95 2.19 -0.80
CA ILE A 44 -3.84 1.87 0.10
C ILE A 44 -4.10 0.48 0.70
N VAL A 45 -3.09 -0.38 0.63
CA VAL A 45 -3.13 -1.77 1.08
C VAL A 45 -2.02 -2.03 2.09
N TYR A 46 -2.34 -2.75 3.16
CA TYR A 46 -1.42 -3.07 4.25
C TYR A 46 -1.35 -4.58 4.48
N LEU A 47 -0.14 -5.11 4.75
CA LEU A 47 0.12 -6.53 5.05
C LEU A 47 0.84 -6.66 6.40
N THR A 48 0.21 -7.34 7.36
CA THR A 48 0.69 -7.44 8.77
C THR A 48 1.66 -8.60 9.02
N SER A 49 2.26 -8.65 10.21
CA SER A 49 3.04 -9.78 10.73
C SER A 49 2.22 -11.09 10.87
N ASP A 50 0.89 -11.00 10.95
CA ASP A 50 -0.04 -12.14 10.96
C ASP A 50 -0.46 -12.58 9.54
N GLY A 51 -0.02 -11.88 8.50
CA GLY A 51 -0.38 -12.14 7.10
C GLY A 51 -1.76 -11.60 6.69
N LYS A 52 -2.38 -10.76 7.53
CA LYS A 52 -3.68 -10.12 7.25
C LYS A 52 -3.49 -8.99 6.22
N VAL A 53 -4.33 -8.99 5.18
CA VAL A 53 -4.44 -7.87 4.23
C VAL A 53 -5.57 -6.93 4.70
N GLU A 54 -5.30 -5.62 4.68
CA GLU A 54 -6.28 -4.57 4.98
C GLU A 54 -6.29 -3.49 3.88
N ILE A 55 -7.47 -2.94 3.57
CA ILE A 55 -7.72 -2.01 2.45
C ILE A 55 -8.25 -0.66 2.96
N ARG A 56 -7.76 0.45 2.39
CA ARG A 56 -8.23 1.83 2.64
C ARG A 56 -8.32 2.62 1.32
N GLU A 57 -9.28 3.54 1.24
CA GLU A 57 -9.57 4.40 0.08
C GLU A 57 -9.32 5.89 0.42
N VAL A 58 -9.02 6.71 -0.59
CA VAL A 58 -8.83 8.18 -0.43
C VAL A 58 -9.75 9.00 -1.35
N THR A 59 -10.18 10.16 -0.85
CA THR A 59 -10.89 11.21 -1.63
C THR A 59 -9.94 12.26 -2.23
N SER A 60 -8.78 12.47 -1.58
CA SER A 60 -7.79 13.50 -1.90
C SER A 60 -6.40 13.12 -1.35
N GLU A 61 -5.35 13.85 -1.73
CA GLU A 61 -4.01 13.71 -1.15
C GLU A 61 -3.95 13.98 0.36
N GLU A 62 -4.93 14.72 0.89
CA GLU A 62 -5.10 15.03 2.31
C GLU A 62 -5.45 13.77 3.12
N GLU A 63 -6.31 12.89 2.59
CA GLU A 63 -6.57 11.56 3.16
C GLU A 63 -5.32 10.69 3.04
N LEU A 64 -4.72 10.62 1.85
CA LEU A 64 -3.54 9.81 1.56
C LEU A 64 -2.39 10.11 2.55
N GLU A 65 -2.10 11.39 2.78
CA GLU A 65 -1.11 11.85 3.74
C GLU A 65 -1.47 11.47 5.19
N LYS A 66 -2.75 11.59 5.58
CA LYS A 66 -3.22 11.27 6.93
C LYS A 66 -3.08 9.78 7.25
N ILE A 67 -3.37 8.94 6.26
CA ILE A 67 -3.23 7.48 6.38
C ILE A 67 -1.76 7.07 6.48
N LEU A 68 -0.88 7.62 5.63
CA LEU A 68 0.57 7.34 5.73
C LEU A 68 1.16 7.82 7.07
N LYS A 69 0.71 8.97 7.60
CA LYS A 69 1.06 9.46 8.94
C LYS A 69 0.52 8.57 10.06
N LYS A 70 -0.71 8.03 9.93
CA LYS A 70 -1.33 7.10 10.90
C LYS A 70 -0.64 5.73 10.91
N LEU A 71 -0.16 5.26 9.76
CA LEU A 71 0.61 4.01 9.63
C LEU A 71 2.10 4.17 9.99
N GLY A 72 2.55 5.40 10.24
CA GLY A 72 3.88 5.70 10.81
C GLY A 72 5.06 5.53 9.84
N VAL A 73 4.85 5.65 8.53
CA VAL A 73 5.92 5.58 7.53
C VAL A 73 6.85 6.81 7.60
N ASP A 74 8.09 6.67 7.11
CA ASP A 74 9.08 7.76 7.10
C ASP A 74 8.67 8.93 6.19
N GLU A 75 9.03 10.16 6.53
CA GLU A 75 8.58 11.38 5.84
C GLU A 75 9.03 11.44 4.36
N GLU A 76 10.18 10.84 4.02
CA GLU A 76 10.63 10.68 2.64
C GLU A 76 9.65 9.85 1.81
N ILE A 77 9.07 8.80 2.39
CA ILE A 77 8.12 7.91 1.71
C ILE A 77 6.85 8.69 1.36
N ILE A 78 6.37 9.54 2.27
CA ILE A 78 5.16 10.34 2.08
C ILE A 78 5.36 11.35 0.94
N ARG A 79 6.44 12.15 0.97
CA ARG A 79 6.73 13.14 -0.08
C ARG A 79 7.09 12.51 -1.42
N ARG A 80 7.79 11.36 -1.43
CA ARG A 80 8.25 10.69 -2.65
C ARG A 80 7.10 9.99 -3.37
N ILE A 81 6.36 9.13 -2.66
CA ILE A 81 5.32 8.30 -3.27
C ILE A 81 4.09 9.12 -3.69
N LYS A 82 3.70 10.18 -2.95
CA LYS A 82 2.63 11.10 -3.42
C LYS A 82 2.95 11.79 -4.75
N ARG A 83 4.23 12.07 -5.06
CA ARG A 83 4.63 12.65 -6.36
C ARG A 83 4.34 11.71 -7.53
N LEU A 84 4.50 10.40 -7.33
CA LEU A 84 4.17 9.37 -8.33
C LEU A 84 2.66 9.29 -8.60
N ARG A 85 1.85 9.50 -7.55
CA ARG A 85 0.39 9.62 -7.62
C ARG A 85 -0.03 10.90 -8.36
N LYS A 86 0.61 12.04 -8.06
CA LYS A 86 0.37 13.35 -8.72
C LYS A 86 0.72 13.34 -10.21
N GLU A 87 1.74 12.59 -10.62
CA GLU A 87 2.06 12.32 -12.03
C GLU A 87 1.16 11.25 -12.69
N GLY A 88 0.24 10.64 -11.93
CA GLY A 88 -0.77 9.70 -12.42
C GLY A 88 -0.24 8.29 -12.73
N GLN A 89 0.95 7.93 -12.24
CA GLN A 89 1.60 6.65 -12.56
C GLN A 89 1.09 5.50 -11.67
N ILE A 90 0.59 5.80 -10.47
CA ILE A 90 0.23 4.85 -9.43
C ILE A 90 -1.28 4.88 -9.19
N LYS A 91 -1.90 3.70 -9.22
CA LYS A 91 -3.31 3.45 -8.91
C LYS A 91 -3.51 2.80 -7.54
N LEU A 92 -2.45 2.22 -6.98
CA LEU A 92 -2.50 1.40 -5.77
C LEU A 92 -1.14 1.38 -5.06
N VAL A 93 -1.14 1.33 -3.74
CA VAL A 93 0.09 1.30 -2.92
C VAL A 93 0.02 0.21 -1.84
N ILE A 94 1.12 -0.51 -1.62
CA ILE A 94 1.20 -1.68 -0.72
C ILE A 94 2.24 -1.45 0.38
N ILE A 95 1.89 -1.60 1.66
CA ILE A 95 2.80 -1.40 2.80
C ILE A 95 3.02 -2.71 3.55
N GLU A 96 4.28 -3.00 3.90
CA GLU A 96 4.68 -4.15 4.70
C GLU A 96 4.88 -3.75 6.17
N GLY A 97 4.06 -4.33 7.05
CA GLY A 97 4.05 -4.10 8.51
C GLY A 97 4.60 -5.27 9.33
N SER A 98 5.26 -6.25 8.70
CA SER A 98 5.71 -7.50 9.34
C SER A 98 7.05 -7.42 10.11
N LEU A 99 7.64 -6.22 10.17
CA LEU A 99 9.00 -5.97 10.66
C LEU A 99 9.05 -5.15 11.97
N GLU A 100 7.95 -5.09 12.73
CA GLU A 100 7.89 -4.39 14.03
C GLU A 100 8.68 -5.12 15.13
N HIS A 101 9.28 -4.35 16.05
CA HIS A 101 9.94 -4.81 17.27
C HIS A 101 9.54 -3.93 18.47
N HIS A 102 9.42 -4.52 19.67
CA HIS A 102 9.03 -3.81 20.89
C HIS A 102 10.24 -3.20 21.62
N HIS A 103 10.06 -1.99 22.17
CA HIS A 103 10.99 -1.32 23.08
C HIS A 103 10.24 -0.33 24.01
N HIS A 104 10.69 -0.22 25.26
CA HIS A 104 10.18 0.75 26.24
C HIS A 104 11.25 1.09 27.29
N HIS A 105 11.27 2.35 27.76
CA HIS A 105 12.25 2.93 28.68
C HIS A 105 13.73 2.88 28.17
N HIS A 106 14.64 3.47 28.95
CA HIS A 106 16.10 3.36 28.79
C HIS A 106 16.67 2.27 29.72
N GLY A 1 8.91 -3.68 6.52
CA GLY A 1 9.50 -3.40 5.19
C GLY A 1 9.32 -1.96 4.80
N LYS A 2 8.85 -1.72 3.58
CA LYS A 2 8.68 -0.40 2.94
C LYS A 2 7.30 -0.30 2.25
N LEU A 3 7.00 0.86 1.66
CA LEU A 3 5.88 1.08 0.76
C LEU A 3 6.33 0.82 -0.69
N TYR A 4 5.51 0.10 -1.44
CA TYR A 4 5.75 -0.36 -2.80
C TYR A 4 4.78 0.29 -3.80
N GLU A 5 5.35 0.78 -4.90
CA GLU A 5 4.68 1.59 -5.91
C GLU A 5 4.08 0.68 -7.00
N VAL A 6 2.74 0.59 -7.04
CA VAL A 6 2.01 -0.33 -7.93
C VAL A 6 1.16 0.36 -9.00
N ASP A 7 1.42 0.02 -10.27
CA ASP A 7 0.77 0.56 -11.46
C ASP A 7 0.09 -0.51 -12.35
N SER A 8 0.29 -1.79 -12.06
CA SER A 8 -0.12 -2.93 -12.90
C SER A 8 -0.68 -4.10 -12.08
N PRO A 9 -1.70 -4.83 -12.57
CA PRO A 9 -2.16 -6.08 -11.95
C PRO A 9 -1.11 -7.18 -11.94
N ASP A 10 -0.17 -7.16 -12.88
CA ASP A 10 0.95 -8.10 -12.85
C ASP A 10 1.95 -7.74 -11.74
N SER A 11 2.11 -6.44 -11.42
CA SER A 11 2.91 -5.98 -10.28
C SER A 11 2.24 -6.30 -8.94
N VAL A 12 0.91 -6.31 -8.88
CA VAL A 12 0.17 -6.83 -7.70
C VAL A 12 0.52 -8.30 -7.47
N GLU A 13 0.53 -9.14 -8.53
CA GLU A 13 0.94 -10.55 -8.43
C GLU A 13 2.40 -10.72 -8.00
N LYS A 14 3.32 -9.91 -8.57
CA LYS A 14 4.77 -9.99 -8.28
C LYS A 14 5.06 -9.61 -6.83
N ILE A 15 4.41 -8.55 -6.32
CA ILE A 15 4.56 -8.14 -4.92
C ILE A 15 3.89 -9.17 -3.99
N ALA A 16 2.72 -9.71 -4.33
CA ALA A 16 2.09 -10.79 -3.58
C ALA A 16 2.97 -12.05 -3.49
N ARG A 17 3.68 -12.40 -4.56
CA ARG A 17 4.68 -13.49 -4.59
C ARG A 17 5.90 -13.20 -3.71
N GLU A 18 6.34 -11.94 -3.57
CA GLU A 18 7.39 -11.55 -2.62
C GLU A 18 6.91 -11.54 -1.15
N LEU A 19 5.63 -11.19 -0.91
CA LEU A 19 4.98 -11.21 0.40
C LEU A 19 4.53 -12.63 0.85
N GLY A 20 4.62 -13.63 -0.03
CA GLY A 20 4.14 -15.00 0.24
C GLY A 20 2.62 -15.10 0.44
N LEU A 21 1.84 -14.24 -0.24
CA LEU A 21 0.41 -14.04 -0.01
C LEU A 21 -0.47 -15.23 -0.43
N SER A 22 -1.66 -15.32 0.16
CA SER A 22 -2.68 -16.33 -0.17
C SER A 22 -3.36 -16.01 -1.50
N GLU A 23 -3.92 -17.03 -2.18
CA GLU A 23 -4.63 -16.86 -3.47
C GLU A 23 -5.85 -15.93 -3.35
N GLU A 24 -6.63 -16.06 -2.28
CA GLU A 24 -7.81 -15.21 -2.02
C GLU A 24 -7.40 -13.78 -1.60
N GLN A 25 -6.28 -13.62 -0.91
CA GLN A 25 -5.73 -12.31 -0.54
C GLN A 25 -5.16 -11.57 -1.77
N LEU A 26 -4.52 -12.29 -2.69
CA LEU A 26 -4.14 -11.76 -4.01
C LEU A 26 -5.38 -11.32 -4.80
N ARG A 27 -6.37 -12.22 -4.96
CA ARG A 27 -7.65 -11.93 -5.66
C ARG A 27 -8.37 -10.70 -5.09
N ARG A 28 -8.25 -10.45 -3.80
CA ARG A 28 -8.77 -9.25 -3.12
C ARG A 28 -8.01 -8.00 -3.54
N ILE A 29 -6.68 -7.96 -3.49
CA ILE A 29 -5.91 -6.76 -3.90
C ILE A 29 -6.16 -6.46 -5.37
N GLN A 30 -6.28 -7.50 -6.21
CA GLN A 30 -6.61 -7.39 -7.63
C GLN A 30 -8.01 -6.78 -7.86
N LYS A 31 -9.01 -7.14 -7.03
CA LYS A 31 -10.33 -6.49 -7.02
C LYS A 31 -10.23 -5.02 -6.60
N GLU A 32 -9.55 -4.72 -5.49
CA GLU A 32 -9.45 -3.34 -5.01
C GLU A 32 -8.68 -2.44 -5.98
N PHE A 33 -7.66 -2.97 -6.68
CA PHE A 33 -6.93 -2.31 -7.75
C PHE A 33 -7.84 -1.94 -8.94
N GLU A 34 -8.63 -2.89 -9.46
CA GLU A 34 -9.50 -2.62 -10.61
C GLU A 34 -10.70 -1.73 -10.25
N ARG A 35 -11.25 -1.87 -9.03
CA ARG A 35 -12.29 -0.96 -8.48
C ARG A 35 -11.77 0.46 -8.33
N ALA A 36 -10.55 0.63 -7.82
CA ALA A 36 -9.90 1.95 -7.71
C ALA A 36 -9.68 2.61 -9.09
N GLU A 37 -9.29 1.82 -10.10
CA GLU A 37 -9.12 2.29 -11.48
C GLU A 37 -10.46 2.71 -12.12
N ARG A 38 -11.54 1.94 -11.91
CA ARG A 38 -12.90 2.30 -12.37
C ARG A 38 -13.42 3.60 -11.75
N LYS A 39 -13.17 3.81 -10.46
CA LYS A 39 -13.64 4.97 -9.69
C LYS A 39 -12.67 6.16 -9.66
N GLY A 40 -11.51 6.04 -10.34
CA GLY A 40 -10.53 7.13 -10.50
C GLY A 40 -9.82 7.56 -9.21
N LYS A 41 -9.64 6.63 -8.26
CA LYS A 41 -9.02 6.88 -6.93
C LYS A 41 -7.74 6.08 -6.69
N LEU A 42 -7.05 6.40 -5.60
CA LEU A 42 -5.91 5.64 -5.05
C LEU A 42 -6.39 4.74 -3.90
N VAL A 43 -5.85 3.53 -3.80
CA VAL A 43 -6.06 2.61 -2.67
C VAL A 43 -4.73 2.25 -2.01
N ILE A 44 -4.76 2.18 -0.69
CA ILE A 44 -3.64 1.85 0.20
C ILE A 44 -3.89 0.47 0.80
N VAL A 45 -2.90 -0.40 0.70
CA VAL A 45 -2.93 -1.79 1.18
C VAL A 45 -1.78 -2.03 2.14
N TYR A 46 -2.07 -2.78 3.20
CA TYR A 46 -1.13 -3.12 4.26
C TYR A 46 -1.09 -4.63 4.50
N LEU A 47 0.10 -5.20 4.73
CA LEU A 47 0.33 -6.61 5.06
C LEU A 47 0.99 -6.73 6.44
N THR A 48 0.34 -7.46 7.35
CA THR A 48 0.73 -7.61 8.77
C THR A 48 1.70 -8.76 9.03
N SER A 49 2.32 -8.79 10.22
CA SER A 49 3.13 -9.93 10.69
C SER A 49 2.31 -11.22 10.91
N ASP A 50 0.98 -11.12 11.00
CA ASP A 50 0.05 -12.26 10.99
C ASP A 50 -0.28 -12.77 9.57
N GLY A 51 0.23 -12.09 8.52
CA GLY A 51 0.01 -12.47 7.12
C GLY A 51 -1.34 -12.02 6.53
N LYS A 52 -2.02 -11.08 7.18
CA LYS A 52 -3.35 -10.57 6.80
C LYS A 52 -3.23 -9.27 5.99
N VAL A 53 -4.09 -9.10 4.98
CA VAL A 53 -4.23 -7.85 4.21
C VAL A 53 -5.30 -6.92 4.80
N GLU A 54 -5.03 -5.62 4.77
CA GLU A 54 -5.98 -4.55 5.13
C GLU A 54 -6.00 -3.46 4.04
N ILE A 55 -7.18 -2.87 3.78
CA ILE A 55 -7.46 -1.98 2.64
C ILE A 55 -8.02 -0.63 3.11
N ARG A 56 -7.59 0.49 2.50
CA ARG A 56 -8.18 1.84 2.65
C ARG A 56 -8.27 2.57 1.30
N GLU A 57 -9.38 3.26 1.06
CA GLU A 57 -9.59 4.16 -0.09
C GLU A 57 -9.29 5.63 0.29
N VAL A 58 -8.84 6.44 -0.67
CA VAL A 58 -8.71 7.91 -0.52
C VAL A 58 -9.72 8.67 -1.38
N THR A 59 -10.18 9.83 -0.90
CA THR A 59 -11.00 10.79 -1.67
C THR A 59 -10.13 11.84 -2.36
N SER A 60 -9.09 12.31 -1.65
CA SER A 60 -8.11 13.32 -2.08
C SER A 60 -6.74 13.01 -1.46
N GLU A 61 -5.66 13.68 -1.90
CA GLU A 61 -4.32 13.46 -1.36
C GLU A 61 -4.12 13.92 0.10
N GLU A 62 -5.07 14.66 0.66
CA GLU A 62 -5.15 14.98 2.09
C GLU A 62 -5.47 13.73 2.94
N GLU A 63 -6.31 12.83 2.43
CA GLU A 63 -6.53 11.50 3.03
C GLU A 63 -5.27 10.64 2.88
N LEU A 64 -4.67 10.58 1.68
CA LEU A 64 -3.43 9.81 1.42
C LEU A 64 -2.34 10.17 2.44
N GLU A 65 -2.11 11.47 2.66
CA GLU A 65 -1.17 11.97 3.67
C GLU A 65 -1.51 11.52 5.09
N LYS A 66 -2.80 11.60 5.49
CA LYS A 66 -3.27 11.30 6.84
C LYS A 66 -3.21 9.80 7.15
N ILE A 67 -3.53 8.96 6.18
CA ILE A 67 -3.49 7.50 6.29
C ILE A 67 -2.04 7.02 6.36
N LEU A 68 -1.14 7.51 5.50
CA LEU A 68 0.27 7.14 5.57
C LEU A 68 0.93 7.57 6.89
N LYS A 69 0.58 8.75 7.43
CA LYS A 69 0.97 9.17 8.79
C LYS A 69 0.43 8.23 9.88
N LYS A 70 -0.82 7.75 9.77
CA LYS A 70 -1.44 6.79 10.71
C LYS A 70 -0.79 5.40 10.65
N LEU A 71 -0.36 4.96 9.47
CA LEU A 71 0.36 3.69 9.26
C LEU A 71 1.86 3.78 9.64
N GLY A 72 2.35 4.97 9.98
CA GLY A 72 3.69 5.18 10.55
C GLY A 72 4.85 5.09 9.56
N VAL A 73 4.60 5.29 8.26
CA VAL A 73 5.67 5.34 7.24
C VAL A 73 6.52 6.61 7.41
N ASP A 74 7.76 6.59 6.91
CA ASP A 74 8.66 7.75 7.00
C ASP A 74 8.17 8.94 6.15
N GLU A 75 8.40 10.18 6.59
CA GLU A 75 7.96 11.39 5.89
C GLU A 75 8.53 11.53 4.47
N GLU A 76 9.72 10.97 4.20
CA GLU A 76 10.27 10.89 2.84
C GLU A 76 9.37 10.08 1.92
N ILE A 77 8.83 8.96 2.39
CA ILE A 77 7.90 8.11 1.64
C ILE A 77 6.67 8.92 1.27
N ILE A 78 6.08 9.67 2.21
CA ILE A 78 4.85 10.41 1.97
C ILE A 78 5.06 11.52 0.92
N ARG A 79 6.09 12.35 1.09
CA ARG A 79 6.40 13.44 0.13
C ARG A 79 6.89 12.94 -1.23
N ARG A 80 7.60 11.80 -1.28
CA ARG A 80 8.12 11.22 -2.53
C ARG A 80 7.00 10.58 -3.34
N ILE A 81 6.20 9.72 -2.70
CA ILE A 81 5.02 9.09 -3.33
C ILE A 81 4.01 10.14 -3.83
N LYS A 82 3.87 11.31 -3.17
CA LYS A 82 3.05 12.41 -3.69
C LYS A 82 3.50 12.94 -5.06
N ARG A 83 4.80 12.93 -5.38
CA ARG A 83 5.29 13.22 -6.75
C ARG A 83 4.78 12.18 -7.77
N LEU A 84 4.78 10.89 -7.41
CA LEU A 84 4.24 9.82 -8.26
C LEU A 84 2.71 9.93 -8.43
N ARG A 85 2.00 10.37 -7.39
CA ARG A 85 0.56 10.70 -7.41
C ARG A 85 0.28 11.89 -8.33
N LYS A 86 1.08 12.96 -8.28
CA LYS A 86 0.92 14.16 -9.12
C LYS A 86 1.16 13.88 -10.61
N GLU A 87 2.02 12.92 -10.95
CA GLU A 87 2.16 12.40 -12.32
C GLU A 87 1.13 11.30 -12.68
N GLY A 88 0.28 10.89 -11.73
CA GLY A 88 -0.79 9.90 -11.91
C GLY A 88 -0.31 8.48 -12.21
N GLN A 89 0.91 8.13 -11.82
CA GLN A 89 1.59 6.89 -12.22
C GLN A 89 1.04 5.65 -11.51
N ILE A 90 0.81 5.79 -10.20
CA ILE A 90 0.51 4.74 -9.25
C ILE A 90 -1.00 4.76 -8.94
N LYS A 91 -1.63 3.60 -9.08
CA LYS A 91 -3.08 3.41 -8.81
C LYS A 91 -3.33 2.77 -7.45
N LEU A 92 -2.28 2.20 -6.86
CA LEU A 92 -2.32 1.37 -5.66
C LEU A 92 -0.95 1.41 -4.96
N VAL A 93 -0.93 1.51 -3.63
CA VAL A 93 0.28 1.35 -2.82
C VAL A 93 0.14 0.18 -1.87
N ILE A 94 1.21 -0.61 -1.72
CA ILE A 94 1.25 -1.80 -0.85
C ILE A 94 2.35 -1.60 0.21
N ILE A 95 2.07 -1.89 1.48
CA ILE A 95 2.99 -1.64 2.60
C ILE A 95 3.17 -2.94 3.40
N GLU A 96 4.41 -3.24 3.80
CA GLU A 96 4.73 -4.37 4.68
C GLU A 96 5.13 -3.87 6.09
N GLY A 97 4.46 -4.37 7.13
CA GLY A 97 4.84 -4.19 8.53
C GLY A 97 6.03 -5.06 8.94
N SER A 98 5.80 -6.05 9.80
CA SER A 98 6.77 -7.11 10.16
C SER A 98 8.14 -6.59 10.64
N LEU A 99 8.14 -5.58 11.51
CA LEU A 99 9.33 -4.88 12.02
C LEU A 99 10.04 -5.63 13.16
N GLU A 100 10.09 -6.96 13.10
CA GLU A 100 10.63 -7.87 14.13
C GLU A 100 10.10 -7.54 15.54
N HIS A 101 8.78 -7.43 15.64
CA HIS A 101 8.04 -6.91 16.79
C HIS A 101 8.42 -7.60 18.12
N HIS A 102 8.77 -6.79 19.13
CA HIS A 102 9.22 -7.23 20.46
C HIS A 102 8.08 -7.27 21.51
N HIS A 103 8.24 -8.10 22.54
CA HIS A 103 7.26 -8.34 23.60
C HIS A 103 7.63 -7.69 24.96
N HIS A 104 8.47 -6.65 24.95
CA HIS A 104 8.98 -5.99 26.16
C HIS A 104 7.88 -5.37 27.04
N HIS A 105 8.00 -5.54 28.36
CA HIS A 105 7.12 -4.96 29.39
C HIS A 105 7.86 -4.76 30.72
N HIS A 106 7.24 -4.02 31.65
CA HIS A 106 7.72 -3.85 33.04
C HIS A 106 7.50 -5.12 33.90
N GLY A 1 10.82 -2.02 7.36
CA GLY A 1 9.52 -1.84 6.68
C GLY A 1 9.60 -0.81 5.57
N LYS A 2 8.79 -0.98 4.49
CA LYS A 2 8.79 -0.09 3.30
C LYS A 2 7.44 -0.11 2.58
N LEU A 3 7.17 0.95 1.81
CA LEU A 3 6.05 1.07 0.87
C LEU A 3 6.50 0.73 -0.56
N TYR A 4 5.62 0.05 -1.30
CA TYR A 4 5.76 -0.34 -2.70
C TYR A 4 4.71 0.35 -3.57
N GLU A 5 5.16 0.96 -4.65
CA GLU A 5 4.36 1.76 -5.59
C GLU A 5 3.85 0.89 -6.75
N VAL A 6 2.54 0.67 -6.78
CA VAL A 6 1.85 -0.29 -7.66
C VAL A 6 1.04 0.41 -8.77
N ASP A 7 1.22 -0.02 -10.03
CA ASP A 7 0.50 0.53 -11.19
C ASP A 7 -0.13 -0.52 -12.13
N SER A 8 0.22 -1.80 -11.97
CA SER A 8 -0.16 -2.89 -12.87
C SER A 8 -0.72 -4.12 -12.11
N PRO A 9 -1.60 -4.93 -12.72
CA PRO A 9 -2.02 -6.20 -12.12
C PRO A 9 -0.86 -7.19 -11.96
N ASP A 10 0.16 -7.05 -12.79
CA ASP A 10 1.39 -7.83 -12.66
C ASP A 10 2.20 -7.41 -11.43
N SER A 11 2.30 -6.10 -11.12
CA SER A 11 2.95 -5.65 -9.88
C SER A 11 2.19 -6.11 -8.64
N VAL A 12 0.86 -6.20 -8.70
CA VAL A 12 0.03 -6.80 -7.64
C VAL A 12 0.38 -8.28 -7.46
N GLU A 13 0.43 -9.06 -8.55
CA GLU A 13 0.79 -10.48 -8.52
C GLU A 13 2.20 -10.70 -7.96
N LYS A 14 3.20 -9.94 -8.42
CA LYS A 14 4.61 -10.14 -8.05
C LYS A 14 4.87 -9.74 -6.59
N ILE A 15 4.30 -8.63 -6.12
CA ILE A 15 4.42 -8.25 -4.71
C ILE A 15 3.65 -9.25 -3.83
N ALA A 16 2.45 -9.67 -4.22
CA ALA A 16 1.68 -10.70 -3.49
C ALA A 16 2.46 -12.04 -3.37
N ARG A 17 3.19 -12.44 -4.42
CA ARG A 17 4.08 -13.62 -4.40
C ARG A 17 5.30 -13.43 -3.50
N GLU A 18 5.87 -12.22 -3.41
CA GLU A 18 6.97 -11.93 -2.48
C GLU A 18 6.50 -11.82 -1.02
N LEU A 19 5.27 -11.37 -0.79
CA LEU A 19 4.61 -11.34 0.53
C LEU A 19 3.95 -12.68 0.93
N GLY A 20 3.98 -13.70 0.05
CA GLY A 20 3.51 -15.06 0.31
C GLY A 20 1.98 -15.22 0.40
N LEU A 21 1.22 -14.38 -0.30
CA LEU A 21 -0.26 -14.40 -0.29
C LEU A 21 -0.86 -15.65 -0.97
N SER A 22 -2.02 -16.09 -0.47
CA SER A 22 -2.84 -17.16 -1.07
C SER A 22 -3.63 -16.66 -2.29
N GLU A 23 -4.15 -17.57 -3.11
CA GLU A 23 -4.89 -17.23 -4.35
C GLU A 23 -6.08 -16.29 -4.10
N GLU A 24 -6.86 -16.53 -3.04
CA GLU A 24 -8.00 -15.68 -2.66
C GLU A 24 -7.57 -14.29 -2.18
N GLN A 25 -6.45 -14.21 -1.44
CA GLN A 25 -5.86 -12.95 -0.97
C GLN A 25 -5.28 -12.14 -2.14
N LEU A 26 -4.70 -12.80 -3.14
CA LEU A 26 -4.24 -12.18 -4.39
C LEU A 26 -5.44 -11.61 -5.17
N ARG A 27 -6.45 -12.44 -5.47
CA ARG A 27 -7.66 -12.07 -6.23
C ARG A 27 -8.45 -10.94 -5.57
N ARG A 28 -8.41 -10.85 -4.24
CA ARG A 28 -8.99 -9.75 -3.45
C ARG A 28 -8.33 -8.41 -3.76
N ILE A 29 -6.99 -8.33 -3.73
CA ILE A 29 -6.26 -7.09 -4.04
C ILE A 29 -6.42 -6.75 -5.53
N GLN A 30 -6.44 -7.76 -6.40
CA GLN A 30 -6.68 -7.56 -7.85
C GLN A 30 -8.06 -6.95 -8.14
N LYS A 31 -9.10 -7.32 -7.37
CA LYS A 31 -10.46 -6.77 -7.50
C LYS A 31 -10.52 -5.29 -7.09
N GLU A 32 -9.95 -4.94 -5.95
CA GLU A 32 -9.89 -3.55 -5.49
C GLU A 32 -8.89 -2.69 -6.28
N PHE A 33 -7.83 -3.30 -6.80
CA PHE A 33 -6.92 -2.69 -7.78
C PHE A 33 -7.69 -2.26 -9.05
N GLU A 34 -8.44 -3.18 -9.69
CA GLU A 34 -9.15 -2.87 -10.94
C GLU A 34 -10.34 -1.93 -10.72
N ARG A 35 -11.05 -2.04 -9.58
CA ARG A 35 -12.11 -1.09 -9.20
C ARG A 35 -11.55 0.31 -8.91
N ALA A 36 -10.41 0.42 -8.22
CA ALA A 36 -9.72 1.70 -8.02
C ALA A 36 -9.22 2.31 -9.34
N GLU A 37 -8.69 1.47 -10.25
CA GLU A 37 -8.27 1.88 -11.61
C GLU A 37 -9.45 2.46 -12.40
N ARG A 38 -10.61 1.79 -12.35
CA ARG A 38 -11.86 2.21 -13.03
C ARG A 38 -12.47 3.48 -12.44
N LYS A 39 -12.42 3.64 -11.11
CA LYS A 39 -12.94 4.84 -10.41
C LYS A 39 -11.97 6.03 -10.45
N GLY A 40 -10.70 5.79 -10.77
CA GLY A 40 -9.62 6.80 -10.78
C GLY A 40 -9.05 7.16 -9.40
N LYS A 41 -9.38 6.39 -8.35
CA LYS A 41 -8.93 6.62 -6.96
C LYS A 41 -7.63 5.87 -6.64
N LEU A 42 -7.07 6.11 -5.46
CA LEU A 42 -5.96 5.34 -4.89
C LEU A 42 -6.42 4.54 -3.65
N VAL A 43 -5.90 3.32 -3.49
CA VAL A 43 -6.04 2.53 -2.24
C VAL A 43 -4.70 2.15 -1.63
N ILE A 44 -4.66 2.13 -0.30
CA ILE A 44 -3.49 1.82 0.52
C ILE A 44 -3.72 0.43 1.14
N VAL A 45 -2.79 -0.49 0.89
CA VAL A 45 -2.78 -1.87 1.36
C VAL A 45 -1.65 -2.07 2.36
N TYR A 46 -1.91 -2.77 3.45
CA TYR A 46 -0.92 -3.09 4.50
C TYR A 46 -0.84 -4.60 4.76
N LEU A 47 0.37 -5.13 5.01
CA LEU A 47 0.61 -6.52 5.41
C LEU A 47 1.14 -6.62 6.86
N THR A 48 0.53 -7.50 7.66
CA THR A 48 0.99 -7.86 9.02
C THR A 48 1.85 -9.13 9.04
N SER A 49 2.52 -9.42 10.16
CA SER A 49 3.30 -10.66 10.38
C SER A 49 2.43 -11.93 10.39
N ASP A 50 1.13 -11.80 10.62
CA ASP A 50 0.14 -12.90 10.51
C ASP A 50 -0.32 -13.15 9.07
N GLY A 51 0.10 -12.30 8.11
CA GLY A 51 -0.32 -12.37 6.70
C GLY A 51 -1.71 -11.78 6.44
N LYS A 52 -2.27 -11.04 7.40
CA LYS A 52 -3.54 -10.29 7.24
C LYS A 52 -3.28 -9.07 6.34
N VAL A 53 -4.17 -8.85 5.37
CA VAL A 53 -4.21 -7.62 4.56
C VAL A 53 -5.25 -6.65 5.11
N GLU A 54 -4.94 -5.36 5.10
CA GLU A 54 -5.86 -4.27 5.48
C GLU A 54 -5.83 -3.18 4.39
N ILE A 55 -7.02 -2.66 4.02
CA ILE A 55 -7.23 -1.79 2.85
C ILE A 55 -7.93 -0.48 3.25
N ARG A 56 -7.50 0.66 2.69
CA ARG A 56 -8.12 1.99 2.85
C ARG A 56 -8.17 2.73 1.51
N GLU A 57 -9.25 3.43 1.23
CA GLU A 57 -9.43 4.27 0.02
C GLU A 57 -9.09 5.75 0.30
N VAL A 58 -8.57 6.48 -0.69
CA VAL A 58 -8.35 7.94 -0.62
C VAL A 58 -8.98 8.69 -1.80
N THR A 59 -9.59 9.84 -1.52
CA THR A 59 -10.19 10.76 -2.51
C THR A 59 -9.24 11.89 -2.91
N SER A 60 -8.38 12.34 -2.00
CA SER A 60 -7.47 13.49 -2.13
C SER A 60 -6.14 13.26 -1.39
N GLU A 61 -5.13 14.11 -1.64
CA GLU A 61 -3.83 14.03 -0.96
C GLU A 61 -3.89 14.25 0.56
N GLU A 62 -4.93 14.92 1.07
CA GLU A 62 -5.16 15.14 2.51
C GLU A 62 -5.40 13.81 3.24
N GLU A 63 -6.20 12.93 2.65
CA GLU A 63 -6.40 11.56 3.16
C GLU A 63 -5.07 10.78 3.12
N LEU A 64 -4.40 10.75 1.96
CA LEU A 64 -3.14 10.03 1.76
C LEU A 64 -2.07 10.43 2.79
N GLU A 65 -1.91 11.72 3.04
CA GLU A 65 -1.00 12.26 4.06
C GLU A 65 -1.36 11.75 5.47
N LYS A 66 -2.65 11.78 5.83
CA LYS A 66 -3.14 11.46 7.17
C LYS A 66 -3.03 9.97 7.50
N ILE A 67 -3.28 9.12 6.50
CA ILE A 67 -3.16 7.66 6.62
C ILE A 67 -1.69 7.25 6.68
N LEU A 68 -0.82 7.81 5.82
CA LEU A 68 0.62 7.51 5.88
C LEU A 68 1.26 8.01 7.19
N LYS A 69 0.81 9.16 7.73
CA LYS A 69 1.17 9.64 9.08
C LYS A 69 0.70 8.69 10.19
N LYS A 70 -0.52 8.14 10.10
CA LYS A 70 -1.05 7.14 11.05
C LYS A 70 -0.24 5.83 11.02
N LEU A 71 0.17 5.40 9.82
CA LEU A 71 0.99 4.21 9.60
C LEU A 71 2.48 4.40 9.91
N GLY A 72 2.91 5.63 10.22
CA GLY A 72 4.24 5.95 10.75
C GLY A 72 5.40 5.83 9.74
N VAL A 73 5.12 5.96 8.44
CA VAL A 73 6.15 5.91 7.39
C VAL A 73 7.08 7.14 7.43
N ASP A 74 8.26 7.02 6.82
CA ASP A 74 9.19 8.14 6.66
C ASP A 74 8.59 9.28 5.81
N GLU A 75 8.87 10.54 6.15
CA GLU A 75 8.29 11.71 5.47
C GLU A 75 8.67 11.79 3.99
N GLU A 76 9.83 11.21 3.62
CA GLU A 76 10.25 10.99 2.22
C GLU A 76 9.16 10.25 1.43
N ILE A 77 8.62 9.17 1.99
CA ILE A 77 7.61 8.31 1.35
C ILE A 77 6.32 9.13 1.13
N ILE A 78 5.93 9.95 2.11
CA ILE A 78 4.73 10.79 2.03
C ILE A 78 4.86 11.82 0.90
N ARG A 79 5.94 12.61 0.86
CA ARG A 79 6.17 13.59 -0.21
C ARG A 79 6.42 12.95 -1.58
N ARG A 80 7.06 11.77 -1.61
CA ARG A 80 7.47 11.10 -2.85
C ARG A 80 6.26 10.49 -3.53
N ILE A 81 5.51 9.68 -2.79
CA ILE A 81 4.27 9.05 -3.29
C ILE A 81 3.19 10.09 -3.64
N LYS A 82 3.09 11.22 -2.94
CA LYS A 82 2.24 12.34 -3.40
C LYS A 82 2.60 12.79 -4.82
N ARG A 83 3.90 12.86 -5.16
CA ARG A 83 4.37 13.20 -6.51
C ARG A 83 4.07 12.08 -7.52
N LEU A 84 4.28 10.80 -7.17
CA LEU A 84 3.87 9.65 -8.01
C LEU A 84 2.36 9.68 -8.34
N ARG A 85 1.53 10.03 -7.35
CA ARG A 85 0.07 10.16 -7.48
C ARG A 85 -0.33 11.38 -8.30
N LYS A 86 0.33 12.53 -8.11
CA LYS A 86 0.08 13.79 -8.86
C LYS A 86 0.53 13.71 -10.33
N GLU A 87 1.55 12.90 -10.63
CA GLU A 87 1.96 12.55 -12.00
C GLU A 87 1.02 11.48 -12.63
N GLY A 88 0.15 10.86 -11.83
CA GLY A 88 -0.92 9.96 -12.28
C GLY A 88 -0.49 8.51 -12.55
N GLN A 89 0.67 8.07 -12.05
CA GLN A 89 1.16 6.69 -12.28
C GLN A 89 0.47 5.67 -11.35
N ILE A 90 0.27 6.05 -10.08
CA ILE A 90 -0.12 5.14 -9.02
C ILE A 90 -1.62 5.29 -8.69
N LYS A 91 -2.28 4.13 -8.63
CA LYS A 91 -3.67 3.95 -8.17
C LYS A 91 -3.76 2.92 -7.03
N LEU A 92 -2.62 2.39 -6.57
CA LEU A 92 -2.54 1.45 -5.45
C LEU A 92 -1.14 1.45 -4.81
N VAL A 93 -1.05 1.36 -3.48
CA VAL A 93 0.22 1.16 -2.76
C VAL A 93 0.12 -0.01 -1.78
N ILE A 94 1.23 -0.72 -1.58
CA ILE A 94 1.33 -1.87 -0.67
C ILE A 94 2.44 -1.60 0.35
N ILE A 95 2.19 -1.83 1.65
CA ILE A 95 3.14 -1.50 2.71
C ILE A 95 3.40 -2.74 3.58
N GLU A 96 4.65 -2.99 3.90
CA GLU A 96 5.12 -4.09 4.75
C GLU A 96 5.81 -3.51 6.00
N GLY A 97 5.34 -3.86 7.20
CA GLY A 97 5.91 -3.33 8.45
C GLY A 97 5.34 -3.96 9.72
N SER A 98 5.89 -5.11 10.11
CA SER A 98 5.43 -5.87 11.29
C SER A 98 6.56 -6.66 11.98
N LEU A 99 7.82 -6.27 11.72
CA LEU A 99 9.02 -6.94 12.23
C LEU A 99 10.13 -5.92 12.48
N GLU A 100 10.11 -5.36 13.69
CA GLU A 100 11.09 -4.39 14.20
C GLU A 100 11.40 -4.59 15.70
N HIS A 101 12.52 -4.01 16.17
CA HIS A 101 12.99 -4.05 17.55
C HIS A 101 13.65 -2.71 17.97
N HIS A 102 13.78 -2.46 19.28
CA HIS A 102 14.23 -1.17 19.83
C HIS A 102 15.43 -1.35 20.80
N HIS A 103 16.36 -0.37 20.77
CA HIS A 103 17.59 -0.39 21.58
C HIS A 103 17.93 0.99 22.18
N HIS A 104 17.79 2.08 21.38
CA HIS A 104 18.17 3.46 21.70
C HIS A 104 19.68 3.69 21.96
N HIS A 105 20.12 4.95 21.86
CA HIS A 105 21.48 5.39 22.19
C HIS A 105 21.63 5.74 23.69
N HIS A 106 22.87 5.89 24.15
CA HIS A 106 23.25 6.28 25.52
C HIS A 106 24.48 7.21 25.56
N GLY A 1 6.72 0.49 8.61
CA GLY A 1 7.18 -0.50 7.61
C GLY A 1 7.51 0.13 6.27
N LYS A 2 7.68 -0.68 5.22
CA LYS A 2 8.06 -0.24 3.85
C LYS A 2 6.84 -0.21 2.91
N LEU A 3 6.80 0.78 2.02
CA LEU A 3 5.78 0.96 0.99
C LEU A 3 6.30 0.56 -0.40
N TYR A 4 5.43 -0.06 -1.19
CA TYR A 4 5.62 -0.43 -2.58
C TYR A 4 4.60 0.29 -3.46
N GLU A 5 5.12 0.93 -4.51
CA GLU A 5 4.38 1.80 -5.42
C GLU A 5 3.87 0.99 -6.63
N VAL A 6 2.56 0.83 -6.71
CA VAL A 6 1.89 -0.09 -7.65
C VAL A 6 1.07 0.65 -8.73
N ASP A 7 1.36 0.33 -10.00
CA ASP A 7 0.73 0.92 -11.20
C ASP A 7 0.05 -0.10 -12.13
N SER A 8 0.29 -1.40 -11.93
CA SER A 8 -0.25 -2.49 -12.76
C SER A 8 -0.75 -3.68 -11.92
N PRO A 9 -1.72 -4.48 -12.41
CA PRO A 9 -2.15 -5.71 -11.74
C PRO A 9 -1.05 -6.78 -11.72
N ASP A 10 -0.11 -6.72 -12.66
CA ASP A 10 1.02 -7.65 -12.68
C ASP A 10 2.02 -7.34 -11.55
N SER A 11 2.21 -6.07 -11.21
CA SER A 11 3.03 -5.65 -10.05
C SER A 11 2.40 -6.07 -8.72
N VAL A 12 1.05 -6.13 -8.63
CA VAL A 12 0.36 -6.73 -7.48
C VAL A 12 0.79 -8.19 -7.30
N GLU A 13 0.85 -8.97 -8.38
CA GLU A 13 1.27 -10.38 -8.32
C GLU A 13 2.76 -10.52 -7.96
N LYS A 14 3.63 -9.67 -8.52
CA LYS A 14 5.07 -9.66 -8.23
C LYS A 14 5.34 -9.38 -6.75
N ILE A 15 4.65 -8.39 -6.18
CA ILE A 15 4.73 -8.06 -4.75
C ILE A 15 4.10 -9.15 -3.89
N ALA A 16 2.94 -9.69 -4.28
CA ALA A 16 2.26 -10.79 -3.57
C ALA A 16 3.14 -12.05 -3.44
N ARG A 17 3.93 -12.37 -4.48
CA ARG A 17 4.91 -13.47 -4.47
C ARG A 17 6.11 -13.19 -3.56
N GLU A 18 6.54 -11.94 -3.42
CA GLU A 18 7.61 -11.56 -2.47
C GLU A 18 7.12 -11.50 -1.02
N LEU A 19 5.86 -11.10 -0.80
CA LEU A 19 5.19 -11.07 0.52
C LEU A 19 4.63 -12.43 0.97
N GLY A 20 4.65 -13.45 0.10
CA GLY A 20 4.16 -14.80 0.40
C GLY A 20 2.64 -14.89 0.60
N LEU A 21 1.85 -14.06 -0.10
CA LEU A 21 0.39 -14.03 0.01
C LEU A 21 -0.27 -15.30 -0.58
N SER A 22 -1.45 -15.64 -0.09
CA SER A 22 -2.30 -16.71 -0.64
C SER A 22 -2.92 -16.30 -1.98
N GLU A 23 -3.37 -17.27 -2.79
CA GLU A 23 -4.00 -17.00 -4.10
C GLU A 23 -5.26 -16.12 -3.97
N GLU A 24 -6.07 -16.35 -2.95
CA GLU A 24 -7.29 -15.55 -2.69
C GLU A 24 -6.97 -14.13 -2.20
N GLN A 25 -5.86 -13.95 -1.46
CA GLN A 25 -5.36 -12.63 -1.06
C GLN A 25 -4.85 -11.84 -2.27
N LEU A 26 -4.10 -12.49 -3.16
CA LEU A 26 -3.69 -11.92 -4.45
C LEU A 26 -4.91 -11.50 -5.26
N ARG A 27 -5.87 -12.40 -5.50
CA ARG A 27 -7.10 -12.13 -6.28
C ARG A 27 -7.92 -10.98 -5.69
N ARG A 28 -7.95 -10.84 -4.35
CA ARG A 28 -8.60 -9.71 -3.66
C ARG A 28 -7.91 -8.38 -3.98
N ILE A 29 -6.58 -8.31 -3.96
CA ILE A 29 -5.88 -7.03 -4.21
C ILE A 29 -6.00 -6.64 -5.68
N GLN A 30 -5.97 -7.62 -6.59
CA GLN A 30 -6.24 -7.38 -8.02
C GLN A 30 -7.69 -6.90 -8.28
N LYS A 31 -8.67 -7.38 -7.51
CA LYS A 31 -10.06 -6.87 -7.56
C LYS A 31 -10.18 -5.45 -7.00
N GLU A 32 -9.51 -5.15 -5.88
CA GLU A 32 -9.46 -3.79 -5.31
C GLU A 32 -8.69 -2.81 -6.21
N PHE A 33 -7.65 -3.27 -6.90
CA PHE A 33 -6.90 -2.51 -7.91
C PHE A 33 -7.82 -2.03 -9.04
N GLU A 34 -8.61 -2.94 -9.65
CA GLU A 34 -9.52 -2.54 -10.72
C GLU A 34 -10.72 -1.73 -10.21
N ARG A 35 -11.25 -2.01 -9.03
CA ARG A 35 -12.31 -1.20 -8.40
C ARG A 35 -11.85 0.23 -8.12
N ALA A 36 -10.61 0.42 -7.67
CA ALA A 36 -10.01 1.75 -7.50
C ALA A 36 -9.89 2.50 -8.84
N GLU A 37 -9.38 1.83 -9.88
CA GLU A 37 -9.22 2.42 -11.23
C GLU A 37 -10.58 2.77 -11.87
N ARG A 38 -11.57 1.87 -11.79
CA ARG A 38 -12.93 2.06 -12.33
C ARG A 38 -13.66 3.24 -11.70
N LYS A 39 -13.51 3.42 -10.38
CA LYS A 39 -14.15 4.50 -9.61
C LYS A 39 -13.31 5.79 -9.55
N GLY A 40 -12.13 5.82 -10.16
CA GLY A 40 -11.25 7.00 -10.23
C GLY A 40 -10.60 7.40 -8.90
N LYS A 41 -10.37 6.43 -8.00
CA LYS A 41 -9.83 6.62 -6.64
C LYS A 41 -8.51 5.89 -6.42
N LEU A 42 -7.88 6.12 -5.26
CA LEU A 42 -6.62 5.50 -4.82
C LEU A 42 -6.89 4.68 -3.54
N VAL A 43 -6.30 3.49 -3.42
CA VAL A 43 -6.37 2.65 -2.22
C VAL A 43 -4.99 2.35 -1.61
N ILE A 44 -4.95 2.34 -0.28
CA ILE A 44 -3.83 1.85 0.54
C ILE A 44 -4.13 0.40 0.90
N VAL A 45 -3.18 -0.50 0.65
CA VAL A 45 -3.22 -1.91 1.01
C VAL A 45 -2.11 -2.20 2.01
N TYR A 46 -2.45 -2.88 3.10
CA TYR A 46 -1.55 -3.17 4.21
C TYR A 46 -1.49 -4.66 4.52
N LEU A 47 -0.29 -5.21 4.70
CA LEU A 47 -0.06 -6.57 5.19
C LEU A 47 0.40 -6.52 6.66
N THR A 48 -0.39 -7.12 7.55
CA THR A 48 -0.10 -7.22 8.98
C THR A 48 0.95 -8.29 9.29
N SER A 49 1.55 -8.23 10.49
CA SER A 49 2.41 -9.28 11.04
C SER A 49 1.68 -10.60 11.31
N ASP A 50 0.34 -10.58 11.36
CA ASP A 50 -0.54 -11.76 11.46
C ASP A 50 -0.81 -12.44 10.09
N GLY A 51 -0.35 -11.83 8.98
CA GLY A 51 -0.53 -12.35 7.62
C GLY A 51 -1.88 -12.02 6.96
N LYS A 52 -2.67 -11.12 7.59
CA LYS A 52 -3.94 -10.61 7.07
C LYS A 52 -3.69 -9.34 6.25
N VAL A 53 -4.37 -9.21 5.11
CA VAL A 53 -4.38 -8.00 4.28
C VAL A 53 -5.59 -7.11 4.60
N GLU A 54 -5.40 -5.79 4.60
CA GLU A 54 -6.41 -4.77 4.87
C GLU A 54 -6.38 -3.64 3.81
N ILE A 55 -7.55 -3.07 3.46
CA ILE A 55 -7.73 -2.08 2.38
C ILE A 55 -8.38 -0.79 2.92
N ARG A 56 -7.91 0.39 2.51
CA ARG A 56 -8.56 1.69 2.76
C ARG A 56 -8.50 2.59 1.52
N GLU A 57 -9.60 3.27 1.24
CA GLU A 57 -9.83 4.20 0.13
C GLU A 57 -9.59 5.68 0.51
N VAL A 58 -9.31 6.53 -0.48
CA VAL A 58 -9.27 8.01 -0.31
C VAL A 58 -10.18 8.74 -1.30
N THR A 59 -10.71 9.89 -0.89
CA THR A 59 -11.45 10.85 -1.74
C THR A 59 -10.52 11.88 -2.40
N SER A 60 -9.37 12.17 -1.78
CA SER A 60 -8.31 13.06 -2.28
C SER A 60 -6.96 12.64 -1.72
N GLU A 61 -5.87 13.06 -2.36
CA GLU A 61 -4.50 12.75 -1.93
C GLU A 61 -4.10 13.42 -0.60
N GLU A 62 -4.83 14.45 -0.17
CA GLU A 62 -4.72 15.05 1.17
C GLU A 62 -4.95 14.01 2.28
N GLU A 63 -5.92 13.11 2.06
CA GLU A 63 -6.20 11.98 2.96
C GLU A 63 -5.15 10.88 2.85
N LEU A 64 -4.59 10.65 1.65
CA LEU A 64 -3.52 9.66 1.40
C LEU A 64 -2.31 9.95 2.29
N GLU A 65 -1.87 11.21 2.37
CA GLU A 65 -0.81 11.64 3.31
C GLU A 65 -1.21 11.36 4.77
N LYS A 66 -2.46 11.60 5.15
CA LYS A 66 -2.93 11.39 6.53
C LYS A 66 -2.87 9.91 6.94
N ILE A 67 -3.16 9.01 6.00
CA ILE A 67 -3.10 7.56 6.20
C ILE A 67 -1.63 7.09 6.23
N LEU A 68 -0.76 7.58 5.35
CA LEU A 68 0.68 7.29 5.41
C LEU A 68 1.33 7.75 6.72
N LYS A 69 0.97 8.95 7.21
CA LYS A 69 1.37 9.47 8.54
C LYS A 69 0.88 8.57 9.68
N LYS A 70 -0.36 8.06 9.62
CA LYS A 70 -0.96 7.17 10.62
C LYS A 70 -0.34 5.77 10.64
N LEU A 71 0.05 5.24 9.47
CA LEU A 71 0.73 3.95 9.31
C LEU A 71 2.23 4.01 9.60
N GLY A 72 2.80 5.20 9.77
CA GLY A 72 4.18 5.40 10.23
C GLY A 72 5.25 5.07 9.16
N VAL A 73 4.95 5.27 7.88
CA VAL A 73 5.96 5.16 6.80
C VAL A 73 7.01 6.28 6.92
N ASP A 74 8.20 6.07 6.34
CA ASP A 74 9.28 7.07 6.39
C ASP A 74 8.92 8.37 5.64
N GLU A 75 9.42 9.52 6.10
CA GLU A 75 9.16 10.82 5.46
C GLU A 75 9.67 10.89 4.00
N GLU A 76 10.73 10.13 3.64
CA GLU A 76 11.16 9.98 2.25
C GLU A 76 10.07 9.35 1.37
N ILE A 77 9.35 8.37 1.89
CA ILE A 77 8.22 7.75 1.18
C ILE A 77 7.13 8.81 0.96
N ILE A 78 6.75 9.57 1.98
CA ILE A 78 5.67 10.55 1.87
C ILE A 78 6.02 11.65 0.85
N ARG A 79 7.23 12.21 0.91
CA ARG A 79 7.69 13.24 -0.06
C ARG A 79 7.92 12.71 -1.47
N ARG A 80 8.42 11.48 -1.65
CA ARG A 80 8.72 10.90 -2.97
C ARG A 80 7.44 10.44 -3.67
N ILE A 81 6.63 9.66 -2.97
CA ILE A 81 5.33 9.18 -3.49
C ILE A 81 4.38 10.33 -3.85
N LYS A 82 4.44 11.50 -3.17
CA LYS A 82 3.72 12.72 -3.60
C LYS A 82 3.99 13.15 -5.04
N ARG A 83 5.22 12.97 -5.57
CA ARG A 83 5.54 13.24 -6.99
C ARG A 83 4.81 12.27 -7.92
N LEU A 84 4.74 10.99 -7.55
CA LEU A 84 4.05 9.95 -8.33
C LEU A 84 2.53 10.09 -8.29
N ARG A 85 1.97 10.57 -7.16
CA ARG A 85 0.57 10.98 -6.99
C ARG A 85 0.21 12.17 -7.88
N LYS A 86 1.08 13.20 -7.94
CA LYS A 86 0.89 14.39 -8.79
C LYS A 86 0.95 14.07 -10.28
N GLU A 87 1.73 13.07 -10.68
CA GLU A 87 1.73 12.51 -12.05
C GLU A 87 0.62 11.47 -12.30
N GLY A 88 -0.14 11.07 -11.28
CA GLY A 88 -1.25 10.12 -11.37
C GLY A 88 -0.85 8.67 -11.71
N GLN A 89 0.40 8.30 -11.46
CA GLN A 89 0.99 7.04 -11.92
C GLN A 89 0.54 5.85 -11.06
N ILE A 90 0.57 6.06 -9.75
CA ILE A 90 0.29 5.08 -8.71
C ILE A 90 -1.17 5.20 -8.31
N LYS A 91 -1.95 4.15 -8.62
CA LYS A 91 -3.39 4.06 -8.31
C LYS A 91 -3.66 3.12 -7.12
N LEU A 92 -2.61 2.49 -6.61
CA LEU A 92 -2.63 1.57 -5.46
C LEU A 92 -1.24 1.54 -4.79
N VAL A 93 -1.20 1.49 -3.46
CA VAL A 93 0.06 1.27 -2.70
C VAL A 93 -0.06 0.07 -1.79
N ILE A 94 1.03 -0.67 -1.60
CA ILE A 94 1.10 -1.85 -0.73
C ILE A 94 2.15 -1.62 0.36
N ILE A 95 1.81 -1.89 1.63
CA ILE A 95 2.69 -1.59 2.78
C ILE A 95 2.88 -2.85 3.64
N GLU A 96 4.12 -3.12 4.05
CA GLU A 96 4.50 -4.30 4.84
C GLU A 96 4.75 -3.93 6.31
N GLY A 97 3.89 -4.41 7.20
CA GLY A 97 3.85 -4.09 8.64
C GLY A 97 4.52 -5.12 9.55
N SER A 98 5.68 -5.65 9.15
CA SER A 98 6.41 -6.72 9.85
C SER A 98 7.93 -6.51 9.95
N LEU A 99 8.43 -5.31 9.61
CA LEU A 99 9.85 -4.99 9.45
C LEU A 99 10.50 -4.34 10.70
N GLU A 100 10.05 -4.72 11.89
CA GLU A 100 10.53 -4.18 13.17
C GLU A 100 11.93 -4.70 13.55
N HIS A 101 12.66 -3.94 14.37
CA HIS A 101 14.01 -4.28 14.83
C HIS A 101 14.02 -5.41 15.89
N HIS A 102 15.03 -6.28 15.84
CA HIS A 102 15.27 -7.33 16.85
C HIS A 102 15.93 -6.77 18.13
N HIS A 103 15.57 -7.33 19.29
CA HIS A 103 16.01 -6.86 20.61
C HIS A 103 16.18 -8.01 21.65
N HIS A 104 16.44 -9.24 21.19
CA HIS A 104 16.55 -10.43 22.04
C HIS A 104 17.75 -10.33 23.01
N HIS A 105 17.47 -10.41 24.31
CA HIS A 105 18.45 -10.30 25.40
C HIS A 105 17.93 -10.98 26.69
N HIS A 106 18.84 -11.28 27.63
CA HIS A 106 18.52 -11.71 29.00
C HIS A 106 17.78 -10.61 29.78
N GLY A 1 8.21 -2.29 7.97
CA GLY A 1 8.83 -2.73 6.70
C GLY A 1 8.98 -1.58 5.73
N LYS A 2 8.40 -1.70 4.52
CA LYS A 2 8.49 -0.71 3.42
C LYS A 2 7.17 -0.61 2.64
N LEU A 3 6.97 0.51 1.95
CA LEU A 3 5.90 0.73 0.97
C LEU A 3 6.38 0.37 -0.45
N TYR A 4 5.47 -0.19 -1.25
CA TYR A 4 5.64 -0.54 -2.67
C TYR A 4 4.66 0.25 -3.53
N GLU A 5 5.21 0.87 -4.58
CA GLU A 5 4.50 1.72 -5.53
C GLU A 5 3.99 0.85 -6.69
N VAL A 6 2.66 0.68 -6.78
CA VAL A 6 2.01 -0.26 -7.72
C VAL A 6 1.17 0.46 -8.79
N ASP A 7 1.50 0.21 -10.06
CA ASP A 7 0.89 0.85 -11.24
C ASP A 7 0.15 -0.11 -12.18
N SER A 8 0.39 -1.42 -12.07
CA SER A 8 -0.22 -2.46 -12.92
C SER A 8 -0.77 -3.65 -12.10
N PRO A 9 -1.78 -4.37 -12.61
CA PRO A 9 -2.27 -5.61 -11.98
C PRO A 9 -1.23 -6.73 -11.97
N ASP A 10 -0.27 -6.68 -12.90
CA ASP A 10 0.83 -7.66 -12.95
C ASP A 10 1.82 -7.44 -11.80
N SER A 11 2.14 -6.18 -11.46
CA SER A 11 3.00 -5.84 -10.33
C SER A 11 2.42 -6.28 -8.99
N VAL A 12 1.08 -6.30 -8.85
CA VAL A 12 0.40 -6.86 -7.66
C VAL A 12 0.78 -8.33 -7.46
N GLU A 13 0.77 -9.16 -8.51
CA GLU A 13 1.16 -10.57 -8.42
C GLU A 13 2.64 -10.72 -8.02
N LYS A 14 3.54 -9.92 -8.62
CA LYS A 14 4.98 -10.03 -8.37
C LYS A 14 5.34 -9.63 -6.93
N ILE A 15 4.70 -8.58 -6.41
CA ILE A 15 4.84 -8.19 -5.01
C ILE A 15 4.20 -9.24 -4.08
N ALA A 16 3.03 -9.77 -4.42
CA ALA A 16 2.38 -10.84 -3.66
C ALA A 16 3.24 -12.11 -3.54
N ARG A 17 3.98 -12.48 -4.60
CA ARG A 17 4.96 -13.58 -4.59
C ARG A 17 6.17 -13.29 -3.70
N GLU A 18 6.64 -12.04 -3.62
CA GLU A 18 7.73 -11.66 -2.69
C GLU A 18 7.27 -11.60 -1.23
N LEU A 19 6.01 -11.21 -0.98
CA LEU A 19 5.38 -11.16 0.35
C LEU A 19 4.82 -12.51 0.84
N GLY A 20 4.80 -13.56 -0.01
CA GLY A 20 4.27 -14.88 0.33
C GLY A 20 2.75 -14.92 0.51
N LEU A 21 2.02 -14.05 -0.19
CA LEU A 21 0.58 -13.84 -0.06
C LEU A 21 -0.27 -15.04 -0.55
N SER A 22 -1.49 -15.20 -0.01
CA SER A 22 -2.43 -16.24 -0.43
C SER A 22 -3.19 -15.88 -1.71
N GLU A 23 -3.75 -16.86 -2.41
CA GLU A 23 -4.47 -16.67 -3.69
C GLU A 23 -5.70 -15.77 -3.55
N GLU A 24 -6.47 -15.91 -2.46
CA GLU A 24 -7.64 -15.05 -2.20
C GLU A 24 -7.25 -13.64 -1.75
N GLN A 25 -6.11 -13.49 -1.06
CA GLN A 25 -5.55 -12.19 -0.71
C GLN A 25 -5.06 -11.44 -1.96
N LEU A 26 -4.43 -12.15 -2.90
CA LEU A 26 -4.11 -11.61 -4.23
C LEU A 26 -5.39 -11.21 -4.98
N ARG A 27 -6.38 -12.10 -5.10
CA ARG A 27 -7.67 -11.87 -5.79
C ARG A 27 -8.43 -10.66 -5.22
N ARG A 28 -8.28 -10.40 -3.91
CA ARG A 28 -8.81 -9.21 -3.21
C ARG A 28 -8.12 -7.94 -3.72
N ILE A 29 -6.79 -7.86 -3.67
CA ILE A 29 -6.06 -6.64 -4.09
C ILE A 29 -6.32 -6.35 -5.57
N GLN A 30 -6.41 -7.40 -6.38
CA GLN A 30 -6.76 -7.30 -7.81
C GLN A 30 -8.14 -6.68 -8.05
N LYS A 31 -9.15 -7.00 -7.21
CA LYS A 31 -10.46 -6.34 -7.23
C LYS A 31 -10.38 -4.87 -6.81
N GLU A 32 -9.65 -4.56 -5.74
CA GLU A 32 -9.52 -3.18 -5.27
C GLU A 32 -8.71 -2.30 -6.24
N PHE A 33 -7.75 -2.88 -6.96
CA PHE A 33 -7.00 -2.25 -8.04
C PHE A 33 -7.92 -1.81 -9.19
N GLU A 34 -8.79 -2.70 -9.70
CA GLU A 34 -9.70 -2.36 -10.80
C GLU A 34 -10.82 -1.39 -10.36
N ARG A 35 -11.28 -1.47 -9.11
CA ARG A 35 -12.19 -0.47 -8.51
C ARG A 35 -11.54 0.91 -8.47
N ALA A 36 -10.28 0.98 -8.01
CA ALA A 36 -9.52 2.22 -7.96
C ALA A 36 -9.32 2.86 -9.35
N GLU A 37 -8.95 2.04 -10.34
CA GLU A 37 -8.71 2.47 -11.72
C GLU A 37 -9.99 2.98 -12.41
N ARG A 38 -11.14 2.31 -12.23
CA ARG A 38 -12.42 2.74 -12.81
C ARG A 38 -13.01 3.99 -12.16
N LYS A 39 -12.92 4.10 -10.82
CA LYS A 39 -13.50 5.21 -10.05
C LYS A 39 -12.58 6.44 -9.95
N GLY A 40 -11.33 6.33 -10.40
CA GLY A 40 -10.35 7.44 -10.42
C GLY A 40 -9.77 7.78 -9.04
N LYS A 41 -9.66 6.79 -8.14
CA LYS A 41 -9.13 6.92 -6.78
C LYS A 41 -7.80 6.16 -6.59
N LEU A 42 -7.18 6.36 -5.43
CA LEU A 42 -6.00 5.64 -4.95
C LEU A 42 -6.39 4.70 -3.79
N VAL A 43 -5.86 3.48 -3.78
CA VAL A 43 -6.06 2.49 -2.71
C VAL A 43 -4.74 2.17 -2.00
N ILE A 44 -4.82 2.00 -0.68
CA ILE A 44 -3.73 1.66 0.21
C ILE A 44 -3.99 0.26 0.79
N VAL A 45 -2.99 -0.60 0.69
CA VAL A 45 -3.02 -1.99 1.17
C VAL A 45 -1.93 -2.20 2.20
N TYR A 46 -2.24 -2.93 3.27
CA TYR A 46 -1.31 -3.25 4.35
C TYR A 46 -1.22 -4.76 4.59
N LEU A 47 -0.02 -5.28 4.86
CA LEU A 47 0.24 -6.65 5.26
C LEU A 47 0.90 -6.70 6.65
N THR A 48 0.28 -7.39 7.60
CA THR A 48 0.77 -7.52 8.99
C THR A 48 1.77 -8.66 9.19
N SER A 49 2.46 -8.67 10.34
CA SER A 49 3.29 -9.80 10.79
C SER A 49 2.49 -11.10 11.05
N ASP A 50 1.18 -10.99 11.27
CA ASP A 50 0.25 -12.13 11.40
C ASP A 50 -0.23 -12.66 10.02
N GLY A 51 0.15 -12.01 8.92
CA GLY A 51 -0.22 -12.39 7.55
C GLY A 51 -1.60 -11.90 7.10
N LYS A 52 -2.23 -10.98 7.84
CA LYS A 52 -3.52 -10.37 7.49
C LYS A 52 -3.31 -9.25 6.46
N VAL A 53 -4.15 -9.20 5.44
CA VAL A 53 -4.24 -8.10 4.46
C VAL A 53 -5.39 -7.15 4.82
N GLU A 54 -5.14 -5.84 4.76
CA GLU A 54 -6.12 -4.79 5.05
C GLU A 54 -6.15 -3.70 3.98
N ILE A 55 -7.33 -3.11 3.70
CA ILE A 55 -7.62 -2.21 2.57
C ILE A 55 -8.15 -0.85 3.06
N ARG A 56 -7.71 0.25 2.42
CA ARG A 56 -8.26 1.60 2.56
C ARG A 56 -8.37 2.30 1.20
N GLU A 57 -9.48 3.00 0.96
CA GLU A 57 -9.71 3.90 -0.18
C GLU A 57 -9.54 5.38 0.23
N VAL A 58 -9.08 6.24 -0.68
CA VAL A 58 -8.93 7.70 -0.44
C VAL A 58 -9.68 8.54 -1.47
N THR A 59 -10.18 9.71 -1.06
CA THR A 59 -10.80 10.72 -1.93
C THR A 59 -9.82 11.78 -2.44
N SER A 60 -8.72 12.02 -1.72
CA SER A 60 -7.79 13.14 -1.94
C SER A 60 -6.32 12.78 -1.64
N GLU A 61 -5.41 13.69 -1.99
CA GLU A 61 -3.97 13.63 -1.64
C GLU A 61 -3.73 13.92 -0.15
N GLU A 62 -4.48 14.85 0.44
CA GLU A 62 -4.49 15.12 1.88
C GLU A 62 -4.95 13.91 2.71
N GLU A 63 -5.86 13.09 2.17
CA GLU A 63 -6.28 11.83 2.82
C GLU A 63 -5.18 10.77 2.77
N LEU A 64 -4.55 10.57 1.60
CA LEU A 64 -3.37 9.69 1.43
C LEU A 64 -2.27 10.07 2.45
N GLU A 65 -1.98 11.36 2.59
CA GLU A 65 -1.02 11.87 3.58
C GLU A 65 -1.42 11.49 5.02
N LYS A 66 -2.71 11.64 5.39
CA LYS A 66 -3.20 11.37 6.74
C LYS A 66 -3.12 9.88 7.10
N ILE A 67 -3.38 9.01 6.13
CA ILE A 67 -3.30 7.55 6.29
C ILE A 67 -1.85 7.09 6.36
N LEU A 68 -0.94 7.62 5.54
CA LEU A 68 0.49 7.30 5.64
C LEU A 68 1.09 7.78 6.98
N LYS A 69 0.63 8.91 7.53
CA LYS A 69 0.96 9.35 8.89
C LYS A 69 0.39 8.42 9.97
N LYS A 70 -0.86 7.95 9.82
CA LYS A 70 -1.51 6.97 10.73
C LYS A 70 -0.81 5.61 10.72
N LEU A 71 -0.21 5.21 9.60
CA LEU A 71 0.57 3.97 9.45
C LEU A 71 2.07 4.14 9.79
N GLY A 72 2.52 5.36 10.07
CA GLY A 72 3.85 5.65 10.62
C GLY A 72 5.01 5.48 9.63
N VAL A 73 4.78 5.61 8.32
CA VAL A 73 5.86 5.52 7.30
C VAL A 73 6.80 6.73 7.34
N ASP A 74 8.01 6.58 6.79
CA ASP A 74 9.01 7.66 6.75
C ASP A 74 8.58 8.85 5.87
N GLU A 75 8.99 10.07 6.23
CA GLU A 75 8.64 11.31 5.50
C GLU A 75 9.04 11.30 4.02
N GLU A 76 10.13 10.63 3.64
CA GLU A 76 10.51 10.47 2.23
C GLU A 76 9.45 9.68 1.46
N ILE A 77 8.89 8.62 2.05
CA ILE A 77 7.82 7.83 1.45
C ILE A 77 6.59 8.71 1.21
N ILE A 78 6.21 9.57 2.17
CA ILE A 78 5.02 10.42 2.05
C ILE A 78 5.20 11.44 0.92
N ARG A 79 6.30 12.20 0.90
CA ARG A 79 6.58 13.19 -0.17
C ARG A 79 6.81 12.54 -1.53
N ARG A 80 7.43 11.36 -1.58
CA ARG A 80 7.75 10.68 -2.85
C ARG A 80 6.49 10.12 -3.49
N ILE A 81 5.66 9.41 -2.71
CA ILE A 81 4.38 8.86 -3.20
C ILE A 81 3.39 9.95 -3.62
N LYS A 82 3.33 11.09 -2.93
CA LYS A 82 2.53 12.25 -3.39
C LYS A 82 2.96 12.72 -4.80
N ARG A 83 4.23 12.62 -5.17
CA ARG A 83 4.74 12.97 -6.52
C ARG A 83 4.23 11.97 -7.56
N LEU A 84 4.35 10.66 -7.28
CA LEU A 84 3.93 9.61 -8.20
C LEU A 84 2.39 9.52 -8.35
N ARG A 85 1.64 9.87 -7.29
CA ARG A 85 0.18 9.99 -7.28
C ARG A 85 -0.30 11.23 -8.04
N LYS A 86 0.42 12.36 -7.93
CA LYS A 86 0.15 13.60 -8.71
C LYS A 86 0.45 13.41 -10.20
N GLU A 87 1.39 12.55 -10.56
CA GLU A 87 1.63 12.10 -11.94
C GLU A 87 0.57 11.08 -12.44
N GLY A 88 -0.27 10.55 -11.53
CA GLY A 88 -1.34 9.59 -11.83
C GLY A 88 -0.85 8.18 -12.19
N GLN A 89 0.41 7.84 -11.89
CA GLN A 89 1.03 6.59 -12.31
C GLN A 89 0.60 5.42 -11.42
N ILE A 90 0.63 5.66 -10.12
CA ILE A 90 0.31 4.69 -9.07
C ILE A 90 -1.20 4.68 -8.86
N LYS A 91 -1.81 3.51 -9.07
CA LYS A 91 -3.23 3.26 -8.82
C LYS A 91 -3.46 2.69 -7.43
N LEU A 92 -2.39 2.14 -6.83
CA LEU A 92 -2.41 1.33 -5.62
C LEU A 92 -1.06 1.33 -4.91
N VAL A 93 -1.03 1.37 -3.57
CA VAL A 93 0.19 1.15 -2.77
C VAL A 93 0.02 -0.03 -1.83
N ILE A 94 1.11 -0.75 -1.59
CA ILE A 94 1.18 -1.92 -0.69
C ILE A 94 2.21 -1.65 0.40
N ILE A 95 1.92 -1.96 1.67
CA ILE A 95 2.82 -1.65 2.80
C ILE A 95 3.05 -2.90 3.65
N GLU A 96 4.30 -3.18 3.96
CA GLU A 96 4.71 -4.26 4.85
C GLU A 96 4.93 -3.73 6.28
N GLY A 97 4.19 -4.27 7.25
CA GLY A 97 4.39 -4.01 8.68
C GLY A 97 5.57 -4.80 9.24
N SER A 98 5.37 -6.11 9.44
CA SER A 98 6.36 -7.07 9.98
C SER A 98 7.06 -6.61 11.28
N LEU A 99 6.26 -6.15 12.25
CA LEU A 99 6.70 -5.53 13.52
C LEU A 99 7.15 -6.57 14.57
N GLU A 100 8.03 -7.49 14.17
CA GLU A 100 8.49 -8.64 14.96
C GLU A 100 9.81 -8.38 15.74
N HIS A 101 10.40 -7.19 15.60
CA HIS A 101 11.74 -6.86 16.08
C HIS A 101 11.75 -5.85 17.25
N HIS A 102 12.82 -5.89 18.06
CA HIS A 102 13.04 -5.06 19.24
C HIS A 102 14.48 -4.49 19.27
N HIS A 103 14.72 -3.47 20.10
CA HIS A 103 16.02 -2.80 20.26
C HIS A 103 16.47 -2.75 21.74
N HIS A 104 17.77 -2.85 21.98
CA HIS A 104 18.37 -2.83 23.32
C HIS A 104 18.66 -1.40 23.81
N HIS A 105 18.23 -1.08 25.04
CA HIS A 105 18.43 0.21 25.71
C HIS A 105 18.70 0.03 27.22
N HIS A 106 19.40 0.98 27.84
CA HIS A 106 19.71 1.01 29.28
C HIS A 106 18.64 1.77 30.09
N GLY A 1 6.82 -0.58 8.24
CA GLY A 1 7.94 -0.93 7.32
C GLY A 1 7.88 -0.11 6.05
N LYS A 2 8.10 -0.72 4.88
CA LYS A 2 8.27 -0.02 3.59
C LYS A 2 7.02 -0.08 2.71
N LEU A 3 6.91 0.86 1.78
CA LEU A 3 5.84 1.00 0.80
C LEU A 3 6.34 0.69 -0.63
N TYR A 4 5.53 -0.06 -1.38
CA TYR A 4 5.77 -0.49 -2.76
C TYR A 4 4.81 0.21 -3.73
N GLU A 5 5.38 0.81 -4.77
CA GLU A 5 4.67 1.60 -5.78
C GLU A 5 4.10 0.68 -6.87
N VAL A 6 2.76 0.55 -6.89
CA VAL A 6 2.02 -0.36 -7.80
C VAL A 6 1.28 0.38 -8.91
N ASP A 7 1.56 0.04 -10.17
CA ASP A 7 0.92 0.61 -11.37
C ASP A 7 0.45 -0.44 -12.41
N SER A 8 0.51 -1.73 -12.11
CA SER A 8 -0.06 -2.81 -12.95
C SER A 8 -0.61 -3.99 -12.12
N PRO A 9 -1.61 -4.75 -12.64
CA PRO A 9 -2.07 -6.00 -12.00
C PRO A 9 -0.98 -7.07 -11.94
N ASP A 10 -0.04 -7.03 -12.88
CA ASP A 10 1.16 -7.88 -12.88
C ASP A 10 2.11 -7.51 -11.73
N SER A 11 2.24 -6.22 -11.38
CA SER A 11 3.00 -5.78 -10.19
C SER A 11 2.32 -6.21 -8.89
N VAL A 12 0.98 -6.26 -8.85
CA VAL A 12 0.25 -6.88 -7.72
C VAL A 12 0.63 -8.35 -7.58
N GLU A 13 0.70 -9.12 -8.68
CA GLU A 13 1.15 -10.52 -8.64
C GLU A 13 2.61 -10.65 -8.18
N LYS A 14 3.51 -9.78 -8.65
CA LYS A 14 4.94 -9.80 -8.24
C LYS A 14 5.09 -9.54 -6.74
N ILE A 15 4.37 -8.56 -6.20
CA ILE A 15 4.42 -8.22 -4.77
C ILE A 15 3.71 -9.29 -3.93
N ALA A 16 2.62 -9.88 -4.43
CA ALA A 16 1.96 -11.03 -3.80
C ALA A 16 2.88 -12.25 -3.69
N ARG A 17 3.69 -12.51 -4.73
CA ARG A 17 4.73 -13.56 -4.75
C ARG A 17 5.92 -13.22 -3.83
N GLU A 18 6.23 -11.94 -3.64
CA GLU A 18 7.28 -11.48 -2.71
C GLU A 18 6.85 -11.61 -1.23
N LEU A 19 5.59 -11.24 -0.91
CA LEU A 19 5.03 -11.32 0.44
C LEU A 19 4.44 -12.70 0.80
N GLY A 20 4.37 -13.63 -0.16
CA GLY A 20 3.87 -15.00 0.04
C GLY A 20 2.35 -15.09 0.30
N LEU A 21 1.55 -14.28 -0.41
CA LEU A 21 0.09 -14.21 -0.23
C LEU A 21 -0.63 -15.49 -0.69
N SER A 22 -1.78 -15.76 -0.08
CA SER A 22 -2.72 -16.82 -0.49
C SER A 22 -3.46 -16.45 -1.79
N GLU A 23 -4.10 -17.43 -2.44
CA GLU A 23 -4.82 -17.25 -3.70
C GLU A 23 -5.91 -16.16 -3.60
N GLU A 24 -6.71 -16.21 -2.54
CA GLU A 24 -7.78 -15.23 -2.27
C GLU A 24 -7.24 -13.85 -1.86
N GLN A 25 -6.08 -13.79 -1.19
CA GLN A 25 -5.42 -12.54 -0.81
C GLN A 25 -4.88 -11.80 -2.05
N LEU A 26 -4.30 -12.52 -3.02
CA LEU A 26 -3.97 -11.94 -4.33
C LEU A 26 -5.23 -11.42 -5.03
N ARG A 27 -6.27 -12.27 -5.17
CA ARG A 27 -7.50 -11.93 -5.91
C ARG A 27 -8.21 -10.70 -5.33
N ARG A 28 -8.17 -10.51 -4.00
CA ARG A 28 -8.68 -9.29 -3.35
C ARG A 28 -7.93 -8.05 -3.83
N ILE A 29 -6.60 -8.06 -3.86
CA ILE A 29 -5.81 -6.87 -4.22
C ILE A 29 -5.94 -6.58 -5.72
N GLN A 30 -5.99 -7.62 -6.56
CA GLN A 30 -6.26 -7.46 -8.00
C GLN A 30 -7.66 -6.87 -8.26
N LYS A 31 -8.68 -7.28 -7.49
CA LYS A 31 -10.04 -6.71 -7.55
C LYS A 31 -10.08 -5.25 -7.07
N GLU A 32 -9.37 -4.92 -5.99
CA GLU A 32 -9.25 -3.54 -5.50
C GLU A 32 -8.46 -2.64 -6.47
N PHE A 33 -7.44 -3.18 -7.15
CA PHE A 33 -6.69 -2.47 -8.19
C PHE A 33 -7.60 -2.03 -9.35
N GLU A 34 -8.41 -2.94 -9.91
CA GLU A 34 -9.31 -2.60 -11.01
C GLU A 34 -10.48 -1.72 -10.57
N ARG A 35 -11.04 -1.93 -9.37
CA ARG A 35 -12.11 -1.09 -8.82
C ARG A 35 -11.64 0.34 -8.51
N ALA A 36 -10.42 0.51 -8.00
CA ALA A 36 -9.81 1.82 -7.79
C ALA A 36 -9.64 2.59 -9.11
N GLU A 37 -9.18 1.92 -10.17
CA GLU A 37 -9.04 2.50 -11.50
C GLU A 37 -10.40 2.87 -12.13
N ARG A 38 -11.41 1.99 -12.02
CA ARG A 38 -12.77 2.24 -12.54
C ARG A 38 -13.49 3.39 -11.81
N LYS A 39 -13.32 3.48 -10.49
CA LYS A 39 -13.95 4.52 -9.65
C LYS A 39 -13.14 5.83 -9.56
N GLY A 40 -11.94 5.88 -10.15
CA GLY A 40 -11.09 7.08 -10.20
C GLY A 40 -10.45 7.47 -8.85
N LYS A 41 -10.16 6.47 -7.99
CA LYS A 41 -9.60 6.64 -6.64
C LYS A 41 -8.23 5.97 -6.47
N LEU A 42 -7.60 6.20 -5.32
CA LEU A 42 -6.36 5.57 -4.86
C LEU A 42 -6.65 4.78 -3.57
N VAL A 43 -6.09 3.56 -3.46
CA VAL A 43 -6.16 2.73 -2.25
C VAL A 43 -4.79 2.43 -1.66
N ILE A 44 -4.75 2.36 -0.32
CA ILE A 44 -3.61 1.89 0.46
C ILE A 44 -3.90 0.45 0.90
N VAL A 45 -2.97 -0.46 0.64
CA VAL A 45 -3.01 -1.87 1.05
C VAL A 45 -1.89 -2.14 2.06
N TYR A 46 -2.20 -2.88 3.12
CA TYR A 46 -1.26 -3.17 4.21
C TYR A 46 -1.17 -4.68 4.48
N LEU A 47 0.04 -5.19 4.74
CA LEU A 47 0.30 -6.57 5.21
C LEU A 47 0.95 -6.55 6.61
N THR A 48 0.33 -7.23 7.57
CA THR A 48 0.78 -7.31 8.97
C THR A 48 1.75 -8.48 9.23
N SER A 49 2.40 -8.45 10.40
CA SER A 49 3.22 -9.58 10.92
C SER A 49 2.39 -10.84 11.23
N ASP A 50 1.06 -10.72 11.31
CA ASP A 50 0.13 -11.87 11.46
C ASP A 50 -0.29 -12.48 10.10
N GLY A 51 0.14 -11.88 8.98
CA GLY A 51 -0.20 -12.31 7.62
C GLY A 51 -1.58 -11.84 7.13
N LYS A 52 -2.23 -10.93 7.86
CA LYS A 52 -3.49 -10.28 7.50
C LYS A 52 -3.24 -9.20 6.43
N VAL A 53 -4.13 -9.11 5.44
CA VAL A 53 -4.17 -8.01 4.46
C VAL A 53 -5.36 -7.09 4.74
N GLU A 54 -5.14 -5.78 4.66
CA GLU A 54 -6.15 -4.73 4.89
C GLU A 54 -6.12 -3.65 3.78
N ILE A 55 -7.28 -3.09 3.43
CA ILE A 55 -7.46 -2.07 2.38
C ILE A 55 -8.07 -0.79 2.97
N ARG A 56 -7.60 0.39 2.52
CA ARG A 56 -8.18 1.71 2.83
C ARG A 56 -8.29 2.57 1.55
N GLU A 57 -9.40 3.30 1.42
CA GLU A 57 -9.70 4.22 0.30
C GLU A 57 -9.38 5.68 0.64
N VAL A 58 -9.09 6.50 -0.38
CA VAL A 58 -8.96 7.97 -0.25
C VAL A 58 -9.95 8.72 -1.15
N THR A 59 -10.44 9.86 -0.67
CA THR A 59 -11.23 10.84 -1.46
C THR A 59 -10.35 11.90 -2.11
N SER A 60 -9.24 12.27 -1.45
CA SER A 60 -8.26 13.28 -1.89
C SER A 60 -6.85 12.93 -1.41
N GLU A 61 -5.82 13.52 -2.01
CA GLU A 61 -4.41 13.30 -1.64
C GLU A 61 -4.03 13.83 -0.24
N GLU A 62 -4.84 14.71 0.34
CA GLU A 62 -4.73 15.13 1.74
C GLU A 62 -5.07 14.00 2.72
N GLU A 63 -6.00 13.11 2.33
CA GLU A 63 -6.32 11.89 3.08
C GLU A 63 -5.28 10.79 2.88
N LEU A 64 -4.74 10.64 1.66
CA LEU A 64 -3.57 9.76 1.41
C LEU A 64 -2.41 10.12 2.34
N GLU A 65 -2.08 11.41 2.43
CA GLU A 65 -1.07 11.96 3.33
C GLU A 65 -1.42 11.69 4.82
N LYS A 66 -2.71 11.71 5.18
CA LYS A 66 -3.20 11.39 6.53
C LYS A 66 -2.95 9.92 6.87
N ILE A 67 -3.24 9.03 5.92
CA ILE A 67 -3.14 7.57 6.10
C ILE A 67 -1.67 7.15 6.19
N LEU A 68 -0.80 7.69 5.34
CA LEU A 68 0.64 7.40 5.43
C LEU A 68 1.25 7.88 6.76
N LYS A 69 0.82 9.04 7.28
CA LYS A 69 1.22 9.51 8.63
C LYS A 69 0.66 8.63 9.76
N LYS A 70 -0.58 8.12 9.62
CA LYS A 70 -1.23 7.22 10.58
C LYS A 70 -0.59 5.82 10.62
N LEU A 71 -0.11 5.32 9.48
CA LEU A 71 0.61 4.04 9.36
C LEU A 71 2.10 4.15 9.71
N GLY A 72 2.62 5.37 9.94
CA GLY A 72 3.96 5.61 10.47
C GLY A 72 5.11 5.39 9.48
N VAL A 73 4.87 5.51 8.17
CA VAL A 73 5.94 5.47 7.16
C VAL A 73 6.84 6.72 7.25
N ASP A 74 8.08 6.63 6.77
CA ASP A 74 9.03 7.75 6.82
C ASP A 74 8.57 8.94 5.93
N GLU A 75 8.87 10.18 6.32
CA GLU A 75 8.48 11.38 5.57
C GLU A 75 9.03 11.41 4.13
N GLU A 76 10.18 10.77 3.85
CA GLU A 76 10.66 10.56 2.47
C GLU A 76 9.66 9.74 1.66
N ILE A 77 9.11 8.68 2.23
CA ILE A 77 8.10 7.83 1.57
C ILE A 77 6.85 8.65 1.28
N ILE A 78 6.40 9.51 2.20
CA ILE A 78 5.22 10.36 1.97
C ILE A 78 5.45 11.34 0.81
N ARG A 79 6.54 12.13 0.81
CA ARG A 79 6.85 13.06 -0.29
C ARG A 79 7.18 12.36 -1.61
N ARG A 80 7.80 11.18 -1.55
CA ARG A 80 8.11 10.34 -2.73
C ARG A 80 6.82 9.91 -3.41
N ILE A 81 5.93 9.29 -2.65
CA ILE A 81 4.63 8.78 -3.14
C ILE A 81 3.67 9.90 -3.52
N LYS A 82 3.69 11.05 -2.81
CA LYS A 82 2.98 12.28 -3.20
C LYS A 82 3.36 12.73 -4.61
N ARG A 83 4.64 12.65 -5.01
CA ARG A 83 5.08 12.94 -6.38
C ARG A 83 4.56 11.90 -7.38
N LEU A 84 4.56 10.61 -7.03
CA LEU A 84 4.00 9.58 -7.93
C LEU A 84 2.48 9.76 -8.16
N ARG A 85 1.76 10.29 -7.15
CA ARG A 85 0.36 10.74 -7.27
C ARG A 85 0.24 12.00 -8.14
N LYS A 86 1.16 12.97 -7.99
CA LYS A 86 1.24 14.20 -8.80
C LYS A 86 1.45 13.91 -10.30
N GLU A 87 2.28 12.90 -10.62
CA GLU A 87 2.47 12.38 -11.98
C GLU A 87 1.33 11.48 -12.48
N GLY A 88 0.41 11.06 -11.59
CA GLY A 88 -0.78 10.27 -11.90
C GLY A 88 -0.53 8.78 -12.18
N GLN A 89 0.65 8.25 -11.82
CA GLN A 89 1.08 6.89 -12.19
C GLN A 89 0.48 5.81 -11.27
N ILE A 90 0.28 6.13 -9.99
CA ILE A 90 -0.08 5.18 -8.95
C ILE A 90 -1.56 5.31 -8.59
N LYS A 91 -2.27 4.17 -8.65
CA LYS A 91 -3.67 4.02 -8.23
C LYS A 91 -3.83 3.03 -7.06
N LEU A 92 -2.72 2.41 -6.65
CA LEU A 92 -2.64 1.46 -5.54
C LEU A 92 -1.23 1.44 -4.94
N VAL A 93 -1.13 1.42 -3.61
CA VAL A 93 0.15 1.22 -2.89
C VAL A 93 0.05 0.05 -1.92
N ILE A 94 1.14 -0.69 -1.72
CA ILE A 94 1.20 -1.84 -0.80
C ILE A 94 2.25 -1.57 0.27
N ILE A 95 1.94 -1.80 1.55
CA ILE A 95 2.82 -1.48 2.68
C ILE A 95 3.08 -2.74 3.52
N GLU A 96 4.33 -2.91 3.92
CA GLU A 96 4.79 -3.96 4.82
C GLU A 96 4.83 -3.45 6.27
N GLY A 97 4.26 -4.24 7.19
CA GLY A 97 4.30 -4.04 8.64
C GLY A 97 4.63 -5.34 9.38
N SER A 98 5.76 -5.97 9.01
CA SER A 98 6.18 -7.30 9.48
C SER A 98 7.63 -7.38 9.99
N LEU A 99 8.37 -6.28 9.87
CA LEU A 99 9.75 -6.12 10.37
C LEU A 99 9.77 -5.55 11.82
N GLU A 100 8.92 -6.11 12.68
CA GLU A 100 8.78 -5.70 14.08
C GLU A 100 9.79 -6.39 15.00
N HIS A 101 10.45 -5.62 15.88
CA HIS A 101 11.47 -6.08 16.83
C HIS A 101 11.35 -5.35 18.19
N HIS A 102 11.88 -5.96 19.26
CA HIS A 102 11.91 -5.37 20.60
C HIS A 102 12.95 -4.24 20.72
N HIS A 103 12.66 -3.23 21.56
CA HIS A 103 13.53 -2.08 21.85
C HIS A 103 13.30 -1.57 23.28
N HIS A 104 14.34 -1.02 23.91
CA HIS A 104 14.31 -0.41 25.25
C HIS A 104 15.00 0.97 25.25
N HIS A 105 14.46 1.91 26.02
CA HIS A 105 14.96 3.29 26.15
C HIS A 105 14.74 3.84 27.58
N HIS A 106 15.48 4.90 27.93
CA HIS A 106 15.29 5.70 29.15
C HIS A 106 13.90 6.36 29.21
N GLY A 1 9.84 -1.79 7.41
CA GLY A 1 8.82 -0.79 7.06
C GLY A 1 9.10 -0.18 5.69
N LYS A 2 8.28 -0.49 4.68
CA LYS A 2 8.41 0.04 3.29
C LYS A 2 7.09 0.06 2.52
N LEU A 3 6.98 0.95 1.53
CA LEU A 3 5.86 1.06 0.60
C LEU A 3 6.27 0.61 -0.82
N TYR A 4 5.39 -0.14 -1.48
CA TYR A 4 5.50 -0.62 -2.86
C TYR A 4 4.52 0.10 -3.77
N GLU A 5 5.06 0.66 -4.85
CA GLU A 5 4.35 1.52 -5.81
C GLU A 5 3.75 0.66 -6.94
N VAL A 6 2.42 0.54 -6.95
CA VAL A 6 1.68 -0.38 -7.86
C VAL A 6 0.82 0.36 -8.89
N ASP A 7 1.18 0.24 -10.17
CA ASP A 7 0.51 0.89 -11.31
C ASP A 7 -0.18 -0.09 -12.28
N SER A 8 0.11 -1.39 -12.19
CA SER A 8 -0.41 -2.45 -13.07
C SER A 8 -0.93 -3.67 -12.29
N PRO A 9 -1.93 -4.40 -12.81
CA PRO A 9 -2.48 -5.59 -12.14
C PRO A 9 -1.50 -6.76 -12.06
N ASP A 10 -0.57 -6.85 -13.02
CA ASP A 10 0.47 -7.89 -12.97
C ASP A 10 1.47 -7.63 -11.83
N SER A 11 1.75 -6.36 -11.53
CA SER A 11 2.61 -5.95 -10.41
C SER A 11 2.02 -6.30 -9.05
N VAL A 12 0.68 -6.31 -8.91
CA VAL A 12 -0.01 -6.81 -7.71
C VAL A 12 0.37 -8.27 -7.45
N GLU A 13 0.36 -9.12 -8.48
CA GLU A 13 0.72 -10.54 -8.37
C GLU A 13 2.23 -10.74 -8.09
N LYS A 14 3.10 -9.94 -8.72
CA LYS A 14 4.55 -9.98 -8.50
C LYS A 14 4.91 -9.62 -7.06
N ILE A 15 4.29 -8.57 -6.50
CA ILE A 15 4.48 -8.17 -5.10
C ILE A 15 3.85 -9.19 -4.15
N ALA A 16 2.65 -9.70 -4.43
CA ALA A 16 2.00 -10.73 -3.63
C ALA A 16 2.88 -12.00 -3.50
N ARG A 17 3.49 -12.45 -4.61
CA ARG A 17 4.42 -13.58 -4.62
C ARG A 17 5.75 -13.28 -3.94
N GLU A 18 6.21 -12.02 -3.92
CA GLU A 18 7.41 -11.61 -3.18
C GLU A 18 7.16 -11.54 -1.65
N LEU A 19 5.95 -11.15 -1.24
CA LEU A 19 5.51 -11.11 0.16
C LEU A 19 5.03 -12.48 0.71
N GLY A 20 4.93 -13.50 -0.14
CA GLY A 20 4.46 -14.86 0.24
C GLY A 20 2.96 -14.94 0.51
N LEU A 21 2.18 -14.04 -0.10
CA LEU A 21 0.73 -13.87 0.07
C LEU A 21 -0.06 -15.04 -0.57
N SER A 22 -1.27 -15.33 -0.06
CA SER A 22 -2.11 -16.42 -0.56
C SER A 22 -2.86 -16.04 -1.85
N GLU A 23 -3.30 -17.03 -2.63
CA GLU A 23 -4.06 -16.81 -3.87
C GLU A 23 -5.34 -15.99 -3.62
N GLU A 24 -6.10 -16.33 -2.57
CA GLU A 24 -7.32 -15.61 -2.20
C GLU A 24 -7.08 -14.16 -1.75
N GLN A 25 -5.91 -13.88 -1.15
CA GLN A 25 -5.50 -12.52 -0.76
C GLN A 25 -5.08 -11.70 -1.98
N LEU A 26 -4.32 -12.31 -2.91
CA LEU A 26 -4.03 -11.73 -4.23
C LEU A 26 -5.33 -11.40 -4.98
N ARG A 27 -6.26 -12.37 -5.08
CA ARG A 27 -7.57 -12.23 -5.76
C ARG A 27 -8.41 -11.09 -5.18
N ARG A 28 -8.27 -10.81 -3.88
CA ARG A 28 -8.91 -9.69 -3.17
C ARG A 28 -8.29 -8.35 -3.56
N ILE A 29 -6.97 -8.22 -3.52
CA ILE A 29 -6.28 -6.94 -3.86
C ILE A 29 -6.54 -6.57 -5.32
N GLN A 30 -6.63 -7.58 -6.19
CA GLN A 30 -6.95 -7.40 -7.61
C GLN A 30 -8.35 -6.79 -7.84
N LYS A 31 -9.35 -7.10 -7.01
CA LYS A 31 -10.65 -6.43 -7.02
C LYS A 31 -10.51 -4.96 -6.59
N GLU A 32 -9.74 -4.68 -5.53
CA GLU A 32 -9.53 -3.30 -5.09
C GLU A 32 -8.70 -2.47 -6.09
N PHE A 33 -7.79 -3.11 -6.83
CA PHE A 33 -7.03 -2.51 -7.92
C PHE A 33 -7.94 -2.07 -9.08
N GLU A 34 -8.82 -2.95 -9.58
CA GLU A 34 -9.73 -2.60 -10.68
C GLU A 34 -10.81 -1.60 -10.24
N ARG A 35 -11.28 -1.67 -8.98
CA ARG A 35 -12.15 -0.66 -8.38
C ARG A 35 -11.47 0.72 -8.36
N ALA A 36 -10.22 0.80 -7.89
CA ALA A 36 -9.44 2.04 -7.88
C ALA A 36 -9.22 2.61 -9.29
N GLU A 37 -8.84 1.76 -10.24
CA GLU A 37 -8.58 2.15 -11.63
C GLU A 37 -9.84 2.64 -12.36
N ARG A 38 -11.00 2.01 -12.15
CA ARG A 38 -12.28 2.46 -12.74
C ARG A 38 -12.82 3.74 -12.12
N LYS A 39 -12.69 3.92 -10.79
CA LYS A 39 -13.19 5.11 -10.08
C LYS A 39 -12.23 6.30 -10.17
N GLY A 40 -10.97 6.09 -10.59
CA GLY A 40 -9.94 7.13 -10.67
C GLY A 40 -9.38 7.56 -9.30
N LYS A 41 -9.43 6.66 -8.30
CA LYS A 41 -8.95 6.88 -6.93
C LYS A 41 -7.66 6.09 -6.64
N LEU A 42 -7.07 6.33 -5.47
CA LEU A 42 -5.95 5.54 -4.93
C LEU A 42 -6.43 4.62 -3.79
N VAL A 43 -6.02 3.36 -3.82
CA VAL A 43 -6.20 2.37 -2.75
C VAL A 43 -4.89 2.10 -2.01
N ILE A 44 -4.97 1.95 -0.70
CA ILE A 44 -3.86 1.66 0.20
C ILE A 44 -4.08 0.29 0.83
N VAL A 45 -3.09 -0.59 0.69
CA VAL A 45 -3.10 -1.97 1.19
C VAL A 45 -1.98 -2.14 2.21
N TYR A 46 -2.25 -2.87 3.29
CA TYR A 46 -1.32 -3.07 4.40
C TYR A 46 -1.03 -4.55 4.67
N LEU A 47 0.21 -4.85 5.05
CA LEU A 47 0.74 -6.17 5.36
C LEU A 47 1.15 -6.25 6.85
N THR A 48 0.56 -7.18 7.59
CA THR A 48 0.91 -7.45 9.01
C THR A 48 1.92 -8.58 9.17
N SER A 49 2.57 -8.68 10.35
CA SER A 49 3.46 -9.78 10.71
C SER A 49 2.75 -11.15 10.76
N ASP A 50 1.43 -11.16 10.96
CA ASP A 50 0.56 -12.35 10.89
C ASP A 50 0.16 -12.71 9.44
N GLY A 51 0.59 -11.92 8.45
CA GLY A 51 0.29 -12.13 7.02
C GLY A 51 -1.12 -11.68 6.60
N LYS A 52 -1.80 -10.87 7.42
CA LYS A 52 -3.12 -10.30 7.11
C LYS A 52 -3.02 -9.18 6.08
N VAL A 53 -4.08 -9.00 5.29
CA VAL A 53 -4.29 -7.85 4.40
C VAL A 53 -5.35 -6.91 4.97
N GLU A 54 -5.13 -5.60 4.84
CA GLU A 54 -6.11 -4.55 5.21
C GLU A 54 -6.18 -3.47 4.12
N ILE A 55 -7.37 -2.91 3.85
CA ILE A 55 -7.67 -2.05 2.69
C ILE A 55 -8.25 -0.69 3.13
N ARG A 56 -7.81 0.40 2.47
CA ARG A 56 -8.38 1.76 2.56
C ARG A 56 -8.44 2.44 1.17
N GLU A 57 -9.39 3.36 0.98
CA GLU A 57 -9.57 4.20 -0.21
C GLU A 57 -9.39 5.69 0.12
N VAL A 58 -8.89 6.51 -0.81
CA VAL A 58 -8.72 7.98 -0.65
C VAL A 58 -9.54 8.82 -1.63
N THR A 59 -9.95 10.01 -1.21
CA THR A 59 -10.54 11.05 -2.07
C THR A 59 -9.48 12.03 -2.61
N SER A 60 -8.49 12.38 -1.78
CA SER A 60 -7.50 13.45 -2.02
C SER A 60 -6.14 13.15 -1.39
N GLU A 61 -5.11 13.91 -1.78
CA GLU A 61 -3.73 13.79 -1.23
C GLU A 61 -3.62 14.12 0.27
N GLU A 62 -4.55 14.92 0.82
CA GLU A 62 -4.66 15.20 2.25
C GLU A 62 -5.06 13.95 3.05
N GLU A 63 -6.02 13.18 2.53
CA GLU A 63 -6.42 11.89 3.10
C GLU A 63 -5.30 10.84 2.95
N LEU A 64 -4.67 10.76 1.77
CA LEU A 64 -3.50 9.90 1.53
C LEU A 64 -2.40 10.14 2.58
N GLU A 65 -2.06 11.40 2.86
CA GLU A 65 -1.13 11.73 3.95
C GLU A 65 -1.65 11.27 5.31
N LYS A 66 -2.93 11.49 5.65
CA LYS A 66 -3.48 11.18 6.97
C LYS A 66 -3.43 9.67 7.25
N ILE A 67 -3.63 8.85 6.23
CA ILE A 67 -3.52 7.39 6.28
C ILE A 67 -2.05 6.96 6.37
N LEU A 68 -1.15 7.52 5.55
CA LEU A 68 0.27 7.19 5.62
C LEU A 68 0.90 7.57 6.99
N LYS A 69 0.51 8.71 7.57
CA LYS A 69 0.85 9.11 8.94
C LYS A 69 0.31 8.13 9.99
N LYS A 70 -0.94 7.65 9.83
CA LYS A 70 -1.57 6.63 10.71
C LYS A 70 -0.86 5.27 10.64
N LEU A 71 -0.47 4.85 9.43
CA LEU A 71 0.22 3.56 9.18
C LEU A 71 1.72 3.58 9.57
N GLY A 72 2.27 4.74 9.95
CA GLY A 72 3.60 4.87 10.55
C GLY A 72 4.76 4.76 9.56
N VAL A 73 4.54 5.06 8.26
CA VAL A 73 5.62 5.08 7.26
C VAL A 73 6.59 6.25 7.49
N ASP A 74 7.81 6.16 6.98
CA ASP A 74 8.80 7.24 7.11
C ASP A 74 8.38 8.51 6.33
N GLU A 75 8.66 9.69 6.88
CA GLU A 75 8.24 10.99 6.31
C GLU A 75 8.78 11.24 4.89
N GLU A 76 9.94 10.68 4.53
CA GLU A 76 10.46 10.73 3.15
C GLU A 76 9.48 10.05 2.18
N ILE A 77 8.95 8.88 2.54
CA ILE A 77 8.05 8.09 1.68
C ILE A 77 6.76 8.88 1.41
N ILE A 78 6.23 9.60 2.40
CA ILE A 78 5.00 10.39 2.25
C ILE A 78 5.18 11.49 1.19
N ARG A 79 6.22 12.33 1.32
CA ARG A 79 6.52 13.38 0.34
C ARG A 79 7.00 12.84 -1.01
N ARG A 80 7.70 11.70 -1.00
CA ARG A 80 8.27 11.09 -2.20
C ARG A 80 7.18 10.48 -3.08
N ILE A 81 6.33 9.65 -2.49
CA ILE A 81 5.22 8.97 -3.17
C ILE A 81 4.13 9.95 -3.63
N LYS A 82 3.86 11.05 -2.90
CA LYS A 82 2.99 12.14 -3.40
C LYS A 82 3.40 12.63 -4.80
N ARG A 83 4.69 12.77 -5.08
CA ARG A 83 5.18 13.21 -6.41
C ARG A 83 4.91 12.14 -7.48
N LEU A 84 5.08 10.86 -7.15
CA LEU A 84 4.85 9.75 -8.08
C LEU A 84 3.35 9.48 -8.31
N ARG A 85 2.51 9.81 -7.32
CA ARG A 85 1.03 9.85 -7.43
C ARG A 85 0.60 10.96 -8.40
N LYS A 86 1.26 12.12 -8.36
CA LYS A 86 1.02 13.27 -9.25
C LYS A 86 1.37 13.01 -10.74
N GLU A 87 2.03 11.89 -11.09
CA GLU A 87 2.17 11.44 -12.49
C GLU A 87 0.88 10.76 -13.02
N GLY A 88 -0.07 10.41 -12.14
CA GLY A 88 -1.33 9.72 -12.49
C GLY A 88 -1.18 8.22 -12.79
N GLN A 89 -0.02 7.63 -12.51
CA GLN A 89 0.31 6.23 -12.81
C GLN A 89 -0.22 5.24 -11.76
N ILE A 90 -0.03 5.59 -10.49
CA ILE A 90 -0.34 4.75 -9.33
C ILE A 90 -1.83 4.84 -9.02
N LYS A 91 -2.49 3.68 -9.00
CA LYS A 91 -3.86 3.51 -8.50
C LYS A 91 -3.87 2.76 -7.16
N LEU A 92 -2.74 2.19 -6.76
CA LEU A 92 -2.64 1.31 -5.60
C LEU A 92 -1.25 1.33 -4.96
N VAL A 93 -1.18 1.35 -3.64
CA VAL A 93 0.05 1.16 -2.87
C VAL A 93 -0.09 0.00 -1.89
N ILE A 94 0.99 -0.74 -1.69
CA ILE A 94 1.09 -1.86 -0.74
C ILE A 94 2.13 -1.49 0.32
N ILE A 95 1.85 -1.70 1.62
CA ILE A 95 2.70 -1.18 2.70
C ILE A 95 2.97 -2.27 3.74
N GLU A 96 4.24 -2.46 4.04
CA GLU A 96 4.72 -3.26 5.18
C GLU A 96 5.11 -2.28 6.30
N GLY A 97 4.54 -2.45 7.49
CA GLY A 97 4.88 -1.65 8.69
C GLY A 97 4.88 -2.47 9.98
N SER A 98 5.28 -3.74 9.88
CA SER A 98 5.14 -4.76 10.94
C SER A 98 6.41 -5.57 11.24
N LEU A 99 7.54 -5.19 10.62
CA LEU A 99 8.86 -5.84 10.77
C LEU A 99 9.69 -5.33 11.99
N GLU A 100 9.04 -4.62 12.93
CA GLU A 100 9.58 -4.18 14.24
C GLU A 100 10.90 -3.36 14.16
N HIS A 101 10.77 -2.05 13.91
CA HIS A 101 11.88 -1.10 13.96
C HIS A 101 12.47 -0.92 15.38
N HIS A 102 13.74 -0.55 15.46
CA HIS A 102 14.44 -0.27 16.73
C HIS A 102 14.03 1.08 17.36
N HIS A 103 14.23 1.23 18.68
CA HIS A 103 13.92 2.45 19.44
C HIS A 103 14.84 2.67 20.65
N HIS A 104 15.21 1.62 21.39
CA HIS A 104 15.97 1.73 22.64
C HIS A 104 17.41 2.24 22.42
N HIS A 105 17.81 3.25 23.20
CA HIS A 105 19.13 3.89 23.22
C HIS A 105 19.53 4.29 24.65
N HIS A 106 20.84 4.44 24.88
CA HIS A 106 21.43 4.90 26.16
C HIS A 106 21.72 6.42 26.14
N GLY A 1 9.06 -2.55 7.14
CA GLY A 1 9.45 -2.96 5.78
C GLY A 1 9.58 -1.74 4.88
N LYS A 2 8.83 -1.71 3.78
CA LYS A 2 8.78 -0.58 2.82
C LYS A 2 7.36 -0.40 2.25
N LEU A 3 7.16 0.72 1.56
CA LEU A 3 5.95 1.08 0.80
C LEU A 3 6.27 1.03 -0.70
N TYR A 4 5.39 0.36 -1.45
CA TYR A 4 5.52 -0.01 -2.85
C TYR A 4 4.46 0.66 -3.72
N GLU A 5 4.93 1.32 -4.77
CA GLU A 5 4.15 1.98 -5.80
C GLU A 5 3.68 0.97 -6.86
N VAL A 6 2.35 0.78 -6.95
CA VAL A 6 1.71 -0.19 -7.86
C VAL A 6 0.86 0.45 -8.97
N ASP A 7 1.20 0.17 -10.22
CA ASP A 7 0.54 0.72 -11.42
C ASP A 7 -0.08 -0.33 -12.37
N SER A 8 0.25 -1.62 -12.19
CA SER A 8 -0.12 -2.72 -13.09
C SER A 8 -0.63 -3.96 -12.33
N PRO A 9 -1.57 -4.74 -12.89
CA PRO A 9 -2.10 -5.96 -12.25
C PRO A 9 -1.07 -7.07 -12.13
N ASP A 10 -0.07 -7.08 -13.00
CA ASP A 10 1.04 -8.04 -12.92
C ASP A 10 1.97 -7.70 -11.74
N SER A 11 2.15 -6.40 -11.43
CA SER A 11 2.93 -5.94 -10.26
C SER A 11 2.24 -6.31 -8.95
N VAL A 12 0.90 -6.35 -8.92
CA VAL A 12 0.14 -6.89 -7.78
C VAL A 12 0.52 -8.36 -7.54
N GLU A 13 0.57 -9.19 -8.58
CA GLU A 13 0.97 -10.60 -8.44
C GLU A 13 2.44 -10.75 -8.03
N LYS A 14 3.35 -9.94 -8.59
CA LYS A 14 4.78 -9.97 -8.26
C LYS A 14 5.04 -9.61 -6.80
N ILE A 15 4.35 -8.59 -6.28
CA ILE A 15 4.42 -8.21 -4.86
C ILE A 15 3.73 -9.27 -3.99
N ALA A 16 2.58 -9.81 -4.40
CA ALA A 16 1.87 -10.86 -3.66
C ALA A 16 2.71 -12.15 -3.51
N ARG A 17 3.55 -12.48 -4.51
CA ARG A 17 4.52 -13.59 -4.44
C ARG A 17 5.66 -13.32 -3.46
N GLU A 18 6.13 -12.07 -3.33
CA GLU A 18 7.13 -11.68 -2.33
C GLU A 18 6.55 -11.61 -0.91
N LEU A 19 5.28 -11.21 -0.78
CA LEU A 19 4.53 -11.17 0.48
C LEU A 19 3.94 -12.54 0.89
N GLY A 20 4.03 -13.57 0.04
CA GLY A 20 3.57 -14.94 0.31
C GLY A 20 2.04 -15.09 0.44
N LEU A 21 1.26 -14.30 -0.29
CA LEU A 21 -0.21 -14.27 -0.20
C LEU A 21 -0.87 -15.54 -0.75
N SER A 22 -2.03 -15.89 -0.20
CA SER A 22 -2.92 -16.95 -0.70
C SER A 22 -3.67 -16.51 -1.97
N GLU A 23 -4.21 -17.46 -2.73
CA GLU A 23 -4.90 -17.20 -4.01
C GLU A 23 -6.08 -16.24 -3.88
N GLU A 24 -6.88 -16.38 -2.82
CA GLU A 24 -8.03 -15.49 -2.54
C GLU A 24 -7.58 -14.09 -2.09
N GLN A 25 -6.47 -13.99 -1.35
CA GLN A 25 -5.90 -12.72 -0.92
C GLN A 25 -5.28 -11.97 -2.11
N LEU A 26 -4.63 -12.67 -3.05
CA LEU A 26 -4.22 -12.09 -4.33
C LEU A 26 -5.43 -11.58 -5.11
N ARG A 27 -6.45 -12.43 -5.32
CA ARG A 27 -7.64 -12.11 -6.12
C ARG A 27 -8.38 -10.87 -5.61
N ARG A 28 -8.42 -10.68 -4.28
CA ARG A 28 -8.97 -9.46 -3.63
C ARG A 28 -8.22 -8.20 -4.06
N ILE A 29 -6.88 -8.23 -4.08
CA ILE A 29 -6.07 -7.06 -4.48
C ILE A 29 -6.18 -6.85 -6.00
N GLN A 30 -6.16 -7.91 -6.81
CA GLN A 30 -6.32 -7.78 -8.28
C GLN A 30 -7.71 -7.22 -8.68
N LYS A 31 -8.77 -7.54 -7.92
CA LYS A 31 -10.12 -6.98 -8.13
C LYS A 31 -10.23 -5.53 -7.66
N GLU A 32 -9.76 -5.21 -6.46
CA GLU A 32 -9.84 -3.83 -5.93
C GLU A 32 -8.90 -2.87 -6.67
N PHE A 33 -7.79 -3.37 -7.21
CA PHE A 33 -6.91 -2.66 -8.15
C PHE A 33 -7.68 -2.14 -9.37
N GLU A 34 -8.46 -3.00 -10.04
CA GLU A 34 -9.23 -2.58 -11.22
C GLU A 34 -10.41 -1.68 -10.85
N ARG A 35 -11.06 -1.92 -9.70
CA ARG A 35 -12.15 -1.05 -9.20
C ARG A 35 -11.65 0.34 -8.83
N ALA A 36 -10.46 0.45 -8.23
CA ALA A 36 -9.83 1.74 -7.93
C ALA A 36 -9.50 2.52 -9.23
N GLU A 37 -8.94 1.84 -10.24
CA GLU A 37 -8.65 2.43 -11.55
C GLU A 37 -9.93 2.86 -12.29
N ARG A 38 -10.98 2.01 -12.28
CA ARG A 38 -12.29 2.29 -12.90
C ARG A 38 -13.01 3.49 -12.28
N LYS A 39 -12.93 3.62 -10.95
CA LYS A 39 -13.58 4.71 -10.19
C LYS A 39 -12.71 5.97 -10.04
N GLY A 40 -11.46 5.95 -10.51
CA GLY A 40 -10.54 7.10 -10.46
C GLY A 40 -10.03 7.46 -9.05
N LYS A 41 -9.92 6.46 -8.17
CA LYS A 41 -9.46 6.58 -6.77
C LYS A 41 -8.12 5.87 -6.54
N LEU A 42 -7.55 6.05 -5.35
CA LEU A 42 -6.32 5.39 -4.87
C LEU A 42 -6.67 4.54 -3.63
N VAL A 43 -6.19 3.30 -3.56
CA VAL A 43 -6.26 2.48 -2.33
C VAL A 43 -4.89 2.18 -1.74
N ILE A 44 -4.85 2.18 -0.41
CA ILE A 44 -3.68 1.91 0.41
C ILE A 44 -3.87 0.55 1.06
N VAL A 45 -2.96 -0.36 0.77
CA VAL A 45 -2.96 -1.76 1.22
C VAL A 45 -1.82 -1.99 2.20
N TYR A 46 -2.09 -2.68 3.29
CA TYR A 46 -1.12 -2.96 4.35
C TYR A 46 -1.00 -4.45 4.63
N LEU A 47 0.22 -4.96 4.85
CA LEU A 47 0.50 -6.30 5.35
C LEU A 47 1.11 -6.23 6.76
N THR A 48 0.48 -6.89 7.73
CA THR A 48 0.96 -6.96 9.13
C THR A 48 2.06 -8.02 9.34
N SER A 49 2.70 -8.01 10.50
CA SER A 49 3.64 -9.06 10.94
C SER A 49 3.00 -10.45 11.10
N ASP A 50 1.67 -10.52 11.24
CA ASP A 50 0.89 -11.77 11.27
C ASP A 50 0.39 -12.22 9.87
N GLY A 51 0.67 -11.44 8.82
CA GLY A 51 0.27 -11.74 7.44
C GLY A 51 -1.18 -11.36 7.11
N LYS A 52 -1.85 -10.56 7.97
CA LYS A 52 -3.17 -9.99 7.69
C LYS A 52 -3.03 -8.87 6.65
N VAL A 53 -3.92 -8.84 5.66
CA VAL A 53 -4.00 -7.76 4.66
C VAL A 53 -5.21 -6.85 4.94
N GLU A 54 -4.99 -5.53 4.94
CA GLU A 54 -6.01 -4.50 5.25
C GLU A 54 -6.00 -3.36 4.20
N ILE A 55 -7.17 -2.83 3.84
CA ILE A 55 -7.38 -1.88 2.73
C ILE A 55 -8.02 -0.57 3.24
N ARG A 56 -7.59 0.59 2.69
CA ARG A 56 -8.21 1.91 2.88
C ARG A 56 -8.34 2.65 1.54
N GLU A 57 -9.46 3.35 1.33
CA GLU A 57 -9.73 4.16 0.12
C GLU A 57 -9.43 5.64 0.36
N VAL A 58 -8.88 6.34 -0.65
CA VAL A 58 -8.75 7.81 -0.65
C VAL A 58 -9.18 8.44 -1.98
N THR A 59 -9.82 9.61 -1.91
CA THR A 59 -10.15 10.46 -3.07
C THR A 59 -9.07 11.52 -3.36
N SER A 60 -8.37 12.00 -2.33
CA SER A 60 -7.44 13.15 -2.37
C SER A 60 -6.22 12.94 -1.48
N GLU A 61 -5.16 13.72 -1.72
CA GLU A 61 -3.89 13.62 -0.97
C GLU A 61 -4.01 13.96 0.53
N GLU A 62 -5.02 14.73 0.93
CA GLU A 62 -5.28 15.12 2.32
C GLU A 62 -5.53 13.88 3.22
N GLU A 63 -6.33 12.95 2.72
CA GLU A 63 -6.51 11.62 3.34
C GLU A 63 -5.23 10.78 3.24
N LEU A 64 -4.63 10.68 2.04
CA LEU A 64 -3.45 9.85 1.77
C LEU A 64 -2.30 10.16 2.74
N GLU A 65 -1.99 11.44 2.93
CA GLU A 65 -0.99 11.94 3.88
C GLU A 65 -1.33 11.57 5.34
N LYS A 66 -2.61 11.70 5.74
CA LYS A 66 -3.06 11.42 7.11
C LYS A 66 -2.96 9.92 7.43
N ILE A 67 -3.27 9.07 6.46
CA ILE A 67 -3.17 7.60 6.59
C ILE A 67 -1.70 7.18 6.66
N LEU A 68 -0.82 7.71 5.81
CA LEU A 68 0.61 7.39 5.89
C LEU A 68 1.25 7.88 7.20
N LYS A 69 0.82 9.05 7.73
CA LYS A 69 1.20 9.53 9.07
C LYS A 69 0.69 8.60 10.19
N LYS A 70 -0.54 8.07 10.07
CA LYS A 70 -1.12 7.10 11.03
C LYS A 70 -0.37 5.76 11.03
N LEU A 71 0.04 5.28 9.85
CA LEU A 71 0.77 4.02 9.67
C LEU A 71 2.27 4.12 10.02
N GLY A 72 2.77 5.32 10.32
CA GLY A 72 4.10 5.56 10.88
C GLY A 72 5.26 5.41 9.89
N VAL A 73 5.01 5.55 8.58
CA VAL A 73 6.06 5.52 7.55
C VAL A 73 6.95 6.79 7.65
N ASP A 74 8.18 6.71 7.16
CA ASP A 74 9.10 7.86 7.16
C ASP A 74 8.59 8.99 6.23
N GLU A 75 8.79 10.24 6.62
CA GLU A 75 8.24 11.40 5.91
C GLU A 75 8.78 11.57 4.48
N GLU A 76 9.99 11.08 4.19
CA GLU A 76 10.49 11.00 2.81
C GLU A 76 9.63 10.06 1.95
N ILE A 77 9.16 8.95 2.49
CA ILE A 77 8.26 8.03 1.77
C ILE A 77 6.95 8.77 1.42
N ILE A 78 6.39 9.56 2.35
CA ILE A 78 5.15 10.31 2.15
C ILE A 78 5.30 11.31 0.99
N ARG A 79 6.30 12.20 1.04
CA ARG A 79 6.54 13.20 -0.03
C ARG A 79 6.93 12.54 -1.36
N ARG A 80 7.70 11.44 -1.33
CA ARG A 80 8.13 10.71 -2.54
C ARG A 80 6.92 10.07 -3.23
N ILE A 81 6.12 9.32 -2.49
CA ILE A 81 4.87 8.70 -2.98
C ILE A 81 3.88 9.76 -3.51
N LYS A 82 3.69 10.90 -2.81
CA LYS A 82 2.85 11.99 -3.32
C LYS A 82 3.36 12.58 -4.65
N ARG A 83 4.67 12.62 -4.88
CA ARG A 83 5.27 13.07 -6.15
C ARG A 83 4.93 12.13 -7.30
N LEU A 84 4.80 10.82 -7.03
CA LEU A 84 4.30 9.83 -8.00
C LEU A 84 2.79 9.97 -8.24
N ARG A 85 2.01 10.15 -7.15
CA ARG A 85 0.55 10.35 -7.20
C ARG A 85 0.16 11.63 -7.95
N LYS A 86 1.01 12.67 -7.93
CA LYS A 86 0.83 13.92 -8.70
C LYS A 86 0.86 13.70 -10.22
N GLU A 87 1.57 12.68 -10.71
CA GLU A 87 1.55 12.26 -12.13
C GLU A 87 0.33 11.37 -12.47
N GLY A 88 -0.40 10.88 -11.47
CA GLY A 88 -1.52 9.93 -11.64
C GLY A 88 -1.11 8.52 -12.07
N GLN A 89 0.17 8.15 -11.89
CA GLN A 89 0.72 6.87 -12.37
C GLN A 89 0.16 5.68 -11.57
N ILE A 90 0.12 5.84 -10.26
CA ILE A 90 -0.16 4.81 -9.27
C ILE A 90 -1.66 4.78 -8.99
N LYS A 91 -2.26 3.59 -9.10
CA LYS A 91 -3.69 3.33 -8.81
C LYS A 91 -3.89 2.66 -7.46
N LEU A 92 -2.79 2.14 -6.88
CA LEU A 92 -2.78 1.30 -5.70
C LEU A 92 -1.39 1.35 -5.03
N VAL A 93 -1.32 1.38 -3.70
CA VAL A 93 -0.05 1.24 -2.95
C VAL A 93 -0.10 0.12 -1.95
N ILE A 94 1.04 -0.54 -1.71
CA ILE A 94 1.18 -1.68 -0.79
C ILE A 94 2.25 -1.37 0.25
N ILE A 95 2.01 -1.68 1.53
CA ILE A 95 2.92 -1.35 2.64
C ILE A 95 3.19 -2.61 3.47
N GLU A 96 4.45 -2.85 3.82
CA GLU A 96 4.88 -3.99 4.63
C GLU A 96 5.33 -3.53 6.03
N GLY A 97 4.65 -4.02 7.08
CA GLY A 97 4.99 -3.78 8.48
C GLY A 97 6.21 -4.58 8.94
N SER A 98 5.99 -5.68 9.65
CA SER A 98 7.04 -6.61 10.13
C SER A 98 8.18 -5.91 10.89
N LEU A 99 7.81 -5.12 11.92
CA LEU A 99 8.71 -4.29 12.73
C LEU A 99 9.44 -5.12 13.81
N GLU A 100 10.11 -6.18 13.38
CA GLU A 100 10.89 -7.11 14.21
C GLU A 100 12.14 -6.42 14.80
N HIS A 101 12.47 -6.71 16.07
CA HIS A 101 13.69 -6.22 16.74
C HIS A 101 14.27 -7.28 17.70
N HIS A 102 15.53 -7.68 17.47
CA HIS A 102 16.29 -8.56 18.37
C HIS A 102 16.93 -7.79 19.53
N HIS A 103 17.11 -8.48 20.67
CA HIS A 103 17.59 -7.89 21.94
C HIS A 103 18.87 -8.58 22.44
N HIS A 104 19.91 -8.59 21.60
CA HIS A 104 21.24 -9.13 21.93
C HIS A 104 21.91 -8.36 23.09
N HIS A 105 22.75 -9.06 23.88
CA HIS A 105 23.50 -8.47 24.99
C HIS A 105 24.73 -7.65 24.53
N HIS A 106 25.26 -6.83 25.44
CA HIS A 106 26.53 -6.09 25.25
C HIS A 106 27.75 -7.02 25.28
N GLY A 1 10.31 -1.57 7.68
CA GLY A 1 9.13 -1.59 6.79
C GLY A 1 9.35 -0.77 5.53
N LYS A 2 8.50 -0.98 4.50
CA LYS A 2 8.57 -0.27 3.21
C LYS A 2 7.20 -0.21 2.51
N LEU A 3 7.03 0.77 1.62
CA LEU A 3 5.88 0.94 0.72
C LEU A 3 6.29 0.64 -0.74
N TYR A 4 5.45 -0.12 -1.44
CA TYR A 4 5.58 -0.52 -2.84
C TYR A 4 4.57 0.21 -3.72
N GLU A 5 5.08 0.87 -4.76
CA GLU A 5 4.32 1.69 -5.70
C GLU A 5 3.83 0.84 -6.89
N VAL A 6 2.52 0.60 -6.96
CA VAL A 6 1.89 -0.36 -7.89
C VAL A 6 1.04 0.30 -9.00
N ASP A 7 1.34 -0.03 -10.26
CA ASP A 7 0.67 0.52 -11.45
C ASP A 7 0.12 -0.53 -12.45
N SER A 8 0.39 -1.83 -12.21
CA SER A 8 -0.01 -2.93 -13.11
C SER A 8 -0.57 -4.14 -12.34
N PRO A 9 -1.55 -4.90 -12.88
CA PRO A 9 -2.05 -6.13 -12.26
C PRO A 9 -0.96 -7.21 -12.13
N ASP A 10 -0.01 -7.23 -13.07
CA ASP A 10 1.18 -8.09 -13.00
C ASP A 10 2.07 -7.75 -11.79
N SER A 11 2.21 -6.46 -11.47
CA SER A 11 2.97 -6.00 -10.29
C SER A 11 2.26 -6.36 -8.97
N VAL A 12 0.92 -6.36 -8.96
CA VAL A 12 0.13 -6.88 -7.82
C VAL A 12 0.45 -8.36 -7.58
N GLU A 13 0.52 -9.19 -8.63
CA GLU A 13 0.90 -10.61 -8.49
C GLU A 13 2.36 -10.78 -8.04
N LYS A 14 3.28 -9.99 -8.59
CA LYS A 14 4.71 -10.06 -8.24
C LYS A 14 4.95 -9.68 -6.78
N ILE A 15 4.33 -8.61 -6.30
CA ILE A 15 4.43 -8.20 -4.89
C ILE A 15 3.73 -9.23 -3.98
N ALA A 16 2.56 -9.75 -4.38
CA ALA A 16 1.87 -10.81 -3.63
C ALA A 16 2.74 -12.08 -3.48
N ARG A 17 3.49 -12.44 -4.52
CA ARG A 17 4.44 -13.57 -4.50
C ARG A 17 5.72 -13.28 -3.71
N GLU A 18 6.18 -12.03 -3.65
CA GLU A 18 7.31 -11.62 -2.78
C GLU A 18 6.92 -11.56 -1.29
N LEU A 19 5.67 -11.17 -0.99
CA LEU A 19 5.10 -11.10 0.36
C LEU A 19 4.50 -12.44 0.84
N GLY A 20 4.44 -13.47 -0.02
CA GLY A 20 3.94 -14.81 0.32
C GLY A 20 2.43 -14.88 0.57
N LEU A 21 1.63 -14.02 -0.08
CA LEU A 21 0.18 -13.94 0.08
C LEU A 21 -0.55 -15.17 -0.51
N SER A 22 -1.74 -15.47 0.03
CA SER A 22 -2.62 -16.55 -0.46
C SER A 22 -3.33 -16.18 -1.76
N GLU A 23 -3.85 -17.17 -2.50
CA GLU A 23 -4.54 -16.96 -3.78
C GLU A 23 -5.80 -16.08 -3.64
N GLU A 24 -6.52 -16.21 -2.53
CA GLU A 24 -7.69 -15.36 -2.21
C GLU A 24 -7.30 -13.93 -1.83
N GLN A 25 -6.13 -13.73 -1.20
CA GLN A 25 -5.58 -12.41 -0.89
C GLN A 25 -5.08 -11.71 -2.17
N LEU A 26 -4.43 -12.45 -3.07
CA LEU A 26 -4.08 -11.99 -4.41
C LEU A 26 -5.35 -11.57 -5.17
N ARG A 27 -6.36 -12.44 -5.28
CA ARG A 27 -7.65 -12.14 -5.94
C ARG A 27 -8.35 -10.91 -5.35
N ARG A 28 -8.22 -10.68 -4.04
CA ARG A 28 -8.78 -9.53 -3.33
C ARG A 28 -8.09 -8.23 -3.75
N ILE A 29 -6.76 -8.16 -3.69
CA ILE A 29 -6.01 -6.92 -4.01
C ILE A 29 -6.21 -6.57 -5.49
N GLN A 30 -6.31 -7.59 -6.35
CA GLN A 30 -6.61 -7.44 -7.78
C GLN A 30 -7.99 -6.83 -8.05
N LYS A 31 -9.02 -7.18 -7.25
CA LYS A 31 -10.34 -6.52 -7.30
C LYS A 31 -10.25 -5.05 -6.92
N GLU A 32 -9.51 -4.71 -5.87
CA GLU A 32 -9.36 -3.31 -5.45
C GLU A 32 -8.53 -2.51 -6.46
N PHE A 33 -7.51 -3.13 -7.07
CA PHE A 33 -6.69 -2.54 -8.14
C PHE A 33 -7.55 -2.11 -9.34
N GLU A 34 -8.39 -3.02 -9.86
CA GLU A 34 -9.20 -2.73 -11.05
C GLU A 34 -10.34 -1.73 -10.76
N ARG A 35 -10.98 -1.82 -9.57
CA ARG A 35 -12.03 -0.88 -9.16
C ARG A 35 -11.49 0.51 -8.86
N ALA A 36 -10.29 0.63 -8.27
CA ALA A 36 -9.63 1.91 -8.05
C ALA A 36 -9.29 2.61 -9.38
N GLU A 37 -8.74 1.86 -10.35
CA GLU A 37 -8.40 2.38 -11.68
C GLU A 37 -9.67 2.80 -12.47
N ARG A 38 -10.75 2.00 -12.42
CA ARG A 38 -12.04 2.31 -13.07
C ARG A 38 -12.76 3.52 -12.46
N LYS A 39 -12.73 3.66 -11.12
CA LYS A 39 -13.44 4.73 -10.39
C LYS A 39 -12.63 6.03 -10.25
N GLY A 40 -11.33 6.02 -10.56
CA GLY A 40 -10.46 7.20 -10.51
C GLY A 40 -9.98 7.55 -9.09
N LYS A 41 -9.81 6.55 -8.22
CA LYS A 41 -9.33 6.68 -6.83
C LYS A 41 -8.00 5.93 -6.62
N LEU A 42 -7.40 6.10 -5.43
CA LEU A 42 -6.19 5.39 -4.99
C LEU A 42 -6.54 4.55 -3.75
N VAL A 43 -6.06 3.31 -3.68
CA VAL A 43 -6.17 2.47 -2.47
C VAL A 43 -4.82 2.13 -1.86
N ILE A 44 -4.80 2.12 -0.53
CA ILE A 44 -3.64 1.85 0.32
C ILE A 44 -3.86 0.49 0.98
N VAL A 45 -2.94 -0.44 0.73
CA VAL A 45 -3.00 -1.83 1.19
C VAL A 45 -1.89 -2.08 2.19
N TYR A 46 -2.20 -2.79 3.27
CA TYR A 46 -1.28 -3.05 4.38
C TYR A 46 -1.16 -4.55 4.68
N LEU A 47 0.06 -5.02 4.96
CA LEU A 47 0.37 -6.38 5.40
C LEU A 47 0.81 -6.40 6.88
N THR A 48 0.19 -7.29 7.67
CA THR A 48 0.53 -7.51 9.09
C THR A 48 1.49 -8.68 9.29
N SER A 49 2.15 -8.75 10.45
CA SER A 49 3.04 -9.86 10.83
C SER A 49 2.30 -11.19 11.02
N ASP A 50 0.97 -11.14 11.23
CA ASP A 50 0.07 -12.30 11.26
C ASP A 50 -0.35 -12.78 9.85
N GLY A 51 0.04 -12.06 8.80
CA GLY A 51 -0.23 -12.41 7.39
C GLY A 51 -1.60 -11.95 6.88
N LYS A 52 -2.29 -11.04 7.59
CA LYS A 52 -3.55 -10.42 7.17
C LYS A 52 -3.26 -9.24 6.25
N VAL A 53 -4.11 -9.06 5.23
CA VAL A 53 -4.14 -7.86 4.37
C VAL A 53 -5.36 -6.98 4.67
N GLU A 54 -5.17 -5.67 4.66
CA GLU A 54 -6.21 -4.65 4.92
C GLU A 54 -6.18 -3.54 3.86
N ILE A 55 -7.34 -2.98 3.49
CA ILE A 55 -7.51 -1.98 2.41
C ILE A 55 -8.10 -0.67 2.96
N ARG A 56 -7.62 0.49 2.48
CA ARG A 56 -8.16 1.83 2.68
C ARG A 56 -8.29 2.58 1.35
N GLU A 57 -9.31 3.43 1.20
CA GLU A 57 -9.56 4.27 0.02
C GLU A 57 -9.22 5.75 0.27
N VAL A 58 -8.67 6.44 -0.74
CA VAL A 58 -8.49 7.91 -0.78
C VAL A 58 -8.85 8.48 -2.16
N THR A 59 -9.32 9.73 -2.19
CA THR A 59 -9.52 10.53 -3.41
C THR A 59 -8.74 11.85 -3.40
N SER A 60 -8.50 12.41 -2.21
CA SER A 60 -7.79 13.68 -2.02
C SER A 60 -6.35 13.49 -1.49
N GLU A 61 -5.48 14.45 -1.80
CA GLU A 61 -4.06 14.47 -1.41
C GLU A 61 -3.87 14.44 0.12
N GLU A 62 -4.67 15.24 0.83
CA GLU A 62 -4.62 15.39 2.29
C GLU A 62 -4.92 14.10 3.05
N GLU A 63 -5.80 13.25 2.50
CA GLU A 63 -6.13 11.94 3.09
C GLU A 63 -4.92 11.00 3.08
N LEU A 64 -4.25 10.87 1.93
CA LEU A 64 -3.07 10.02 1.75
C LEU A 64 -1.97 10.37 2.78
N GLU A 65 -1.75 11.66 3.03
CA GLU A 65 -0.81 12.13 4.05
C GLU A 65 -1.19 11.67 5.46
N LYS A 66 -2.48 11.75 5.84
CA LYS A 66 -2.96 11.37 7.18
C LYS A 66 -2.83 9.87 7.42
N ILE A 67 -3.13 9.06 6.40
CA ILE A 67 -3.03 7.61 6.47
C ILE A 67 -1.56 7.16 6.52
N LEU A 68 -0.68 7.74 5.70
CA LEU A 68 0.75 7.44 5.76
C LEU A 68 1.40 7.88 7.09
N LYS A 69 0.95 9.02 7.67
CA LYS A 69 1.32 9.44 9.04
C LYS A 69 0.82 8.46 10.11
N LYS A 70 -0.41 7.95 9.99
CA LYS A 70 -1.00 6.98 10.92
C LYS A 70 -0.28 5.63 10.88
N LEU A 71 0.13 5.18 9.70
CA LEU A 71 0.88 3.93 9.48
C LEU A 71 2.38 4.06 9.79
N GLY A 72 2.87 5.28 10.03
CA GLY A 72 4.22 5.55 10.55
C GLY A 72 5.36 5.36 9.54
N VAL A 73 5.10 5.55 8.24
CA VAL A 73 6.13 5.46 7.19
C VAL A 73 7.15 6.60 7.27
N ASP A 74 8.34 6.41 6.67
CA ASP A 74 9.40 7.44 6.63
C ASP A 74 8.97 8.68 5.83
N GLU A 75 9.46 9.87 6.23
CA GLU A 75 9.02 11.16 5.66
C GLU A 75 9.28 11.31 4.15
N GLU A 76 10.34 10.66 3.64
CA GLU A 76 10.59 10.59 2.19
C GLU A 76 9.46 9.85 1.45
N ILE A 77 8.94 8.76 2.02
CA ILE A 77 7.84 7.98 1.42
C ILE A 77 6.58 8.84 1.30
N ILE A 78 6.28 9.68 2.30
CA ILE A 78 5.11 10.55 2.28
C ILE A 78 5.21 11.57 1.13
N ARG A 79 6.31 12.34 1.02
CA ARG A 79 6.49 13.31 -0.09
C ARG A 79 6.62 12.64 -1.46
N ARG A 80 7.28 11.47 -1.50
CA ARG A 80 7.52 10.70 -2.73
C ARG A 80 6.21 10.20 -3.32
N ILE A 81 5.44 9.47 -2.52
CA ILE A 81 4.19 8.84 -2.97
C ILE A 81 3.08 9.86 -3.21
N LYS A 82 3.05 11.00 -2.48
CA LYS A 82 2.17 12.13 -2.86
C LYS A 82 2.46 12.63 -4.28
N ARG A 83 3.74 12.76 -4.67
CA ARG A 83 4.14 13.09 -6.05
C ARG A 83 3.73 12.01 -7.05
N LEU A 84 3.87 10.72 -6.73
CA LEU A 84 3.37 9.62 -7.57
C LEU A 84 1.84 9.68 -7.78
N ARG A 85 1.08 10.01 -6.74
CA ARG A 85 -0.38 10.21 -6.80
C ARG A 85 -0.75 11.47 -7.59
N LYS A 86 0.00 12.57 -7.43
CA LYS A 86 -0.22 13.84 -8.15
C LYS A 86 0.05 13.76 -9.66
N GLU A 87 0.96 12.88 -10.09
CA GLU A 87 1.15 12.54 -11.51
C GLU A 87 0.28 11.37 -12.00
N GLY A 88 -0.45 10.69 -11.09
CA GLY A 88 -1.43 9.65 -11.39
C GLY A 88 -0.86 8.33 -11.91
N GLN A 89 0.44 8.07 -11.69
CA GLN A 89 1.12 6.89 -12.26
C GLN A 89 0.65 5.61 -11.54
N ILE A 90 0.50 5.71 -10.22
CA ILE A 90 0.20 4.63 -9.29
C ILE A 90 -1.30 4.56 -9.07
N LYS A 91 -1.87 3.36 -9.17
CA LYS A 91 -3.29 3.08 -8.99
C LYS A 91 -3.58 2.46 -7.62
N LEU A 92 -2.53 1.96 -6.97
CA LEU A 92 -2.59 1.18 -5.73
C LEU A 92 -1.21 1.19 -5.03
N VAL A 93 -1.17 1.25 -3.70
CA VAL A 93 0.09 1.09 -2.92
C VAL A 93 -0.03 -0.04 -1.91
N ILE A 94 1.08 -0.72 -1.65
CA ILE A 94 1.16 -1.87 -0.74
C ILE A 94 2.23 -1.60 0.33
N ILE A 95 1.96 -1.87 1.61
CA ILE A 95 2.87 -1.54 2.72
C ILE A 95 3.15 -2.78 3.57
N GLU A 96 4.44 -3.02 3.82
CA GLU A 96 4.92 -3.99 4.81
C GLU A 96 5.40 -3.18 6.02
N GLY A 97 4.66 -3.21 7.14
CA GLY A 97 4.92 -2.30 8.27
C GLY A 97 4.89 -2.91 9.67
N SER A 98 4.41 -4.14 9.81
CA SER A 98 4.21 -4.83 11.10
C SER A 98 5.35 -5.78 11.51
N LEU A 99 6.27 -6.03 10.57
CA LEU A 99 7.34 -7.02 10.67
C LEU A 99 8.59 -6.41 11.35
N GLU A 100 8.42 -5.99 12.61
CA GLU A 100 9.43 -5.31 13.42
C GLU A 100 10.51 -6.25 14.00
N HIS A 101 11.68 -5.66 14.33
CA HIS A 101 12.81 -6.30 15.00
C HIS A 101 13.42 -5.37 16.07
N HIS A 102 14.07 -5.94 17.09
CA HIS A 102 14.76 -5.21 18.16
C HIS A 102 16.04 -5.94 18.64
N HIS A 103 17.03 -5.17 19.10
CA HIS A 103 18.31 -5.67 19.62
C HIS A 103 18.96 -4.67 20.60
N HIS A 104 19.89 -5.15 21.44
CA HIS A 104 20.65 -4.42 22.47
C HIS A 104 19.79 -3.83 23.63
N HIS A 105 20.42 -3.66 24.79
CA HIS A 105 19.82 -3.00 25.96
C HIS A 105 19.57 -1.50 25.70
N HIS A 106 18.41 -1.01 26.16
CA HIS A 106 17.93 0.37 25.99
C HIS A 106 17.18 0.86 27.24
N GLY A 1 9.21 -1.65 7.28
CA GLY A 1 8.34 -0.49 6.97
C GLY A 1 8.69 0.11 5.62
N LYS A 2 8.01 -0.33 4.55
CA LYS A 2 8.23 0.16 3.16
C LYS A 2 6.93 0.16 2.35
N LEU A 3 6.81 1.12 1.43
CA LEU A 3 5.70 1.26 0.48
C LEU A 3 6.16 0.92 -0.95
N TYR A 4 5.34 0.15 -1.66
CA TYR A 4 5.56 -0.33 -3.03
C TYR A 4 4.61 0.35 -4.02
N GLU A 5 5.20 0.80 -5.13
CA GLU A 5 4.54 1.54 -6.20
C GLU A 5 3.91 0.58 -7.23
N VAL A 6 2.58 0.51 -7.24
CA VAL A 6 1.80 -0.44 -8.06
C VAL A 6 0.97 0.25 -9.16
N ASP A 7 1.24 -0.12 -10.43
CA ASP A 7 0.56 0.45 -11.61
C ASP A 7 -0.08 -0.59 -12.55
N SER A 8 0.11 -1.89 -12.30
CA SER A 8 -0.48 -2.99 -13.07
C SER A 8 -1.00 -4.13 -12.17
N PRO A 9 -2.01 -4.90 -12.60
CA PRO A 9 -2.48 -6.07 -11.85
C PRO A 9 -1.45 -7.20 -11.80
N ASP A 10 -0.51 -7.23 -12.74
CA ASP A 10 0.59 -8.18 -12.71
C ASP A 10 1.62 -7.81 -11.62
N SER A 11 1.83 -6.50 -11.37
CA SER A 11 2.68 -6.02 -10.28
C SER A 11 2.09 -6.37 -8.91
N VAL A 12 0.75 -6.40 -8.79
CA VAL A 12 0.06 -6.92 -7.59
C VAL A 12 0.47 -8.38 -7.34
N GLU A 13 0.48 -9.24 -8.36
CA GLU A 13 0.89 -10.65 -8.19
C GLU A 13 2.38 -10.77 -7.83
N LYS A 14 3.24 -9.97 -8.46
CA LYS A 14 4.70 -9.98 -8.18
C LYS A 14 5.01 -9.57 -6.74
N ILE A 15 4.33 -8.54 -6.23
CA ILE A 15 4.46 -8.11 -4.83
C ILE A 15 3.81 -9.11 -3.87
N ALA A 16 2.63 -9.64 -4.20
CA ALA A 16 1.94 -10.66 -3.40
C ALA A 16 2.79 -11.92 -3.19
N ARG A 17 3.50 -12.37 -4.24
CA ARG A 17 4.42 -13.52 -4.20
C ARG A 17 5.71 -13.21 -3.42
N GLU A 18 6.16 -11.95 -3.39
CA GLU A 18 7.29 -11.52 -2.55
C GLU A 18 6.91 -11.39 -1.06
N LEU A 19 5.69 -10.95 -0.77
CA LEU A 19 5.13 -10.81 0.59
C LEU A 19 4.53 -12.13 1.15
N GLY A 20 4.49 -13.20 0.34
CA GLY A 20 4.03 -14.53 0.76
C GLY A 20 2.51 -14.67 0.93
N LEU A 21 1.72 -13.90 0.17
CA LEU A 21 0.25 -13.91 0.22
C LEU A 21 -0.36 -15.22 -0.31
N SER A 22 -1.52 -15.59 0.24
CA SER A 22 -2.36 -16.69 -0.27
C SER A 22 -3.21 -16.25 -1.48
N GLU A 23 -3.80 -17.20 -2.22
CA GLU A 23 -4.56 -16.90 -3.45
C GLU A 23 -5.74 -15.95 -3.23
N GLU A 24 -6.47 -16.09 -2.13
CA GLU A 24 -7.58 -15.20 -1.77
C GLU A 24 -7.10 -13.79 -1.37
N GLN A 25 -5.94 -13.70 -0.71
CA GLN A 25 -5.32 -12.43 -0.31
C GLN A 25 -4.79 -11.66 -1.54
N LEU A 26 -4.28 -12.38 -2.55
CA LEU A 26 -3.94 -11.85 -3.87
C LEU A 26 -5.19 -11.37 -4.62
N ARG A 27 -6.21 -12.24 -4.77
CA ARG A 27 -7.47 -11.93 -5.50
C ARG A 27 -8.20 -10.72 -4.94
N ARG A 28 -8.16 -10.51 -3.61
CA ARG A 28 -8.64 -9.31 -2.92
C ARG A 28 -8.01 -8.05 -3.50
N ILE A 29 -6.67 -7.99 -3.57
CA ILE A 29 -5.97 -6.77 -4.04
C ILE A 29 -6.24 -6.55 -5.53
N GLN A 30 -6.27 -7.60 -6.35
CA GLN A 30 -6.57 -7.47 -7.79
C GLN A 30 -7.99 -6.95 -8.06
N LYS A 31 -8.97 -7.31 -7.22
CA LYS A 31 -10.33 -6.75 -7.27
C LYS A 31 -10.36 -5.29 -6.84
N GLU A 32 -9.69 -4.92 -5.73
CA GLU A 32 -9.59 -3.51 -5.33
C GLU A 32 -8.81 -2.66 -6.35
N PHE A 33 -7.80 -3.23 -7.01
CA PHE A 33 -7.02 -2.58 -8.07
C PHE A 33 -7.90 -2.19 -9.26
N GLU A 34 -8.70 -3.12 -9.79
CA GLU A 34 -9.58 -2.79 -10.93
C GLU A 34 -10.72 -1.84 -10.52
N ARG A 35 -11.26 -1.98 -9.31
CA ARG A 35 -12.31 -1.08 -8.80
C ARG A 35 -11.78 0.32 -8.53
N ALA A 36 -10.52 0.47 -8.13
CA ALA A 36 -9.84 1.76 -8.03
C ALA A 36 -9.69 2.44 -9.40
N GLU A 37 -9.16 1.70 -10.39
CA GLU A 37 -8.94 2.19 -11.76
C GLU A 37 -10.26 2.54 -12.47
N ARG A 38 -11.29 1.70 -12.35
CA ARG A 38 -12.60 1.89 -12.99
C ARG A 38 -13.37 3.08 -12.42
N LYS A 39 -13.36 3.25 -11.09
CA LYS A 39 -14.06 4.34 -10.39
C LYS A 39 -13.31 5.68 -10.39
N GLY A 40 -12.01 5.68 -10.68
CA GLY A 40 -11.16 6.88 -10.69
C GLY A 40 -10.69 7.33 -9.29
N LYS A 41 -10.47 6.36 -8.39
CA LYS A 41 -10.00 6.55 -6.99
C LYS A 41 -8.64 5.89 -6.76
N LEU A 42 -8.03 6.15 -5.59
CA LEU A 42 -6.76 5.53 -5.16
C LEU A 42 -7.00 4.64 -3.93
N VAL A 43 -6.37 3.47 -3.89
CA VAL A 43 -6.44 2.50 -2.79
C VAL A 43 -5.06 2.26 -2.16
N ILE A 44 -5.06 2.18 -0.84
CA ILE A 44 -3.91 1.88 0.03
C ILE A 44 -4.13 0.49 0.63
N VAL A 45 -3.11 -0.35 0.54
CA VAL A 45 -3.12 -1.74 1.00
C VAL A 45 -2.00 -1.96 2.01
N TYR A 46 -2.27 -2.69 3.09
CA TYR A 46 -1.32 -3.00 4.15
C TYR A 46 -1.16 -4.50 4.38
N LEU A 47 0.06 -4.96 4.69
CA LEU A 47 0.43 -6.35 4.95
C LEU A 47 1.15 -6.49 6.31
N THR A 48 0.62 -7.38 7.16
CA THR A 48 1.17 -7.71 8.48
C THR A 48 1.99 -9.01 8.49
N SER A 49 2.79 -9.23 9.54
CA SER A 49 3.55 -10.47 9.79
C SER A 49 2.64 -11.71 9.95
N ASP A 50 1.37 -11.52 10.30
CA ASP A 50 0.36 -12.58 10.39
C ASP A 50 -0.23 -12.96 9.01
N GLY A 51 0.12 -12.23 7.94
CA GLY A 51 -0.34 -12.47 6.56
C GLY A 51 -1.75 -11.92 6.28
N LYS A 52 -2.27 -11.07 7.17
CA LYS A 52 -3.53 -10.33 6.97
C LYS A 52 -3.28 -9.15 6.03
N VAL A 53 -4.17 -8.99 5.05
CA VAL A 53 -4.21 -7.83 4.16
C VAL A 53 -5.38 -6.92 4.53
N GLU A 54 -5.14 -5.61 4.55
CA GLU A 54 -6.13 -4.57 4.91
C GLU A 54 -6.19 -3.47 3.85
N ILE A 55 -7.39 -2.92 3.61
CA ILE A 55 -7.71 -2.01 2.49
C ILE A 55 -8.28 -0.68 3.00
N ARG A 56 -7.82 0.45 2.43
CA ARG A 56 -8.37 1.79 2.60
C ARG A 56 -8.51 2.51 1.25
N GLU A 57 -9.63 3.20 1.03
CA GLU A 57 -9.93 4.00 -0.16
C GLU A 57 -9.75 5.51 0.12
N VAL A 58 -9.23 6.29 -0.82
CA VAL A 58 -9.07 7.76 -0.68
C VAL A 58 -9.58 8.56 -1.88
N THR A 59 -10.11 9.75 -1.56
CA THR A 59 -10.56 10.79 -2.53
C THR A 59 -9.47 11.82 -2.85
N SER A 60 -8.47 11.98 -1.97
CA SER A 60 -7.45 13.03 -2.03
C SER A 60 -6.06 12.55 -1.59
N GLU A 61 -5.03 13.25 -2.06
CA GLU A 61 -3.65 13.13 -1.61
C GLU A 61 -3.44 13.59 -0.15
N GLU A 62 -4.33 14.44 0.38
CA GLU A 62 -4.32 14.82 1.80
C GLU A 62 -4.75 13.64 2.70
N GLU A 63 -5.80 12.92 2.30
CA GLU A 63 -6.21 11.69 3.01
C GLU A 63 -5.08 10.66 2.99
N LEU A 64 -4.44 10.43 1.84
CA LEU A 64 -3.25 9.57 1.74
C LEU A 64 -2.14 10.01 2.70
N GLU A 65 -1.83 11.31 2.79
CA GLU A 65 -0.86 11.84 3.77
C GLU A 65 -1.27 11.49 5.22
N LYS A 66 -2.56 11.63 5.57
CA LYS A 66 -3.07 11.30 6.92
C LYS A 66 -2.93 9.82 7.24
N ILE A 67 -3.24 8.96 6.27
CA ILE A 67 -3.14 7.50 6.42
C ILE A 67 -1.67 7.07 6.53
N LEU A 68 -0.78 7.63 5.72
CA LEU A 68 0.67 7.38 5.85
C LEU A 68 1.23 7.87 7.21
N LYS A 69 0.73 8.99 7.75
CA LYS A 69 1.07 9.46 9.10
C LYS A 69 0.53 8.54 10.20
N LYS A 70 -0.67 7.97 10.03
CA LYS A 70 -1.26 6.99 10.97
C LYS A 70 -0.54 5.63 10.94
N LEU A 71 -0.10 5.20 9.75
CA LEU A 71 0.65 3.95 9.54
C LEU A 71 2.13 4.05 9.91
N GLY A 72 2.63 5.26 10.21
CA GLY A 72 3.96 5.49 10.77
C GLY A 72 5.13 5.30 9.80
N VAL A 73 4.91 5.47 8.49
CA VAL A 73 5.98 5.39 7.48
C VAL A 73 6.96 6.57 7.61
N ASP A 74 8.17 6.43 7.07
CA ASP A 74 9.19 7.50 7.10
C ASP A 74 8.75 8.73 6.28
N GLU A 75 9.08 9.93 6.76
CA GLU A 75 8.70 11.21 6.13
C GLU A 75 9.23 11.35 4.69
N GLU A 76 10.37 10.72 4.37
CA GLU A 76 10.87 10.63 2.99
C GLU A 76 9.85 9.91 2.08
N ILE A 77 9.27 8.80 2.53
CA ILE A 77 8.29 8.04 1.75
C ILE A 77 7.03 8.89 1.54
N ILE A 78 6.58 9.65 2.56
CA ILE A 78 5.43 10.55 2.42
C ILE A 78 5.69 11.61 1.33
N ARG A 79 6.79 12.36 1.42
CA ARG A 79 7.12 13.41 0.43
C ARG A 79 7.45 12.85 -0.97
N ARG A 80 8.10 11.68 -1.04
CA ARG A 80 8.40 10.99 -2.32
C ARG A 80 7.12 10.59 -3.02
N ILE A 81 6.28 9.84 -2.31
CA ILE A 81 5.02 9.30 -2.86
C ILE A 81 4.01 10.43 -3.15
N LYS A 82 3.96 11.50 -2.35
CA LYS A 82 3.17 12.71 -2.67
C LYS A 82 3.58 13.36 -4.01
N ARG A 83 4.85 13.25 -4.42
CA ARG A 83 5.31 13.71 -5.75
C ARG A 83 4.88 12.75 -6.87
N LEU A 84 4.81 11.44 -6.60
CA LEU A 84 4.31 10.44 -7.56
C LEU A 84 2.78 10.49 -7.75
N ARG A 85 2.01 10.84 -6.70
CA ARG A 85 0.55 11.07 -6.78
C ARG A 85 0.20 12.07 -7.88
N LYS A 86 1.02 13.12 -8.03
CA LYS A 86 0.80 14.24 -8.95
C LYS A 86 1.01 13.91 -10.42
N GLU A 87 1.74 12.83 -10.73
CA GLU A 87 1.86 12.26 -12.08
C GLU A 87 0.72 11.29 -12.44
N GLY A 88 -0.03 10.80 -11.44
CA GLY A 88 -1.17 9.89 -11.63
C GLY A 88 -0.79 8.49 -12.16
N GLN A 89 0.46 8.05 -11.97
CA GLN A 89 1.01 6.84 -12.57
C GLN A 89 0.62 5.57 -11.81
N ILE A 90 0.70 5.67 -10.49
CA ILE A 90 0.52 4.58 -9.53
C ILE A 90 -0.94 4.55 -9.09
N LYS A 91 -1.62 3.45 -9.43
CA LYS A 91 -3.08 3.28 -9.32
C LYS A 91 -3.49 2.71 -7.96
N LEU A 92 -2.50 2.19 -7.22
CA LEU A 92 -2.63 1.48 -5.95
C LEU A 92 -1.28 1.48 -5.22
N VAL A 93 -1.27 1.50 -3.89
CA VAL A 93 -0.03 1.37 -3.09
C VAL A 93 -0.14 0.24 -2.08
N ILE A 94 0.96 -0.50 -1.89
CA ILE A 94 1.06 -1.63 -0.96
C ILE A 94 2.11 -1.34 0.10
N ILE A 95 1.84 -1.59 1.38
CA ILE A 95 2.74 -1.24 2.49
C ILE A 95 2.98 -2.47 3.37
N GLU A 96 4.24 -2.72 3.73
CA GLU A 96 4.67 -3.82 4.60
C GLU A 96 5.16 -3.29 5.95
N GLY A 97 4.65 -3.83 7.06
CA GLY A 97 5.09 -3.42 8.40
C GLY A 97 4.44 -4.16 9.57
N SER A 98 5.27 -4.68 10.47
CA SER A 98 4.88 -5.24 11.78
C SER A 98 6.00 -5.18 12.85
N LEU A 99 7.08 -4.44 12.60
CA LEU A 99 8.31 -4.39 13.44
C LEU A 99 8.29 -3.19 14.44
N GLU A 100 7.11 -2.66 14.75
CA GLU A 100 6.93 -1.48 15.62
C GLU A 100 7.40 -1.76 17.08
N HIS A 101 8.15 -0.81 17.63
CA HIS A 101 8.65 -0.81 19.03
C HIS A 101 8.49 0.59 19.65
N HIS A 102 8.07 0.66 20.91
CA HIS A 102 7.93 1.90 21.67
C HIS A 102 8.13 1.66 23.18
N HIS A 103 8.81 2.58 23.87
CA HIS A 103 9.24 2.45 25.27
C HIS A 103 9.17 3.78 26.03
N HIS A 104 9.08 3.71 27.37
CA HIS A 104 9.18 4.84 28.30
C HIS A 104 10.14 4.50 29.46
N HIS A 105 10.92 5.49 29.91
CA HIS A 105 11.85 5.39 31.05
C HIS A 105 12.07 6.75 31.73
N HIS A 106 12.62 6.74 32.96
CA HIS A 106 13.00 7.91 33.75
C HIS A 106 14.29 7.67 34.55
#